data_8G18
#
_entry.id   8G18
#
_cell.length_a   269.172
_cell.length_b   60.076
_cell.length_c   145.572
_cell.angle_alpha   90.00
_cell.angle_beta   117.02
_cell.angle_gamma   90.00
#
_symmetry.space_group_name_H-M   'C 1 2 1'
#
loop_
_entity.id
_entity.type
_entity.pdbx_description
1 polymer 'Glutamate receptor ionotropic, NMDA 1'
2 polymer 'Glutamate receptor ionotropic, NMDA 2B'
3 branched alpha-D-mannopyranose-(1-3)-[alpha-D-mannopyranose-(1-6)]beta-D-mannopyranose-(1-4)-2-acetamido-2-deoxy-beta-D-glucopyranose-(1-4)-2-acetamido-2-deoxy-beta-D-glucopyranose
4 non-polymer 2-acetamido-2-deoxy-beta-D-glucopyranose
5 non-polymer 'SODIUM ION'
6 non-polymer N-(4-{3-[4-(3,4-difluorophenyl)piperazin-1-yl]-2-oxopropoxy}phenyl)methanesulfonamide
7 water water
#
loop_
_entity_poly.entity_id
_entity_poly.type
_entity_poly.pdbx_seq_one_letter_code
_entity_poly.pdbx_strand_id
1 'polypeptide(L)'
;DPKIVNIGAVLSTKKHEQIFREAVNQANKRHFTRKIQLQATSVTHRPNAIQMALSVCEDLISSQVYAILVSHPPAPTDHL
TPTPISYTAGFYRIPVIGLTTRMSIYSDKSIHLSFLRTVPPYSHQALVWFEMMRLFNWNHVILIVSDDHEGRAAQKKLET
LLEG(UNK)(UNK)(UNK)(UNK)(UNK)(UNK)(UNK)(UNK)(UNK)(UNK)(UNK)(UNK)(UNK)(UNK)(UNK)
(UNK)(UNK)(UNK)(UNK)(UNK)(UNK)(UNK)GPKADKVLQFEPGTKNLTALLLEAKELEARVIILSASEDDATAVY
KSAAMLDMTGAGYVWLVGEREISGSALRYAPDGIIGLQLINGKNESAHISDAVAVVAQAIHELFEMENITDPPRGCVGNT
NIWKTGPLFKRVLMSSKYPDGVTGRIEFNEDGDRKFAQYSIMNLQNRKLVQVGIFNGSYIIQNDRKIIWPGGET
;
A,C
2 'polypeptide(L)'
;PPSIGIAVILVGTSDEVAIKDAHEKDDFHHLSVVPRVELVAMNETDPKSIITRICDLMSDRKIQGVVFADDTDQEAIAQI
LDFISAQTLTPILGIHGGSSMIMADKDESSMFFQFGPSIEQQASVMLNIMEEYDWYIFSIVTTYFPGYQDFVNKIRSTIE
NSFVGWELEEVLLLDMSLDDGDSKIQNQLKKLQSPIILLYCTKEEATYIFEVANSVGLTGYGYTWIVPSLVAGDTDTVPS
EFPTGLISVSYDEWDYGLPARVRDGIAIITTAASDMLSEHSFIPEPKSSCYNTHEKRIYQSNMLNRYLINVTFEGRDLSF
SEDGYQMHPKLVIILLNKERKWERVGKWKDKSLQMKYYVWPRM
;
B,D
#
# COMPACT_ATOMS: atom_id res chain seq x y z
N ASP A 1 35.83 -18.84 46.31
CA ASP A 1 34.49 -19.44 46.12
C ASP A 1 33.43 -18.53 46.74
N PRO A 2 33.18 -17.29 46.22
CA PRO A 2 31.96 -16.54 46.52
C PRO A 2 30.96 -16.86 45.41
N LYS A 3 29.67 -16.64 45.70
CA LYS A 3 28.64 -16.81 44.67
C LYS A 3 28.64 -15.61 43.74
N ILE A 4 28.91 -15.83 42.45
CA ILE A 4 28.78 -14.77 41.45
C ILE A 4 27.31 -14.51 41.08
N VAL A 5 26.97 -13.21 41.09
CA VAL A 5 25.64 -12.69 40.86
C VAL A 5 25.76 -11.67 39.72
N ASN A 6 25.06 -11.92 38.61
CA ASN A 6 25.13 -11.02 37.48
C ASN A 6 24.06 -9.93 37.57
N ILE A 7 24.49 -8.75 37.17
CA ILE A 7 23.65 -7.60 36.93
C ILE A 7 23.83 -7.30 35.45
N GLY A 8 22.74 -7.03 34.75
CA GLY A 8 22.78 -6.76 33.34
C GLY A 8 22.58 -5.27 33.09
N ALA A 9 22.96 -4.81 31.90
CA ALA A 9 22.62 -3.47 31.48
C ALA A 9 22.51 -3.43 29.96
N VAL A 10 21.67 -2.52 29.44
CA VAL A 10 21.57 -2.16 28.05
C VAL A 10 21.75 -0.66 27.99
N LEU A 11 22.83 -0.20 27.35
CA LEU A 11 23.31 1.16 27.51
C LEU A 11 23.64 1.69 26.13
N SER A 12 23.81 3.02 26.08
CA SER A 12 23.89 3.78 24.85
C SER A 12 25.15 3.47 24.07
N THR A 13 26.28 3.24 24.74
CA THR A 13 27.58 3.25 24.10
C THR A 13 28.51 2.32 24.86
N LYS A 14 29.73 2.14 24.33
CA LYS A 14 30.72 1.31 24.99
C LYS A 14 31.33 2.08 26.16
N LYS A 15 31.41 3.41 26.06
CA LYS A 15 31.95 4.15 27.19
C LYS A 15 31.08 3.87 28.40
N HIS A 16 29.76 4.06 28.22
CA HIS A 16 28.77 3.73 29.23
C HIS A 16 28.88 2.27 29.69
N GLU A 17 29.22 1.34 28.81
CA GLU A 17 29.43 -0.03 29.25
C GLU A 17 30.61 -0.12 30.22
N GLN A 18 31.67 0.64 29.97
CA GLN A 18 32.88 0.61 30.79
C GLN A 18 32.64 1.25 32.16
N ILE A 19 32.00 2.43 32.15
CA ILE A 19 31.41 3.02 33.34
C ILE A 19 30.59 2.01 34.16
N PHE A 20 29.78 1.17 33.50
CA PHE A 20 28.96 0.21 34.23
C PHE A 20 29.82 -0.86 34.89
N ARG A 21 30.86 -1.38 34.20
CA ARG A 21 31.72 -2.41 34.76
C ARG A 21 32.44 -1.88 35.99
N GLU A 22 32.91 -0.63 35.87
CA GLU A 22 33.69 0.04 36.89
C GLU A 22 32.85 0.23 38.14
N ALA A 23 31.63 0.74 37.95
CA ALA A 23 30.66 0.92 39.02
C ALA A 23 30.42 -0.36 39.82
N VAL A 24 30.43 -1.50 39.13
CA VAL A 24 30.24 -2.81 39.74
C VAL A 24 31.52 -3.24 40.44
N ASN A 25 32.65 -3.14 39.71
CA ASN A 25 33.96 -3.31 40.30
C ASN A 25 34.02 -2.66 41.69
N GLN A 26 33.68 -1.37 41.75
CA GLN A 26 33.81 -0.60 42.98
C GLN A 26 32.76 -0.96 44.02
N ALA A 27 31.64 -1.55 43.62
CA ALA A 27 30.67 -2.01 44.60
C ALA A 27 31.22 -3.23 45.33
N ASN A 28 32.06 -3.99 44.64
CA ASN A 28 32.64 -5.20 45.18
C ASN A 28 33.70 -4.84 46.21
N LYS A 29 34.45 -3.77 45.95
CA LYS A 29 35.45 -3.28 46.88
C LYS A 29 34.79 -2.68 48.11
N ARG A 30 33.98 -1.67 47.88
CA ARG A 30 33.19 -1.01 48.90
C ARG A 30 32.55 -2.02 49.86
N HIS A 31 32.08 -3.16 49.32
CA HIS A 31 31.24 -4.08 50.06
C HIS A 31 32.01 -5.34 50.48
N PHE A 32 31.39 -6.03 51.44
CA PHE A 32 31.87 -7.31 51.92
C PHE A 32 31.38 -8.45 51.01
N THR A 33 32.30 -9.03 50.25
CA THR A 33 31.92 -9.91 49.18
C THR A 33 32.59 -11.28 49.33
N ARG A 34 32.51 -11.86 50.53
CA ARG A 34 32.98 -13.24 50.65
C ARG A 34 31.85 -14.12 50.15
N LYS A 35 30.62 -13.82 50.59
CA LYS A 35 29.48 -14.63 50.21
C LYS A 35 29.13 -14.42 48.73
N ILE A 36 28.69 -13.19 48.39
CA ILE A 36 28.18 -12.89 47.04
C ILE A 36 29.07 -11.84 46.38
N GLN A 37 29.26 -11.93 45.07
CA GLN A 37 30.09 -10.96 44.37
C GLN A 37 29.52 -10.64 42.98
N LEU A 38 29.24 -9.36 42.71
CA LEU A 38 28.53 -8.99 41.50
C LEU A 38 29.44 -9.11 40.30
N GLN A 39 28.79 -9.30 39.14
CA GLN A 39 29.46 -9.32 37.87
C GLN A 39 28.63 -8.64 36.80
N ALA A 40 29.26 -7.75 36.06
CA ALA A 40 28.55 -6.88 35.15
C ALA A 40 28.48 -7.56 33.80
N THR A 41 27.31 -7.52 33.20
CA THR A 41 27.04 -8.09 31.90
C THR A 41 26.32 -7.03 31.10
N SER A 42 26.70 -6.76 29.86
CA SER A 42 26.03 -5.66 29.19
C SER A 42 26.08 -5.78 27.68
N VAL A 43 25.16 -5.03 27.05
CA VAL A 43 25.09 -4.84 25.61
C VAL A 43 24.64 -3.41 25.39
N THR A 44 24.61 -2.95 24.15
CA THR A 44 24.05 -1.64 23.86
C THR A 44 22.74 -1.87 23.12
N HIS A 45 21.94 -0.83 22.94
CA HIS A 45 20.70 -0.94 22.18
C HIS A 45 20.92 -1.58 20.82
N ARG A 46 20.05 -2.55 20.52
CA ARG A 46 19.97 -3.20 19.23
C ARG A 46 19.15 -2.29 18.36
N PRO A 47 19.24 -2.40 17.02
CA PRO A 47 18.60 -1.42 16.13
C PRO A 47 17.07 -1.45 15.97
N ASN A 48 16.44 -2.59 16.29
CA ASN A 48 14.99 -2.70 16.36
C ASN A 48 14.52 -3.49 17.59
N ALA A 49 13.22 -3.36 17.85
CA ALA A 49 12.58 -3.90 19.04
C ALA A 49 12.69 -5.40 19.11
N ILE A 50 12.74 -6.11 17.97
CA ILE A 50 12.74 -7.57 18.04
C ILE A 50 14.14 -8.06 18.38
N GLN A 51 15.15 -7.49 17.74
CA GLN A 51 16.50 -7.90 18.06
C GLN A 51 16.86 -7.54 19.48
N MET A 52 16.30 -6.42 19.96
CA MET A 52 16.46 -5.98 21.33
C MET A 52 15.96 -7.07 22.29
N ALA A 53 14.76 -7.60 22.06
CA ALA A 53 14.18 -8.64 22.89
C ALA A 53 14.97 -9.95 22.84
N LEU A 54 15.62 -10.24 21.72
CA LEU A 54 16.37 -11.47 21.58
C LEU A 54 17.72 -11.31 22.27
N SER A 55 18.26 -10.10 22.21
CA SER A 55 19.55 -9.80 22.80
C SER A 55 19.47 -9.93 24.32
N VAL A 56 18.39 -9.43 24.92
CA VAL A 56 18.15 -9.58 26.34
C VAL A 56 18.16 -11.07 26.71
N CYS A 57 17.64 -11.90 25.82
CA CYS A 57 17.52 -13.32 26.14
C CYS A 57 18.87 -13.99 26.01
N GLU A 58 19.51 -13.72 24.86
CA GLU A 58 20.74 -14.35 24.42
C GLU A 58 21.91 -13.89 25.28
N ASP A 59 21.96 -12.59 25.58
CA ASP A 59 23.15 -12.00 26.17
C ASP A 59 22.98 -11.79 27.66
N LEU A 60 21.79 -11.42 28.12
CA LEU A 60 21.63 -11.10 29.54
C LEU A 60 21.00 -12.25 30.33
N ILE A 61 19.85 -12.79 29.92
CA ILE A 61 19.09 -13.70 30.79
C ILE A 61 19.76 -15.07 30.78
N SER A 62 20.50 -15.34 29.72
CA SER A 62 21.39 -16.49 29.67
C SER A 62 22.54 -16.40 30.67
N SER A 63 22.91 -15.20 31.12
CA SER A 63 23.90 -15.05 32.16
C SER A 63 23.25 -15.03 33.55
N GLN A 64 21.96 -15.34 33.65
CA GLN A 64 21.19 -15.23 34.90
C GLN A 64 21.46 -13.93 35.65
N VAL A 65 21.13 -12.81 34.99
CA VAL A 65 21.09 -11.53 35.66
C VAL A 65 19.97 -11.50 36.68
N TYR A 66 20.24 -10.84 37.83
CA TYR A 66 19.27 -10.58 38.89
C TYR A 66 18.46 -9.30 38.63
N ALA A 67 18.98 -8.40 37.78
CA ALA A 67 18.33 -7.14 37.49
C ALA A 67 18.93 -6.57 36.22
N ILE A 68 18.21 -5.67 35.54
CA ILE A 68 18.74 -5.16 34.29
C ILE A 68 18.65 -3.63 34.31
N LEU A 69 19.76 -2.94 34.01
CA LEU A 69 19.75 -1.48 33.93
C LEU A 69 19.49 -1.07 32.50
N VAL A 70 18.78 0.04 32.28
CA VAL A 70 18.41 0.38 30.91
C VAL A 70 18.48 1.88 30.76
N SER A 71 19.33 2.34 29.84
CA SER A 71 19.34 3.73 29.43
C SER A 71 18.31 3.93 28.34
N HIS A 72 17.86 5.16 28.18
CA HIS A 72 17.02 5.50 27.05
C HIS A 72 17.92 5.60 25.82
N PRO A 73 17.48 5.10 24.64
CA PRO A 73 18.32 5.18 23.44
C PRO A 73 18.58 6.62 23.05
N PRO A 74 19.71 6.88 22.35
CA PRO A 74 19.99 8.21 21.78
C PRO A 74 19.39 8.48 20.39
N ALA A 75 19.31 9.78 20.03
CA ALA A 75 18.80 10.25 18.73
C ALA A 75 17.95 9.15 18.06
N LEU A 80 12.86 3.62 19.16
CA LEU A 80 13.57 2.65 20.03
C LEU A 80 13.32 3.06 21.49
N THR A 81 13.08 2.09 22.40
CA THR A 81 12.70 2.36 23.78
C THR A 81 13.14 1.27 24.73
N PRO A 82 12.99 1.48 26.05
CA PRO A 82 13.15 0.42 27.04
C PRO A 82 12.08 -0.67 27.00
N THR A 83 11.05 -0.49 26.18
CA THR A 83 9.87 -1.33 26.30
C THR A 83 10.15 -2.82 26.09
N PRO A 84 10.90 -3.24 25.05
CA PRO A 84 11.24 -4.63 24.83
C PRO A 84 12.09 -5.25 25.93
N ILE A 85 12.77 -4.39 26.68
CA ILE A 85 13.55 -4.83 27.82
C ILE A 85 12.63 -5.04 29.02
N SER A 86 11.75 -4.06 29.28
CA SER A 86 10.72 -4.23 30.30
C SER A 86 9.90 -5.49 30.07
N TYR A 87 9.46 -5.70 28.82
CA TYR A 87 8.66 -6.82 28.42
C TYR A 87 9.38 -8.15 28.67
N THR A 88 10.59 -8.27 28.11
CA THR A 88 11.26 -9.55 28.11
C THR A 88 11.62 -9.97 29.52
N ALA A 89 12.16 -8.98 30.26
CA ALA A 89 12.53 -9.11 31.65
C ALA A 89 11.28 -9.32 32.48
N GLY A 90 10.29 -8.43 32.33
CA GLY A 90 8.98 -8.60 32.94
C GLY A 90 8.37 -10.01 32.77
N PHE A 91 8.59 -10.71 31.64
CA PHE A 91 8.13 -12.08 31.50
C PHE A 91 8.56 -12.98 32.65
N TYR A 92 9.78 -12.79 33.15
CA TYR A 92 10.38 -13.62 34.19
C TYR A 92 10.31 -12.96 35.57
N ARG A 93 9.99 -11.66 35.63
CA ARG A 93 9.84 -10.89 36.85
C ARG A 93 11.22 -10.47 37.35
N ILE A 94 12.16 -10.39 36.42
CA ILE A 94 13.44 -9.78 36.65
C ILE A 94 13.22 -8.27 36.68
N PRO A 95 13.59 -7.59 37.79
CA PRO A 95 13.57 -6.13 37.86
C PRO A 95 14.36 -5.35 36.81
N VAL A 96 13.76 -4.28 36.31
CA VAL A 96 14.39 -3.43 35.35
C VAL A 96 14.50 -2.05 35.97
N ILE A 97 15.67 -1.42 35.83
CA ILE A 97 15.89 -0.06 36.30
C ILE A 97 16.14 0.90 35.12
N GLY A 98 15.23 1.85 34.95
CA GLY A 98 15.35 2.88 33.94
C GLY A 98 16.23 4.01 34.48
N LEU A 99 17.25 4.39 33.71
CA LEU A 99 18.20 5.41 34.14
C LEU A 99 17.69 6.77 33.65
N THR A 100 17.12 6.84 32.43
CA THR A 100 16.89 8.15 31.84
C THR A 100 15.49 8.30 31.24
N THR A 101 14.67 7.27 31.29
CA THR A 101 13.34 7.35 30.69
C THR A 101 12.34 8.07 31.58
N ARG A 102 11.81 9.18 31.09
CA ARG A 102 10.88 10.04 31.81
C ARG A 102 9.42 9.82 31.37
N MET A 103 9.12 8.97 30.39
CA MET A 103 7.75 8.82 29.94
C MET A 103 6.97 8.18 31.08
N SER A 104 5.74 8.70 31.27
CA SER A 104 4.84 8.34 32.36
C SER A 104 4.26 6.92 32.23
N ILE A 105 4.04 6.45 30.99
CA ILE A 105 3.54 5.11 30.73
C ILE A 105 4.25 4.01 31.53
N TYR A 106 5.55 4.18 31.81
CA TYR A 106 6.31 3.12 32.46
C TYR A 106 6.01 3.08 33.94
N SER A 107 5.08 3.92 34.42
CA SER A 107 4.61 3.90 35.81
C SER A 107 3.35 3.04 35.94
N ASP A 108 2.93 2.43 34.83
CA ASP A 108 1.74 1.60 34.76
C ASP A 108 2.08 0.15 35.07
N LYS A 109 1.68 -0.37 36.24
CA LYS A 109 2.04 -1.70 36.69
C LYS A 109 1.41 -2.81 35.86
N SER A 110 0.26 -2.54 35.21
CA SER A 110 -0.36 -3.43 34.23
C SER A 110 0.52 -3.70 33.01
N ILE A 111 1.37 -2.75 32.61
CA ILE A 111 2.18 -2.94 31.41
C ILE A 111 3.59 -3.36 31.80
N HIS A 112 4.10 -2.63 32.81
CA HIS A 112 5.49 -2.60 33.22
C HIS A 112 5.56 -2.98 34.68
N LEU A 113 5.47 -4.29 34.94
CA LEU A 113 5.26 -4.80 36.29
C LEU A 113 6.56 -4.97 37.07
N SER A 114 7.72 -4.90 36.41
CA SER A 114 9.00 -5.09 37.08
C SER A 114 9.93 -3.88 36.85
N PHE A 115 9.39 -2.67 36.77
CA PHE A 115 10.14 -1.52 36.30
C PHE A 115 10.28 -0.45 37.39
N LEU A 116 11.52 -0.12 37.76
CA LEU A 116 11.79 1.07 38.57
C LEU A 116 12.61 2.05 37.75
N ARG A 117 12.72 3.31 38.20
CA ARG A 117 13.64 4.24 37.56
C ARG A 117 14.20 5.28 38.53
N THR A 118 15.45 5.70 38.23
CA THR A 118 16.16 6.69 39.02
C THR A 118 15.87 8.09 38.51
N VAL A 119 15.05 8.23 37.47
CA VAL A 119 14.54 9.54 37.11
C VAL A 119 13.03 9.51 37.30
N PRO A 120 12.41 10.64 37.72
CA PRO A 120 10.97 10.69 37.82
C PRO A 120 10.35 10.74 36.43
N PRO A 121 9.06 10.35 36.33
CA PRO A 121 8.31 10.53 35.09
C PRO A 121 8.07 12.01 34.89
N TYR A 122 7.50 12.38 33.76
CA TYR A 122 7.19 13.77 33.51
C TYR A 122 6.05 14.22 34.41
N SER A 123 5.20 13.29 34.82
CA SER A 123 3.98 13.65 35.52
C SER A 123 4.31 14.30 36.86
N HIS A 124 5.46 13.94 37.44
CA HIS A 124 5.89 14.41 38.74
C HIS A 124 6.33 15.87 38.75
N GLN A 125 6.23 16.55 37.60
CA GLN A 125 6.52 17.97 37.53
C GLN A 125 5.40 18.68 38.26
N ALA A 126 4.22 18.06 38.30
CA ALA A 126 3.10 18.58 39.07
C ALA A 126 3.49 18.83 40.53
N LEU A 127 4.40 18.05 41.14
CA LEU A 127 4.84 18.36 42.50
C LEU A 127 5.45 19.75 42.56
N VAL A 128 6.22 20.13 41.53
CA VAL A 128 7.01 21.34 41.61
C VAL A 128 6.09 22.53 41.36
N TRP A 129 5.21 22.42 40.35
CA TRP A 129 4.17 23.40 40.11
C TRP A 129 3.42 23.72 41.40
N PHE A 130 2.90 22.66 42.04
CA PHE A 130 2.12 22.77 43.26
C PHE A 130 2.85 23.61 44.31
N GLU A 131 4.11 23.28 44.59
CA GLU A 131 4.92 23.95 45.61
C GLU A 131 5.17 25.42 45.26
N MET A 132 5.07 25.76 43.98
CA MET A 132 5.29 27.11 43.50
C MET A 132 4.00 27.91 43.63
N MET A 133 2.87 27.23 43.40
CA MET A 133 1.56 27.83 43.58
C MET A 133 1.33 28.20 45.04
N ARG A 134 1.88 27.39 45.96
CA ARG A 134 1.97 27.75 47.35
C ARG A 134 2.91 28.95 47.50
N LEU A 135 4.19 28.76 47.22
CA LEU A 135 5.16 29.81 47.43
C LEU A 135 4.66 31.14 46.85
N PHE A 136 4.25 31.18 45.57
CA PHE A 136 3.85 32.44 44.95
C PHE A 136 2.34 32.64 45.01
N ASN A 137 1.68 32.01 45.99
CA ASN A 137 0.26 32.24 46.29
C ASN A 137 -0.60 32.40 45.03
N TRP A 138 -0.38 31.54 44.03
CA TRP A 138 -1.34 31.35 42.96
C TRP A 138 -2.37 30.33 43.41
N ASN A 139 -3.58 30.80 43.71
CA ASN A 139 -4.62 29.90 44.18
C ASN A 139 -5.54 29.46 43.04
N HIS A 140 -5.53 30.12 41.88
CA HIS A 140 -6.56 29.87 40.87
C HIS A 140 -5.96 29.69 39.47
N VAL A 141 -5.87 28.45 39.00
CA VAL A 141 -5.05 28.13 37.83
C VAL A 141 -5.90 27.42 36.79
N ILE A 142 -5.66 27.71 35.52
CA ILE A 142 -6.27 26.99 34.43
C ILE A 142 -5.27 25.97 33.95
N LEU A 143 -5.72 24.78 33.52
CA LEU A 143 -4.81 23.69 33.22
C LEU A 143 -5.08 23.11 31.84
N ILE A 144 -4.15 23.37 30.92
CA ILE A 144 -4.21 22.95 29.52
C ILE A 144 -3.31 21.73 29.31
N VAL A 145 -3.87 20.70 28.65
CA VAL A 145 -3.32 19.36 28.69
C VAL A 145 -3.60 18.66 27.37
N SER A 146 -2.58 17.98 26.85
CA SER A 146 -2.70 17.15 25.65
C SER A 146 -3.52 15.91 26.02
N ASP A 147 -4.57 15.65 25.25
CA ASP A 147 -5.35 14.43 25.45
C ASP A 147 -4.56 13.25 24.89
N ASP A 148 -3.51 12.87 25.62
CA ASP A 148 -2.73 11.64 25.43
C ASP A 148 -2.40 11.16 26.83
N HIS A 149 -1.69 10.03 26.93
CA HIS A 149 -1.37 9.44 28.21
C HIS A 149 -0.55 10.40 29.06
N GLU A 150 0.42 11.05 28.42
CA GLU A 150 1.39 11.87 29.12
C GLU A 150 0.68 13.08 29.70
N GLY A 151 -0.29 13.61 28.96
CA GLY A 151 -1.07 14.75 29.42
C GLY A 151 -2.02 14.36 30.55
N ARG A 152 -2.79 13.29 30.36
CA ARG A 152 -3.67 12.84 31.42
C ARG A 152 -2.84 12.52 32.67
N ALA A 153 -1.68 11.86 32.50
CA ALA A 153 -0.79 11.55 33.61
C ALA A 153 -0.59 12.77 34.50
N ALA A 154 -0.29 13.92 33.88
CA ALA A 154 0.08 15.14 34.60
C ALA A 154 -1.13 15.76 35.30
N GLN A 155 -2.27 15.75 34.61
CA GLN A 155 -3.53 16.21 35.18
C GLN A 155 -3.91 15.51 36.49
N LYS A 156 -3.88 14.18 36.46
CA LYS A 156 -4.23 13.37 37.61
C LYS A 156 -3.31 13.68 38.77
N LYS A 157 -2.05 13.93 38.48
CA LYS A 157 -1.03 13.99 39.51
C LYS A 157 -1.16 15.34 40.22
N LEU A 158 -1.66 16.36 39.50
CA LEU A 158 -1.84 17.66 40.09
C LEU A 158 -3.12 17.66 40.91
N GLU A 159 -4.23 17.22 40.28
CA GLU A 159 -5.54 17.07 40.91
C GLU A 159 -5.48 16.31 42.23
N THR A 160 -4.60 15.34 42.34
CA THR A 160 -4.37 14.71 43.63
C THR A 160 -3.89 15.76 44.64
N LEU A 161 -2.91 16.56 44.24
CA LEU A 161 -2.29 17.52 45.13
C LEU A 161 -3.27 18.67 45.43
N LEU A 162 -4.10 19.04 44.47
CA LEU A 162 -5.17 20.01 44.71
C LEU A 162 -6.27 19.34 45.53
N GLU A 163 -6.98 18.37 44.91
CA GLU A 163 -8.06 17.62 45.55
C GLU A 163 -7.48 16.65 46.59
N GLY A 164 -6.95 17.20 47.69
CA GLY A 164 -6.72 16.44 48.91
C GLY A 164 -5.66 15.36 48.73
N GLY A 187 -5.90 25.31 50.07
CA GLY A 187 -4.97 26.23 49.38
C GLY A 187 -5.37 26.47 47.93
N PRO A 188 -4.56 26.04 46.93
CA PRO A 188 -4.85 26.28 45.50
C PRO A 188 -5.88 25.34 44.88
N LYS A 189 -6.45 25.73 43.71
CA LYS A 189 -7.52 25.00 43.05
C LYS A 189 -7.55 25.30 41.55
N ALA A 190 -8.04 24.34 40.74
CA ALA A 190 -7.98 24.46 39.28
C ALA A 190 -9.33 24.85 38.71
N ASP A 191 -9.42 26.10 38.25
CA ASP A 191 -10.67 26.70 37.79
C ASP A 191 -11.15 26.05 36.48
N LYS A 192 -10.29 25.32 35.77
CA LYS A 192 -10.73 24.49 34.66
C LYS A 192 -9.56 23.66 34.17
N VAL A 193 -9.89 22.64 33.37
CA VAL A 193 -8.92 21.78 32.73
C VAL A 193 -9.38 21.54 31.30
N LEU A 194 -8.57 22.01 30.35
CA LEU A 194 -8.88 21.90 28.94
C LEU A 194 -7.90 20.92 28.31
N GLN A 195 -8.40 20.06 27.43
CA GLN A 195 -7.57 19.05 26.82
C GLN A 195 -7.75 19.14 25.31
N PHE A 196 -6.67 18.97 24.56
CA PHE A 196 -6.72 19.11 23.13
C PHE A 196 -6.16 17.83 22.52
N GLU A 197 -6.48 17.59 21.24
CA GLU A 197 -6.08 16.36 20.56
C GLU A 197 -4.67 16.57 20.00
N PRO A 198 -3.65 15.80 20.48
CA PRO A 198 -2.28 15.94 19.97
C PRO A 198 -2.24 15.84 18.44
N GLY A 199 -1.80 16.91 17.78
CA GLY A 199 -1.88 17.04 16.33
C GLY A 199 -2.51 18.36 15.88
N THR A 200 -3.38 18.96 16.72
CA THR A 200 -4.11 20.19 16.41
C THR A 200 -3.18 21.41 16.40
N LYS A 201 -3.41 22.32 15.43
CA LYS A 201 -2.59 23.52 15.32
C LYS A 201 -3.44 24.78 15.50
N ASN A 202 -4.76 24.72 15.22
CA ASN A 202 -5.58 25.87 15.58
C ASN A 202 -6.37 25.57 16.87
N LEU A 203 -5.92 26.22 17.94
CA LEU A 203 -6.31 25.90 19.31
C LEU A 203 -7.00 27.09 19.94
N THR A 204 -7.55 27.99 19.10
CA THR A 204 -8.10 29.26 19.55
C THR A 204 -9.53 29.04 20.02
N ALA A 205 -10.13 27.93 19.58
CA ALA A 205 -11.31 27.36 20.22
C ALA A 205 -11.07 27.23 21.73
N LEU A 206 -9.98 26.51 22.05
CA LEU A 206 -9.59 26.16 23.41
C LEU A 206 -9.17 27.41 24.20
N LEU A 207 -8.29 28.20 23.60
CA LEU A 207 -7.60 29.27 24.30
C LEU A 207 -8.56 30.41 24.63
N LEU A 208 -9.61 30.58 23.81
CA LEU A 208 -10.63 31.59 24.08
C LEU A 208 -11.39 31.23 25.35
N GLU A 209 -11.45 29.92 25.62
CA GLU A 209 -12.13 29.38 26.78
C GLU A 209 -11.35 29.70 28.06
N ALA A 210 -10.02 29.82 27.94
CA ALA A 210 -9.13 30.11 29.06
C ALA A 210 -9.04 31.61 29.35
N LYS A 211 -9.40 32.42 28.34
CA LYS A 211 -9.30 33.86 28.41
C LYS A 211 -10.42 34.39 29.31
N GLU A 212 -11.65 33.93 29.02
CA GLU A 212 -12.88 34.40 29.64
C GLU A 212 -12.95 34.05 31.13
N LEU A 213 -12.08 33.16 31.59
CA LEU A 213 -11.98 32.85 33.01
C LEU A 213 -11.12 33.90 33.70
N GLU A 214 -11.27 33.96 35.04
CA GLU A 214 -10.64 34.97 35.87
C GLU A 214 -9.18 34.60 36.21
N ALA A 215 -8.86 33.29 36.17
CA ALA A 215 -7.52 32.80 36.44
C ALA A 215 -6.56 33.17 35.31
N ARG A 216 -5.38 33.67 35.71
CA ARG A 216 -4.38 34.16 34.78
C ARG A 216 -3.20 33.17 34.70
N VAL A 217 -3.01 32.33 35.72
CA VAL A 217 -1.96 31.32 35.70
C VAL A 217 -2.38 30.16 34.79
N ILE A 218 -1.46 29.76 33.90
CA ILE A 218 -1.73 28.72 32.91
C ILE A 218 -0.61 27.69 32.96
N ILE A 219 -1.02 26.41 33.08
CA ILE A 219 -0.08 25.29 33.19
C ILE A 219 -0.30 24.39 31.99
N LEU A 220 0.79 24.01 31.34
CA LEU A 220 0.72 23.26 30.10
C LEU A 220 1.49 21.94 30.24
N SER A 221 0.86 20.87 29.78
CA SER A 221 1.54 19.61 29.58
C SER A 221 1.30 19.17 28.15
N ALA A 222 2.36 19.12 27.36
CA ALA A 222 2.23 18.93 25.92
C ALA A 222 3.59 18.52 25.39
N SER A 223 3.59 17.91 24.22
CA SER A 223 4.85 17.57 23.59
C SER A 223 5.47 18.87 23.09
N GLU A 224 6.69 18.75 22.60
CA GLU A 224 7.44 19.83 21.99
C GLU A 224 6.65 20.48 20.86
N ASP A 225 6.11 19.67 19.93
CA ASP A 225 5.35 20.17 18.79
C ASP A 225 3.98 20.71 19.19
N ASP A 226 3.33 20.07 20.17
CA ASP A 226 2.02 20.54 20.60
C ASP A 226 2.19 21.88 21.33
N ALA A 227 3.29 22.07 22.07
CA ALA A 227 3.47 23.32 22.80
C ALA A 227 3.77 24.47 21.82
N THR A 228 4.46 24.13 20.73
CA THR A 228 4.71 25.09 19.67
C THR A 228 3.37 25.62 19.18
N ALA A 229 2.46 24.67 18.85
CA ALA A 229 1.12 24.99 18.36
C ALA A 229 0.39 25.91 19.34
N VAL A 230 0.48 25.59 20.63
CA VAL A 230 -0.20 26.35 21.67
C VAL A 230 0.39 27.74 21.72
N TYR A 231 1.72 27.80 21.71
CA TYR A 231 2.46 29.03 21.94
C TYR A 231 2.08 30.12 20.95
N LYS A 232 1.85 29.75 19.67
CA LYS A 232 1.48 30.68 18.62
C LYS A 232 0.02 31.12 18.72
N SER A 233 -0.88 30.13 18.78
CA SER A 233 -2.30 30.37 18.99
C SER A 233 -2.53 31.35 20.14
N ALA A 234 -1.70 31.29 21.20
CA ALA A 234 -1.89 32.11 22.38
C ALA A 234 -1.22 33.47 22.21
N ALA A 235 -0.19 33.53 21.36
CA ALA A 235 0.40 34.78 20.93
C ALA A 235 -0.68 35.60 20.23
N MET A 236 -1.31 34.98 19.22
CA MET A 236 -2.37 35.57 18.41
C MET A 236 -3.51 36.15 19.26
N LEU A 237 -3.78 35.62 20.47
CA LEU A 237 -4.83 36.16 21.32
C LEU A 237 -4.26 37.06 22.41
N ASP A 238 -3.01 37.54 22.27
CA ASP A 238 -2.43 38.49 23.22
C ASP A 238 -2.52 37.94 24.64
N MET A 239 -2.47 36.61 24.77
CA MET A 239 -2.55 35.93 26.05
C MET A 239 -1.14 35.66 26.58
N THR A 240 -0.15 36.12 25.80
CA THR A 240 1.26 35.99 26.16
C THR A 240 1.68 37.26 26.91
N GLY A 241 0.83 38.30 26.89
CA GLY A 241 1.20 39.62 27.38
C GLY A 241 1.31 39.66 28.90
N ALA A 242 1.46 40.87 29.46
CA ALA A 242 1.35 41.06 30.91
C ALA A 242 -0.04 40.66 31.39
N GLY A 243 -0.13 40.37 32.70
CA GLY A 243 -1.29 39.74 33.31
C GLY A 243 -1.05 38.26 33.60
N TYR A 244 -0.62 37.55 32.54
CA TYR A 244 -0.59 36.10 32.47
C TYR A 244 0.71 35.52 33.00
N VAL A 245 0.58 34.42 33.77
CA VAL A 245 1.72 33.59 34.15
C VAL A 245 1.61 32.27 33.39
N TRP A 246 2.73 31.82 32.75
CA TRP A 246 2.83 30.53 32.06
C TRP A 246 3.84 29.63 32.79
N LEU A 247 3.35 28.45 33.21
CA LEU A 247 4.13 27.51 34.01
C LEU A 247 4.03 26.15 33.34
N VAL A 248 5.20 25.54 33.12
CA VAL A 248 5.41 24.53 32.10
C VAL A 248 6.49 23.56 32.57
N GLY A 249 6.67 22.46 31.84
CA GLY A 249 7.68 21.47 32.19
C GLY A 249 8.92 21.58 31.31
N GLU A 250 9.65 20.46 31.17
CA GLU A 250 10.89 20.38 30.41
C GLU A 250 10.56 20.25 28.92
N ARG A 251 9.60 19.38 28.58
CA ARG A 251 9.28 19.09 27.19
C ARG A 251 8.88 20.34 26.41
N GLU A 252 8.24 21.28 27.12
CA GLU A 252 7.59 22.41 26.48
C GLU A 252 8.51 23.63 26.47
N ILE A 253 9.77 23.46 26.88
CA ILE A 253 10.84 24.43 26.67
C ILE A 253 12.07 23.75 26.08
N SER A 254 11.84 22.73 25.26
CA SER A 254 12.87 22.05 24.50
C SER A 254 12.66 22.28 23.00
N GLY A 255 13.71 21.96 22.23
CA GLY A 255 13.71 22.10 20.77
C GLY A 255 12.88 23.29 20.28
N SER A 256 11.87 22.98 19.45
CA SER A 256 11.07 23.99 18.76
C SER A 256 10.05 24.68 19.68
N ALA A 257 9.78 24.09 20.87
CA ALA A 257 8.88 24.72 21.82
C ALA A 257 9.57 25.96 22.39
N LEU A 258 10.90 25.87 22.51
CA LEU A 258 11.71 26.96 23.02
C LEU A 258 11.71 28.11 22.00
N ARG A 259 11.69 27.73 20.71
CA ARG A 259 11.77 28.65 19.58
C ARG A 259 10.63 29.67 19.57
N TYR A 260 9.40 29.25 19.87
CA TYR A 260 8.28 30.17 19.81
C TYR A 260 7.70 30.44 21.21
N ALA A 261 8.49 30.30 22.28
CA ALA A 261 7.92 30.34 23.62
C ALA A 261 7.80 31.79 24.06
N PRO A 262 6.71 32.22 24.73
CA PRO A 262 6.60 33.58 25.25
C PRO A 262 7.72 33.97 26.22
N ASP A 263 8.14 35.25 26.19
CA ASP A 263 9.10 35.72 27.17
C ASP A 263 8.42 35.74 28.53
N GLY A 264 9.17 35.38 29.59
CA GLY A 264 8.68 35.37 30.96
C GLY A 264 8.20 34.01 31.48
N ILE A 265 8.09 33.02 30.59
CA ILE A 265 7.64 31.68 30.92
C ILE A 265 8.53 31.08 32.02
N ILE A 266 7.93 30.17 32.80
CA ILE A 266 8.66 29.40 33.79
C ILE A 266 8.59 27.92 33.44
N GLY A 267 9.73 27.22 33.42
CA GLY A 267 9.74 25.82 33.06
C GLY A 267 10.74 25.05 33.93
N LEU A 268 10.96 23.77 33.61
CA LEU A 268 11.73 22.90 34.49
C LEU A 268 12.76 22.12 33.68
N GLN A 269 13.88 21.81 34.36
CA GLN A 269 14.87 20.93 33.82
C GLN A 269 15.33 20.02 34.96
N LEU A 270 14.98 18.75 34.86
CA LEU A 270 15.49 17.80 35.82
C LEU A 270 17.02 17.85 35.81
N ILE A 271 17.64 18.08 36.95
CA ILE A 271 19.07 18.21 37.10
C ILE A 271 19.69 16.85 36.95
N ASN A 272 20.63 16.70 36.03
CA ASN A 272 21.28 15.44 35.68
C ASN A 272 20.38 14.48 34.93
N GLY A 273 19.25 14.96 34.42
CA GLY A 273 18.25 14.05 33.87
C GLY A 273 18.74 13.29 32.64
N LYS A 274 19.83 13.77 32.04
CA LYS A 274 20.37 13.14 30.85
C LYS A 274 21.77 12.55 31.10
N ASN A 275 22.31 12.65 32.32
CA ASN A 275 23.63 12.17 32.66
C ASN A 275 23.52 10.66 32.89
N GLU A 276 23.56 9.88 31.80
CA GLU A 276 23.48 8.43 31.84
C GLU A 276 24.57 7.86 32.75
N SER A 277 25.74 8.47 32.68
CA SER A 277 26.88 8.04 33.45
C SER A 277 26.64 8.22 34.94
N ALA A 278 26.00 9.32 35.36
CA ALA A 278 25.65 9.56 36.76
C ALA A 278 24.66 8.52 37.27
N HIS A 279 23.67 8.18 36.44
CA HIS A 279 22.59 7.29 36.83
C HIS A 279 23.06 5.83 36.82
N ILE A 280 23.99 5.48 35.93
CA ILE A 280 24.68 4.19 36.00
C ILE A 280 25.31 4.07 37.39
N SER A 281 25.81 5.19 37.90
CA SER A 281 26.57 5.15 39.12
C SER A 281 25.65 4.88 40.31
N ASP A 282 24.63 5.70 40.45
CA ASP A 282 23.68 5.56 41.52
C ASP A 282 22.92 4.24 41.42
N ALA A 283 22.56 3.82 40.20
CA ALA A 283 21.76 2.61 40.01
C ALA A 283 22.55 1.37 40.43
N VAL A 284 23.85 1.35 40.15
CA VAL A 284 24.66 0.22 40.55
C VAL A 284 24.78 0.20 42.08
N ALA A 285 24.85 1.37 42.66
CA ALA A 285 25.00 1.49 44.09
C ALA A 285 23.80 0.88 44.80
N VAL A 286 22.60 1.33 44.40
CA VAL A 286 21.34 0.85 44.95
C VAL A 286 21.18 -0.68 44.81
N VAL A 287 21.60 -1.20 43.66
CA VAL A 287 21.25 -2.54 43.24
C VAL A 287 22.15 -3.48 44.04
N ALA A 288 23.39 -3.04 44.24
CA ALA A 288 24.36 -3.82 44.99
C ALA A 288 23.94 -3.85 46.47
N GLN A 289 23.45 -2.73 46.95
CA GLN A 289 22.97 -2.69 48.32
C GLN A 289 21.89 -3.75 48.47
N ALA A 290 20.89 -3.70 47.55
CA ALA A 290 19.69 -4.52 47.59
C ALA A 290 20.01 -6.00 47.39
N ILE A 291 21.02 -6.31 46.55
CA ILE A 291 21.48 -7.69 46.39
C ILE A 291 21.97 -8.25 47.72
N HIS A 292 22.79 -7.48 48.44
CA HIS A 292 23.40 -7.90 49.68
C HIS A 292 22.31 -8.04 50.74
N GLU A 293 21.30 -7.17 50.67
CA GLU A 293 20.18 -7.24 51.60
C GLU A 293 19.28 -8.43 51.29
N LEU A 294 19.19 -8.81 50.00
CA LEU A 294 18.39 -9.96 49.58
C LEU A 294 19.00 -11.25 50.11
N PHE A 295 20.31 -11.42 49.96
CA PHE A 295 20.98 -12.60 50.47
C PHE A 295 21.22 -12.55 51.99
N GLU A 296 20.52 -11.69 52.74
CA GLU A 296 20.34 -11.88 54.17
C GLU A 296 19.20 -12.84 54.42
N MET A 297 18.32 -13.00 53.42
CA MET A 297 17.09 -13.75 53.58
C MET A 297 17.36 -15.18 53.14
N GLU A 298 16.34 -16.02 53.34
CA GLU A 298 16.48 -17.46 53.25
C GLU A 298 15.64 -17.92 52.06
N ASN A 299 16.08 -19.04 51.46
CA ASN A 299 15.40 -19.69 50.36
C ASN A 299 15.34 -18.72 49.17
N ILE A 300 16.51 -18.25 48.73
CA ILE A 300 16.61 -17.36 47.59
C ILE A 300 16.95 -18.21 46.36
N THR A 301 16.08 -18.18 45.34
CA THR A 301 16.27 -18.98 44.15
C THR A 301 17.01 -18.18 43.07
N ASP A 302 17.74 -18.86 42.19
CA ASP A 302 18.43 -18.19 41.10
C ASP A 302 17.42 -17.79 40.02
N PRO A 303 17.67 -16.74 39.21
CA PRO A 303 16.83 -16.47 38.05
C PRO A 303 17.09 -17.53 36.96
N PRO A 304 16.16 -17.72 36.00
CA PRO A 304 16.32 -18.71 34.94
C PRO A 304 17.52 -18.43 34.05
N ARG A 305 18.25 -19.49 33.68
CA ARG A 305 19.37 -19.40 32.77
C ARG A 305 18.84 -19.50 31.35
N GLY A 306 18.66 -18.35 30.70
CA GLY A 306 18.25 -18.31 29.31
C GLY A 306 16.74 -18.24 29.13
N CYS A 307 16.29 -17.89 27.92
CA CYS A 307 14.86 -17.86 27.64
C CYS A 307 14.35 -19.24 27.28
N VAL A 308 15.13 -19.99 26.46
CA VAL A 308 14.61 -21.16 25.76
C VAL A 308 14.19 -22.25 26.73
N GLY A 309 12.96 -22.70 26.56
CA GLY A 309 12.40 -23.76 27.38
C GLY A 309 11.97 -23.29 28.76
N ASN A 310 11.99 -21.96 29.01
CA ASN A 310 11.76 -21.39 30.33
C ASN A 310 10.57 -20.45 30.28
N THR A 311 9.49 -20.88 30.94
CA THR A 311 8.24 -20.16 30.92
C THR A 311 7.78 -19.82 32.34
N ASN A 312 8.41 -20.35 33.40
CA ASN A 312 7.97 -19.93 34.72
C ASN A 312 8.72 -18.69 35.15
N ILE A 313 7.99 -17.77 35.80
CA ILE A 313 8.60 -16.61 36.41
C ILE A 313 9.71 -17.04 37.37
N TRP A 314 10.62 -16.11 37.64
CA TRP A 314 11.55 -16.19 38.75
C TRP A 314 10.81 -15.99 40.07
N LYS A 315 10.91 -16.99 40.95
CA LYS A 315 10.14 -17.06 42.18
C LYS A 315 10.52 -15.91 43.12
N THR A 316 11.80 -15.51 43.09
CA THR A 316 12.31 -14.52 44.03
C THR A 316 12.26 -13.12 43.41
N GLY A 317 11.96 -13.04 42.12
CA GLY A 317 11.95 -11.78 41.39
C GLY A 317 11.02 -10.77 42.04
N PRO A 318 9.81 -11.17 42.51
CA PRO A 318 8.87 -10.25 43.19
C PRO A 318 9.30 -9.76 44.58
N LEU A 319 10.03 -10.60 45.33
CA LEU A 319 10.67 -10.15 46.56
C LEU A 319 11.82 -9.19 46.27
N PHE A 320 12.73 -9.56 45.37
CA PHE A 320 13.84 -8.71 45.03
C PHE A 320 13.28 -7.35 44.62
N LYS A 321 12.12 -7.38 43.98
CA LYS A 321 11.53 -6.13 43.56
C LYS A 321 11.18 -5.30 44.80
N ARG A 322 10.55 -5.94 45.80
CA ARG A 322 10.15 -5.31 47.07
C ARG A 322 11.35 -4.66 47.80
N VAL A 323 12.44 -5.42 47.90
CA VAL A 323 13.69 -4.96 48.47
C VAL A 323 14.16 -3.68 47.77
N LEU A 324 14.35 -3.73 46.44
CA LEU A 324 14.75 -2.57 45.65
C LEU A 324 13.83 -1.39 45.93
N MET A 325 12.54 -1.64 45.76
CA MET A 325 11.47 -0.65 45.86
C MET A 325 11.52 0.12 47.17
N SER A 326 12.16 -0.45 48.20
CA SER A 326 12.26 0.19 49.49
C SER A 326 13.72 0.37 49.89
N SER A 327 14.62 0.42 48.90
CA SER A 327 16.00 0.86 49.12
C SER A 327 16.01 2.38 49.26
N LYS A 328 16.98 2.83 50.08
CA LYS A 328 17.36 4.23 50.27
C LYS A 328 18.88 4.34 50.07
N TYR A 329 19.29 5.26 49.20
CA TYR A 329 20.68 5.63 49.06
C TYR A 329 20.70 7.14 49.26
N PRO A 330 21.18 7.68 50.42
CA PRO A 330 21.10 9.11 50.65
C PRO A 330 22.24 9.87 49.95
N ASP A 331 23.44 9.26 49.82
CA ASP A 331 24.63 9.97 49.35
C ASP A 331 24.88 9.70 47.86
N GLY A 332 23.82 9.84 47.03
CA GLY A 332 23.87 9.52 45.62
C GLY A 332 24.28 10.72 44.77
N VAL A 333 25.09 10.44 43.74
CA VAL A 333 25.50 11.42 42.71
C VAL A 333 24.33 12.30 42.24
N THR A 334 23.09 11.79 42.16
CA THR A 334 21.95 12.55 41.64
C THR A 334 21.04 12.97 42.80
N GLY A 335 21.56 12.81 44.01
CA GLY A 335 20.77 13.17 45.16
C GLY A 335 20.44 11.96 46.02
N ARG A 336 19.24 12.04 46.62
CA ARG A 336 18.76 11.10 47.61
C ARG A 336 17.87 10.10 46.88
N ILE A 337 18.27 8.82 46.88
CA ILE A 337 17.54 7.81 46.12
C ILE A 337 16.46 7.17 47.00
N GLU A 338 15.22 7.30 46.54
CA GLU A 338 14.11 6.54 47.07
C GLU A 338 13.14 6.36 45.92
N PHE A 339 12.26 5.35 46.04
CA PHE A 339 11.24 5.08 45.04
C PHE A 339 9.89 5.25 45.70
N ASN A 340 8.91 5.71 44.94
CA ASN A 340 7.55 5.74 45.42
C ASN A 340 6.98 4.33 45.18
N GLU A 341 5.65 4.18 45.28
CA GLU A 341 4.97 2.89 45.23
C GLU A 341 5.01 2.33 43.80
N ASP A 342 5.15 3.22 42.80
CA ASP A 342 5.22 2.90 41.38
C ASP A 342 6.67 2.57 40.96
N GLY A 343 7.60 2.78 41.90
CA GLY A 343 9.01 2.55 41.65
C GLY A 343 9.63 3.72 40.89
N ASP A 344 8.93 4.85 40.87
CA ASP A 344 9.47 6.09 40.37
C ASP A 344 10.37 6.77 41.41
N ARG A 345 11.40 7.47 40.92
CA ARG A 345 12.31 8.24 41.75
C ARG A 345 11.57 9.35 42.49
N LYS A 346 11.94 9.44 43.78
CA LYS A 346 11.58 10.54 44.67
C LYS A 346 12.81 11.36 45.08
N PHE A 347 12.53 12.63 45.40
CA PHE A 347 13.54 13.60 45.81
C PHE A 347 14.44 13.93 44.62
N ALA A 348 13.81 14.03 43.46
CA ALA A 348 14.48 14.48 42.27
C ALA A 348 14.61 16.00 42.36
N GLN A 349 15.67 16.55 41.78
CA GLN A 349 15.87 17.99 41.81
C GLN A 349 15.75 18.57 40.41
N TYR A 350 15.07 19.72 40.33
CA TYR A 350 14.87 20.45 39.09
C TYR A 350 15.46 21.86 39.13
N SER A 351 15.87 22.38 37.97
CA SER A 351 16.15 23.78 37.80
C SER A 351 14.88 24.48 37.40
N ILE A 352 14.61 25.59 38.05
CA ILE A 352 13.50 26.44 37.65
C ILE A 352 14.05 27.51 36.71
N MET A 353 13.49 27.52 35.50
CA MET A 353 14.05 28.23 34.37
C MET A 353 13.05 29.31 33.97
N ASN A 354 13.55 30.50 33.68
CA ASN A 354 12.70 31.60 33.27
C ASN A 354 13.26 32.12 31.96
N LEU A 355 12.39 32.38 30.99
CA LEU A 355 12.83 32.91 29.71
C LEU A 355 12.78 34.44 29.73
N GLN A 356 13.97 35.07 29.81
CA GLN A 356 14.13 36.52 29.89
C GLN A 356 15.05 37.01 28.77
N ASN A 357 14.53 37.89 27.89
CA ASN A 357 15.28 38.33 26.72
C ASN A 357 15.69 37.09 25.91
N ARG A 358 14.72 36.21 25.68
CA ARG A 358 14.89 34.95 24.95
C ARG A 358 16.17 34.20 25.34
N LYS A 359 16.68 34.44 26.56
CA LYS A 359 17.70 33.61 27.21
C LYS A 359 16.96 32.85 28.34
N LEU A 360 17.15 31.52 28.39
CA LEU A 360 16.68 30.67 29.47
C LEU A 360 17.60 30.85 30.67
N VAL A 361 17.06 31.38 31.77
CA VAL A 361 17.88 31.63 32.96
C VAL A 361 17.36 30.82 34.13
N GLN A 362 18.28 30.20 34.88
CA GLN A 362 17.93 29.55 36.15
C GLN A 362 17.64 30.62 37.21
N VAL A 363 16.41 30.61 37.75
CA VAL A 363 16.00 31.53 38.81
C VAL A 363 15.80 30.82 40.16
N GLY A 364 15.91 29.49 40.20
CA GLY A 364 15.61 28.71 41.39
C GLY A 364 15.86 27.23 41.14
N ILE A 365 15.78 26.43 42.20
CA ILE A 365 15.86 24.98 42.08
C ILE A 365 14.89 24.36 43.06
N PHE A 366 14.33 23.20 42.72
CA PHE A 366 13.66 22.33 43.66
C PHE A 366 14.69 21.30 44.14
N ASN A 367 15.00 21.29 45.45
CA ASN A 367 16.13 20.52 46.00
C ASN A 367 15.72 19.08 46.25
N GLY A 368 14.44 18.74 46.01
CA GLY A 368 13.91 17.42 46.31
C GLY A 368 12.68 17.50 47.22
N SER A 369 12.54 18.65 47.89
CA SER A 369 11.42 18.93 48.79
C SER A 369 11.17 20.43 48.93
N TYR A 370 12.24 21.24 48.78
CA TYR A 370 12.19 22.67 49.04
C TYR A 370 12.44 23.42 47.73
N ILE A 371 11.73 24.55 47.51
CA ILE A 371 12.13 25.55 46.55
C ILE A 371 13.17 26.49 47.17
N ILE A 372 14.20 26.77 46.39
CA ILE A 372 15.29 27.64 46.75
C ILE A 372 15.42 28.70 45.68
N GLN A 373 14.93 29.93 45.90
CA GLN A 373 15.18 31.02 44.98
C GLN A 373 16.66 31.41 45.03
N ASN A 374 17.17 31.81 43.87
CA ASN A 374 18.50 32.37 43.73
C ASN A 374 18.32 33.87 43.46
N ASP A 375 19.47 34.56 43.43
CA ASP A 375 19.54 36.01 43.29
C ASP A 375 19.21 36.47 41.88
N ARG A 376 19.06 35.58 40.89
CA ARG A 376 18.55 35.99 39.58
C ARG A 376 17.05 36.22 39.75
N LYS A 377 16.62 37.44 39.46
CA LYS A 377 15.23 37.84 39.62
C LYS A 377 14.38 37.30 38.47
N ILE A 378 13.18 36.83 38.81
CA ILE A 378 12.19 36.37 37.84
C ILE A 378 11.61 37.57 37.10
N ILE A 379 11.45 37.50 35.77
CA ILE A 379 10.57 38.44 35.09
C ILE A 379 9.49 37.69 34.34
N TRP A 380 8.26 38.14 34.56
CA TRP A 380 7.07 37.45 34.11
C TRP A 380 6.73 37.89 32.69
N PRO A 381 5.67 37.34 32.06
CA PRO A 381 5.18 37.89 30.80
C PRO A 381 4.77 39.36 31.03
N GLY A 382 5.20 40.23 30.12
CA GLY A 382 5.10 41.67 30.30
C GLY A 382 6.47 42.24 30.70
N GLY A 383 6.66 42.45 32.01
CA GLY A 383 7.94 42.90 32.55
C GLY A 383 8.06 42.45 34.01
N GLU A 384 7.05 42.82 34.80
CA GLU A 384 6.79 42.32 36.15
C GLU A 384 8.04 42.42 37.05
N THR A 385 8.04 43.44 37.94
CA THR A 385 9.10 43.65 38.93
C THR A 385 8.65 43.09 40.28
N PRO B 1 -5.59 -18.28 -9.83
CA PRO B 1 -5.34 -17.30 -8.75
C PRO B 1 -3.94 -17.47 -8.13
N PRO B 2 -3.30 -16.38 -7.66
CA PRO B 2 -1.96 -16.48 -7.05
C PRO B 2 -1.98 -16.96 -5.58
N SER B 3 -0.86 -17.54 -5.14
CA SER B 3 -0.79 -18.20 -3.84
C SER B 3 -0.17 -17.30 -2.78
N ILE B 4 -0.88 -17.10 -1.66
CA ILE B 4 -0.32 -16.50 -0.46
C ILE B 4 0.10 -17.60 0.52
N GLY B 5 1.19 -17.31 1.24
CA GLY B 5 1.65 -18.14 2.33
C GLY B 5 0.90 -17.86 3.63
N ILE B 6 0.48 -18.95 4.30
CA ILE B 6 -0.09 -18.91 5.63
C ILE B 6 0.65 -19.94 6.47
N ALA B 7 1.10 -19.58 7.69
CA ALA B 7 1.72 -20.56 8.57
C ALA B 7 0.75 -20.91 9.69
N VAL B 8 0.76 -22.18 10.08
CA VAL B 8 -0.11 -22.63 11.14
C VAL B 8 0.76 -23.26 12.20
N ILE B 9 0.80 -22.61 13.37
CA ILE B 9 1.71 -23.04 14.43
C ILE B 9 0.91 -23.72 15.52
N LEU B 10 1.34 -24.95 15.84
CA LEU B 10 0.71 -25.82 16.80
C LEU B 10 1.69 -26.19 17.90
N VAL B 11 1.34 -25.87 19.15
CA VAL B 11 2.19 -26.11 20.28
C VAL B 11 1.54 -27.22 21.09
N GLY B 12 2.18 -28.41 21.11
CA GLY B 12 1.76 -29.49 21.97
C GLY B 12 0.81 -30.44 21.25
N THR B 13 0.92 -31.73 21.61
CA THR B 13 0.56 -32.88 20.79
C THR B 13 -0.75 -32.63 20.04
N SER B 14 -0.66 -32.84 18.73
CA SER B 14 -1.59 -32.23 17.80
C SER B 14 -2.10 -33.30 16.84
N ASP B 15 -3.44 -33.47 16.86
CA ASP B 15 -4.22 -34.05 15.78
C ASP B 15 -3.87 -33.37 14.44
N GLU B 16 -2.62 -33.52 14.00
CA GLU B 16 -2.07 -32.79 12.87
C GLU B 16 -2.81 -33.17 11.59
N VAL B 17 -3.34 -34.40 11.57
CA VAL B 17 -3.98 -35.00 10.40
C VAL B 17 -5.44 -34.56 10.30
N ALA B 18 -6.14 -34.46 11.45
CA ALA B 18 -7.54 -34.05 11.51
C ALA B 18 -7.70 -32.58 11.13
N ILE B 19 -6.60 -31.83 11.27
CA ILE B 19 -6.53 -30.41 10.94
C ILE B 19 -6.30 -30.26 9.42
N LYS B 20 -5.28 -30.98 8.90
CA LYS B 20 -4.99 -31.05 7.47
C LYS B 20 -6.21 -31.51 6.68
N ASP B 21 -7.08 -32.33 7.32
CA ASP B 21 -8.28 -32.93 6.73
C ASP B 21 -9.51 -32.02 6.79
N ALA B 22 -9.51 -31.02 7.71
CA ALA B 22 -10.61 -30.07 7.84
C ALA B 22 -10.37 -28.81 7.00
N HIS B 23 -9.15 -28.70 6.43
CA HIS B 23 -8.85 -27.81 5.31
C HIS B 23 -8.90 -28.63 4.01
N GLU B 24 -9.66 -29.75 4.04
CA GLU B 24 -9.94 -30.57 2.85
C GLU B 24 -10.54 -29.67 1.77
N LYS B 25 -11.27 -28.62 2.16
CA LYS B 25 -11.80 -27.60 1.27
C LYS B 25 -10.67 -26.67 0.76
N ASP B 26 -9.59 -27.26 0.22
CA ASP B 26 -8.54 -26.54 -0.53
C ASP B 26 -9.15 -25.95 -1.81
N ASP B 27 -10.08 -26.71 -2.40
CA ASP B 27 -10.97 -26.28 -3.49
C ASP B 27 -12.30 -25.74 -2.93
N PHE B 28 -12.27 -25.16 -1.72
CA PHE B 28 -13.37 -24.36 -1.16
C PHE B 28 -13.01 -22.89 -1.30
N HIS B 29 -11.86 -22.59 -1.94
CA HIS B 29 -11.31 -21.25 -1.99
C HIS B 29 -11.37 -20.69 -3.41
N HIS B 30 -12.57 -20.16 -3.74
CA HIS B 30 -12.97 -19.58 -5.03
C HIS B 30 -12.80 -18.05 -5.10
N LEU B 31 -11.90 -17.50 -4.27
CA LEU B 31 -11.76 -16.06 -4.05
C LEU B 31 -10.87 -15.47 -5.16
N SER B 32 -10.15 -14.37 -4.87
CA SER B 32 -9.15 -13.83 -5.77
C SER B 32 -7.80 -14.55 -5.62
N VAL B 33 -7.65 -15.34 -4.55
CA VAL B 33 -6.34 -15.73 -4.05
C VAL B 33 -6.47 -17.00 -3.21
N VAL B 34 -5.41 -17.83 -3.20
CA VAL B 34 -5.49 -19.15 -2.59
C VAL B 34 -4.40 -19.38 -1.53
N PRO B 35 -4.75 -19.98 -0.36
CA PRO B 35 -3.82 -20.16 0.74
C PRO B 35 -2.78 -21.20 0.39
N ARG B 36 -1.54 -20.99 0.81
CA ARG B 36 -0.57 -22.07 0.81
C ARG B 36 -0.15 -22.32 2.26
N VAL B 37 -0.96 -23.10 3.01
CA VAL B 37 -0.73 -23.33 4.43
C VAL B 37 0.48 -24.25 4.62
N GLU B 38 1.16 -24.12 5.78
CA GLU B 38 2.33 -24.91 6.11
C GLU B 38 2.34 -25.15 7.61
N LEU B 39 1.85 -26.33 8.07
CA LEU B 39 1.84 -26.69 9.49
C LEU B 39 3.26 -26.69 10.03
N VAL B 40 3.42 -26.11 11.21
CA VAL B 40 4.67 -26.06 11.92
C VAL B 40 4.37 -26.61 13.31
N ALA B 41 5.34 -27.28 13.90
CA ALA B 41 5.18 -27.68 15.28
C ALA B 41 6.24 -26.94 16.10
N MET B 42 5.88 -26.63 17.35
CA MET B 42 6.76 -25.99 18.29
C MET B 42 6.63 -26.77 19.58
N ASN B 43 7.75 -26.95 20.29
CA ASN B 43 7.75 -27.61 21.57
C ASN B 43 7.75 -26.57 22.68
N GLU B 44 8.04 -25.29 22.37
CA GLU B 44 8.42 -24.29 23.36
C GLU B 44 7.66 -22.99 23.12
N THR B 45 7.34 -22.30 24.24
CA THR B 45 6.47 -21.12 24.26
C THR B 45 7.08 -19.92 25.02
N ASP B 46 8.37 -19.99 25.33
CA ASP B 46 9.09 -18.82 25.83
C ASP B 46 9.19 -17.78 24.71
N PRO B 47 9.58 -16.53 25.07
CA PRO B 47 9.67 -15.44 24.10
C PRO B 47 10.60 -15.66 22.91
N LYS B 48 11.73 -16.37 23.16
CA LYS B 48 12.81 -16.51 22.19
C LYS B 48 12.41 -17.55 21.16
N SER B 49 11.99 -18.71 21.66
CA SER B 49 11.43 -19.77 20.84
C SER B 49 10.45 -19.25 19.79
N ILE B 50 9.40 -18.55 20.27
CA ILE B 50 8.33 -18.03 19.45
C ILE B 50 8.85 -16.98 18.45
N ILE B 51 9.73 -16.08 18.89
CA ILE B 51 10.12 -14.98 18.02
C ILE B 51 10.99 -15.51 16.89
N THR B 52 12.03 -16.29 17.27
CA THR B 52 12.97 -16.81 16.28
C THR B 52 12.22 -17.71 15.30
N ARG B 53 11.26 -18.51 15.79
CA ARG B 53 10.50 -19.41 14.94
C ARG B 53 9.71 -18.66 13.89
N ILE B 54 8.92 -17.66 14.32
CA ILE B 54 8.06 -16.92 13.41
C ILE B 54 8.91 -16.09 12.48
N CYS B 55 10.12 -15.76 12.90
CA CYS B 55 10.98 -14.90 12.10
C CYS B 55 11.77 -15.72 11.08
N ASP B 56 12.09 -16.97 11.44
CA ASP B 56 12.66 -17.92 10.51
C ASP B 56 11.68 -18.19 9.37
N LEU B 57 10.43 -18.54 9.73
CA LEU B 57 9.36 -18.77 8.79
C LEU B 57 9.22 -17.58 7.86
N MET B 58 9.42 -16.37 8.37
CA MET B 58 9.17 -15.16 7.59
C MET B 58 10.28 -14.98 6.56
N SER B 59 11.49 -15.47 6.86
CA SER B 59 12.64 -15.29 5.98
C SER B 59 13.02 -16.61 5.27
N ASP B 60 12.30 -17.71 5.55
CA ASP B 60 12.30 -18.85 4.63
C ASP B 60 11.27 -18.58 3.54
N ARG B 61 10.03 -18.25 3.92
CA ARG B 61 8.90 -18.28 2.99
C ARG B 61 8.37 -16.85 2.82
N LYS B 62 7.19 -16.75 2.21
CA LYS B 62 6.52 -15.47 2.04
C LYS B 62 5.20 -15.57 2.79
N ILE B 63 5.20 -15.11 4.06
CA ILE B 63 4.09 -15.26 4.99
C ILE B 63 3.21 -14.00 4.99
N GLN B 64 1.96 -14.20 4.59
CA GLN B 64 0.94 -13.16 4.60
C GLN B 64 0.31 -13.05 6.00
N GLY B 65 0.24 -14.19 6.71
CA GLY B 65 -0.41 -14.26 8.02
C GLY B 65 -0.08 -15.55 8.76
N VAL B 66 -0.40 -15.57 10.07
CA VAL B 66 -0.05 -16.68 10.95
C VAL B 66 -1.32 -17.03 11.74
N VAL B 67 -1.59 -18.32 11.85
CA VAL B 67 -2.62 -18.87 12.71
C VAL B 67 -1.90 -19.63 13.83
N PHE B 68 -2.21 -19.29 15.09
CA PHE B 68 -1.46 -19.82 16.22
C PHE B 68 -2.39 -20.55 17.18
N ALA B 69 -2.03 -21.78 17.51
CA ALA B 69 -2.76 -22.50 18.53
C ALA B 69 -1.79 -23.13 19.51
N ASP B 70 -2.15 -23.14 20.80
CA ASP B 70 -1.37 -23.88 21.77
C ASP B 70 -2.27 -24.51 22.81
N ASP B 71 -1.65 -25.36 23.63
CA ASP B 71 -2.32 -26.16 24.64
C ASP B 71 -2.02 -25.68 26.08
N THR B 72 -1.54 -24.42 26.25
CA THR B 72 -0.99 -23.96 27.52
C THR B 72 -1.99 -23.04 28.21
N ASP B 73 -1.78 -22.81 29.51
CA ASP B 73 -2.52 -21.80 30.26
C ASP B 73 -1.74 -20.49 30.37
N GLN B 74 -1.06 -20.09 29.28
CA GLN B 74 0.00 -19.09 29.32
C GLN B 74 -0.45 -17.83 28.60
N GLU B 75 -1.12 -16.97 29.36
CA GLU B 75 -1.71 -15.75 28.84
C GLU B 75 -0.66 -14.83 28.19
N ALA B 76 0.63 -15.00 28.57
CA ALA B 76 1.74 -14.22 28.04
C ALA B 76 1.92 -14.44 26.55
N ILE B 77 1.63 -15.65 26.07
CA ILE B 77 1.74 -15.91 24.64
C ILE B 77 0.95 -14.87 23.83
N ALA B 78 -0.20 -14.43 24.34
CA ALA B 78 -1.03 -13.42 23.69
C ALA B 78 -0.25 -12.12 23.53
N GLN B 79 0.37 -11.67 24.62
CA GLN B 79 1.21 -10.49 24.66
C GLN B 79 2.40 -10.63 23.73
N ILE B 80 3.12 -11.75 23.78
CA ILE B 80 4.23 -11.94 22.87
C ILE B 80 3.79 -11.83 21.41
N LEU B 81 2.63 -12.40 21.04
CA LEU B 81 2.19 -12.43 19.65
C LEU B 81 1.75 -11.05 19.20
N ASP B 82 1.14 -10.32 20.12
CA ASP B 82 0.73 -8.98 19.79
C ASP B 82 1.94 -8.17 19.35
N PHE B 83 3.00 -8.29 20.15
CA PHE B 83 4.21 -7.50 19.96
C PHE B 83 4.80 -7.83 18.60
N ILE B 84 4.98 -9.14 18.36
CA ILE B 84 5.48 -9.64 17.09
C ILE B 84 4.64 -9.11 15.93
N SER B 85 3.31 -9.18 16.08
CA SER B 85 2.36 -8.75 15.06
C SER B 85 2.60 -7.28 14.72
N ALA B 86 2.76 -6.43 15.73
CA ALA B 86 2.85 -4.99 15.53
C ALA B 86 4.23 -4.56 15.00
N GLN B 87 5.27 -5.26 15.44
CA GLN B 87 6.62 -4.97 15.00
C GLN B 87 6.77 -5.31 13.53
N THR B 88 6.21 -6.46 13.10
CA THR B 88 6.42 -6.96 11.75
C THR B 88 5.25 -6.63 10.86
N LEU B 89 4.20 -6.01 11.41
CA LEU B 89 2.95 -5.77 10.69
C LEU B 89 2.53 -7.04 9.94
N THR B 90 1.82 -7.90 10.64
CA THR B 90 1.60 -9.25 10.19
C THR B 90 0.42 -9.76 10.99
N PRO B 91 -0.67 -10.19 10.31
CA PRO B 91 -1.83 -10.76 10.99
C PRO B 91 -1.42 -12.05 11.67
N ILE B 92 -1.71 -12.10 12.96
CA ILE B 92 -1.58 -13.31 13.75
C ILE B 92 -2.96 -13.48 14.36
N LEU B 93 -3.50 -14.70 14.23
CA LEU B 93 -4.74 -15.06 14.89
C LEU B 93 -4.39 -16.08 15.97
N GLY B 94 -4.79 -15.77 17.20
CA GLY B 94 -4.58 -16.66 18.32
C GLY B 94 -5.83 -17.48 18.60
N ILE B 95 -5.85 -18.72 18.10
CA ILE B 95 -7.11 -19.42 18.01
C ILE B 95 -7.38 -20.29 19.25
N HIS B 96 -6.40 -20.51 20.12
CA HIS B 96 -6.57 -21.52 21.16
C HIS B 96 -5.41 -21.49 22.15
N GLY B 97 -5.75 -21.52 23.43
CA GLY B 97 -4.75 -21.65 24.47
C GLY B 97 -4.34 -20.30 25.05
N GLY B 98 -3.06 -20.19 25.40
CA GLY B 98 -2.47 -18.92 25.74
C GLY B 98 -2.78 -17.88 24.67
N SER B 99 -2.80 -18.32 23.40
CA SER B 99 -2.89 -17.34 22.32
C SER B 99 -4.23 -16.60 22.33
N SER B 100 -5.29 -17.28 22.80
CA SER B 100 -6.65 -16.77 22.79
C SER B 100 -7.02 -16.08 24.11
N MET B 101 -6.13 -16.05 25.10
CA MET B 101 -6.42 -15.49 26.41
C MET B 101 -6.38 -13.96 26.38
N ILE B 102 -7.34 -13.29 27.05
CA ILE B 102 -7.61 -11.90 26.74
C ILE B 102 -6.34 -11.08 26.90
N MET B 103 -6.01 -10.36 25.81
CA MET B 103 -4.94 -9.41 25.74
C MET B 103 -5.57 -8.03 25.64
N ALA B 104 -5.74 -7.36 26.78
CA ALA B 104 -6.27 -6.01 26.80
C ALA B 104 -5.22 -5.00 26.33
N ASP B 105 -5.65 -3.99 25.60
CA ASP B 105 -4.71 -2.98 25.11
C ASP B 105 -3.58 -3.66 24.32
N LYS B 106 -3.93 -4.09 23.09
CA LYS B 106 -3.03 -4.45 22.01
C LYS B 106 -2.41 -3.19 21.45
N ASP B 107 -1.41 -3.28 20.56
CA ASP B 107 -0.77 -2.08 20.04
C ASP B 107 -1.74 -1.30 19.15
N GLU B 108 -1.41 -0.04 18.83
CA GLU B 108 -2.10 0.70 17.80
C GLU B 108 -1.83 0.06 16.43
N SER B 109 -0.68 -0.59 16.22
CA SER B 109 -0.27 -1.21 14.97
C SER B 109 -0.54 -2.72 14.91
N SER B 110 -1.25 -3.25 15.90
CA SER B 110 -1.45 -4.69 15.97
C SER B 110 -2.30 -5.21 14.81
N MET B 111 -1.97 -6.41 14.36
CA MET B 111 -2.83 -7.17 13.49
C MET B 111 -3.08 -8.54 14.15
N PHE B 112 -3.35 -8.47 15.46
CA PHE B 112 -3.50 -9.65 16.28
C PHE B 112 -4.94 -9.72 16.75
N PHE B 113 -5.53 -10.86 16.41
CA PHE B 113 -6.92 -11.17 16.64
C PHE B 113 -6.98 -12.51 17.37
N GLN B 114 -7.88 -12.60 18.36
CA GLN B 114 -8.02 -13.77 19.20
C GLN B 114 -9.43 -14.35 19.04
N PHE B 115 -9.56 -15.68 18.93
CA PHE B 115 -10.84 -16.33 19.16
C PHE B 115 -11.10 -16.44 20.65
N GLY B 116 -12.15 -15.77 21.11
CA GLY B 116 -12.47 -15.77 22.52
C GLY B 116 -13.36 -14.59 22.84
N PRO B 117 -14.01 -14.57 24.01
CA PRO B 117 -14.78 -13.39 24.41
C PRO B 117 -13.88 -12.22 24.78
N SER B 118 -14.38 -11.00 24.54
CA SER B 118 -13.76 -9.82 25.10
C SER B 118 -13.90 -9.81 26.61
N ILE B 119 -13.27 -8.86 27.28
CA ILE B 119 -13.35 -8.76 28.73
C ILE B 119 -14.75 -8.35 29.12
N GLU B 120 -15.44 -7.67 28.19
CA GLU B 120 -16.65 -6.92 28.49
C GLU B 120 -17.85 -7.84 28.29
N GLN B 121 -17.82 -8.57 27.17
CA GLN B 121 -18.64 -9.73 26.89
C GLN B 121 -18.73 -10.63 28.15
N GLN B 122 -17.59 -11.00 28.73
CA GLN B 122 -17.56 -11.91 29.85
C GLN B 122 -18.10 -11.27 31.12
N ALA B 123 -17.89 -9.96 31.26
CA ALA B 123 -18.32 -9.24 32.44
C ALA B 123 -19.84 -9.14 32.39
N SER B 124 -20.36 -8.93 31.18
CA SER B 124 -21.79 -8.94 30.92
C SER B 124 -22.36 -10.29 31.32
N VAL B 125 -21.89 -11.35 30.65
CA VAL B 125 -22.34 -12.71 30.94
C VAL B 125 -22.41 -12.91 32.45
N MET B 126 -21.45 -12.38 33.19
CA MET B 126 -21.35 -12.71 34.60
C MET B 126 -22.50 -12.06 35.33
N LEU B 127 -23.04 -10.99 34.75
CA LEU B 127 -24.13 -10.27 35.40
C LEU B 127 -25.47 -10.95 35.13
N ASN B 128 -25.66 -11.46 33.89
CA ASN B 128 -26.81 -12.27 33.53
C ASN B 128 -26.97 -13.51 34.42
N ILE B 129 -25.86 -14.18 34.72
CA ILE B 129 -25.87 -15.29 35.67
C ILE B 129 -26.41 -14.79 37.01
N MET B 130 -25.80 -13.74 37.58
CA MET B 130 -26.13 -13.29 38.92
C MET B 130 -27.57 -12.73 38.98
N GLU B 131 -28.01 -12.19 37.84
CA GLU B 131 -29.40 -11.79 37.67
C GLU B 131 -30.25 -13.04 37.87
N GLU B 132 -30.14 -13.98 36.94
CA GLU B 132 -30.91 -15.22 36.95
C GLU B 132 -31.14 -15.70 38.38
N TYR B 133 -30.07 -15.99 39.13
CA TYR B 133 -30.17 -16.63 40.44
C TYR B 133 -30.36 -15.56 41.52
N ASP B 134 -30.85 -14.38 41.08
CA ASP B 134 -31.14 -13.20 41.87
C ASP B 134 -30.08 -12.98 42.96
N TRP B 135 -28.80 -13.02 42.54
CA TRP B 135 -27.65 -12.62 43.36
C TRP B 135 -27.27 -11.18 43.02
N TYR B 136 -27.47 -10.28 43.98
CA TYR B 136 -27.53 -8.87 43.67
C TYR B 136 -26.47 -8.12 44.45
N ILE B 137 -26.08 -8.72 45.59
CA ILE B 137 -24.99 -8.25 46.41
C ILE B 137 -23.77 -9.07 46.05
N PHE B 138 -22.66 -8.37 45.72
CA PHE B 138 -21.39 -8.98 45.30
C PHE B 138 -20.24 -7.98 45.37
N SER B 139 -19.03 -8.51 45.45
CA SER B 139 -17.80 -7.73 45.45
C SER B 139 -16.89 -8.15 44.28
N ILE B 140 -15.85 -7.32 43.98
CA ILE B 140 -14.89 -7.59 42.93
C ILE B 140 -13.49 -7.67 43.51
N VAL B 141 -12.76 -8.74 43.17
CA VAL B 141 -11.33 -8.77 43.37
C VAL B 141 -10.65 -8.84 42.00
N THR B 142 -9.56 -8.08 41.87
CA THR B 142 -8.71 -8.18 40.70
C THR B 142 -7.24 -8.06 41.13
N THR B 143 -6.37 -8.39 40.19
CA THR B 143 -5.00 -7.92 40.19
C THR B 143 -4.84 -6.78 39.20
N TYR B 144 -3.58 -6.47 38.86
CA TYR B 144 -3.26 -5.44 37.87
C TYR B 144 -3.20 -6.02 36.48
N PHE B 145 -3.53 -7.30 36.33
CA PHE B 145 -3.53 -7.96 35.05
C PHE B 145 -4.28 -7.11 34.04
N PRO B 146 -3.68 -6.78 32.87
CA PRO B 146 -4.31 -5.86 31.95
C PRO B 146 -5.77 -6.25 31.68
N GLY B 147 -6.65 -5.25 31.82
CA GLY B 147 -8.07 -5.37 31.54
C GLY B 147 -8.86 -5.16 32.83
N TYR B 148 -8.16 -5.20 33.98
CA TYR B 148 -8.81 -5.07 35.25
C TYR B 148 -9.67 -3.79 35.33
N GLN B 149 -9.20 -2.67 34.78
CA GLN B 149 -10.02 -1.47 34.83
C GLN B 149 -11.15 -1.57 33.83
N ASP B 150 -10.95 -2.16 32.65
CA ASP B 150 -12.05 -2.36 31.71
C ASP B 150 -13.15 -3.22 32.34
N PHE B 151 -12.77 -4.04 33.32
CA PHE B 151 -13.67 -5.05 33.86
C PHE B 151 -14.57 -4.33 34.86
N VAL B 152 -13.96 -3.81 35.92
CA VAL B 152 -14.66 -2.98 36.88
C VAL B 152 -15.47 -1.86 36.21
N ASN B 153 -14.96 -1.31 35.13
CA ASN B 153 -15.71 -0.27 34.47
C ASN B 153 -16.94 -0.81 33.77
N LYS B 154 -16.87 -1.98 33.18
CA LYS B 154 -18.06 -2.48 32.49
C LYS B 154 -19.11 -2.86 33.52
N ILE B 155 -18.66 -3.52 34.59
CA ILE B 155 -19.54 -3.85 35.69
C ILE B 155 -20.23 -2.56 36.13
N ARG B 156 -19.50 -1.68 36.86
CA ARG B 156 -20.03 -0.41 37.37
C ARG B 156 -20.94 0.30 36.35
N SER B 157 -20.48 0.41 35.11
CA SER B 157 -21.28 0.99 34.05
C SER B 157 -22.63 0.32 33.98
N THR B 158 -22.66 -1.00 34.13
CA THR B 158 -23.89 -1.73 33.89
C THR B 158 -24.82 -1.59 35.09
N ILE B 159 -24.30 -1.77 36.30
CA ILE B 159 -25.16 -1.84 37.48
C ILE B 159 -25.76 -0.48 37.80
N GLU B 160 -25.02 0.61 37.60
CA GLU B 160 -25.49 1.96 37.89
C GLU B 160 -26.39 2.50 36.75
N ASN B 161 -26.83 1.65 35.80
CA ASN B 161 -27.89 1.98 34.85
C ASN B 161 -29.01 0.94 34.83
N SER B 162 -29.43 0.45 36.01
CA SER B 162 -30.17 -0.80 36.08
C SER B 162 -31.42 -0.67 36.97
N PHE B 163 -32.62 -0.82 36.34
CA PHE B 163 -33.92 -0.92 36.98
C PHE B 163 -33.84 -1.87 38.20
N VAL B 164 -32.92 -2.84 38.10
CA VAL B 164 -32.57 -3.77 39.17
C VAL B 164 -31.79 -3.02 40.27
N GLY B 165 -31.63 -3.66 41.44
CA GLY B 165 -31.03 -3.02 42.59
C GLY B 165 -29.78 -3.76 43.04
N TRP B 166 -28.70 -3.58 42.27
CA TRP B 166 -27.42 -4.24 42.53
C TRP B 166 -26.72 -3.58 43.74
N GLU B 167 -25.80 -4.28 44.41
CA GLU B 167 -25.17 -3.67 45.58
C GLU B 167 -23.70 -4.12 45.74
N LEU B 168 -22.85 -3.59 44.85
CA LEU B 168 -21.41 -3.80 44.88
C LEU B 168 -20.80 -3.38 46.22
N GLU B 169 -20.52 -4.33 47.11
CA GLU B 169 -20.02 -4.00 48.44
C GLU B 169 -18.62 -3.38 48.41
N GLU B 170 -17.67 -4.07 47.77
CA GLU B 170 -16.25 -3.75 47.82
C GLU B 170 -15.65 -4.00 46.43
N VAL B 171 -14.50 -3.34 46.12
CA VAL B 171 -13.70 -3.61 44.92
C VAL B 171 -12.23 -3.67 45.33
N LEU B 172 -11.61 -4.84 45.21
CA LEU B 172 -10.23 -5.01 45.66
C LEU B 172 -9.27 -4.94 44.47
N LEU B 173 -7.99 -4.67 44.82
CA LEU B 173 -6.89 -4.61 43.87
C LEU B 173 -5.67 -5.23 44.54
N LEU B 174 -5.19 -6.34 44.00
CA LEU B 174 -4.14 -7.08 44.69
C LEU B 174 -2.86 -6.99 43.87
N ASP B 175 -1.78 -6.69 44.57
CA ASP B 175 -0.52 -6.41 43.92
C ASP B 175 0.35 -7.64 44.08
N MET B 176 0.40 -8.45 43.01
CA MET B 176 1.17 -9.67 43.08
C MET B 176 2.51 -9.54 42.36
N SER B 177 2.94 -8.32 42.04
CA SER B 177 4.26 -8.08 41.47
C SER B 177 5.27 -8.05 42.59
N LEU B 178 4.76 -7.64 43.77
CA LEU B 178 5.47 -7.71 45.03
C LEU B 178 5.10 -9.01 45.73
N ASP B 179 6.05 -9.53 46.53
CA ASP B 179 5.87 -10.79 47.23
C ASP B 179 4.95 -10.56 48.43
N ASP B 180 4.46 -11.65 49.02
CA ASP B 180 3.49 -11.59 50.12
C ASP B 180 4.04 -12.32 51.35
N GLY B 181 5.06 -11.74 51.98
CA GLY B 181 5.66 -12.30 53.18
C GLY B 181 5.19 -11.61 54.46
N ASP B 182 4.39 -10.53 54.29
CA ASP B 182 3.84 -9.74 55.40
C ASP B 182 2.33 -9.95 55.52
N SER B 183 1.74 -10.73 54.60
CA SER B 183 0.34 -11.15 54.69
C SER B 183 -0.62 -10.02 54.29
N LYS B 184 -0.19 -9.16 53.35
CA LYS B 184 -0.99 -8.01 52.94
C LYS B 184 -2.21 -8.43 52.09
N ILE B 185 -2.13 -9.57 51.40
CA ILE B 185 -3.24 -10.01 50.56
C ILE B 185 -4.31 -10.63 51.47
N GLN B 186 -3.84 -11.33 52.51
CA GLN B 186 -4.68 -11.83 53.61
C GLN B 186 -5.60 -10.73 54.11
N ASN B 187 -4.98 -9.64 54.61
CA ASN B 187 -5.66 -8.53 55.27
C ASN B 187 -6.72 -7.94 54.36
N GLN B 188 -6.35 -7.73 53.10
CA GLN B 188 -7.25 -7.11 52.14
C GLN B 188 -8.45 -8.02 51.87
N LEU B 189 -8.24 -9.34 52.02
CA LEU B 189 -9.26 -10.34 51.68
C LEU B 189 -10.27 -10.54 52.82
N LYS B 190 -9.80 -10.48 54.09
CA LYS B 190 -10.66 -10.50 55.27
C LYS B 190 -11.79 -9.47 55.12
N LYS B 191 -11.45 -8.29 54.59
CA LYS B 191 -12.40 -7.20 54.43
C LYS B 191 -13.71 -7.62 53.76
N LEU B 192 -13.76 -8.81 53.16
CA LEU B 192 -14.89 -9.16 52.30
C LEU B 192 -16.06 -9.74 53.11
N GLN B 193 -17.27 -9.28 52.75
CA GLN B 193 -18.51 -9.80 53.29
C GLN B 193 -19.26 -10.55 52.20
N SER B 194 -19.35 -9.97 51.00
CA SER B 194 -20.34 -10.35 49.99
C SER B 194 -20.53 -11.86 49.84
N PRO B 195 -21.72 -12.29 49.32
CA PRO B 195 -21.97 -13.70 49.04
C PRO B 195 -21.33 -14.14 47.71
N ILE B 196 -21.48 -13.31 46.67
CA ILE B 196 -20.82 -13.48 45.37
C ILE B 196 -19.49 -12.74 45.36
N ILE B 197 -18.57 -13.18 44.51
CA ILE B 197 -17.30 -12.51 44.30
C ILE B 197 -16.86 -12.71 42.86
N LEU B 198 -16.87 -11.63 42.06
CA LEU B 198 -16.22 -11.68 40.76
C LEU B 198 -14.71 -11.54 40.97
N LEU B 199 -13.91 -12.43 40.34
CA LEU B 199 -12.45 -12.41 40.45
C LEU B 199 -11.84 -12.28 39.05
N TYR B 200 -11.10 -11.17 38.84
CA TYR B 200 -10.40 -10.97 37.58
C TYR B 200 -8.89 -11.09 37.78
N CYS B 201 -8.29 -12.14 37.25
CA CYS B 201 -6.85 -12.30 37.37
C CYS B 201 -6.44 -13.46 36.48
N THR B 202 -5.18 -13.91 36.62
CA THR B 202 -4.69 -15.07 35.88
C THR B 202 -4.92 -16.33 36.71
N LYS B 203 -4.78 -17.46 36.01
CA LYS B 203 -4.94 -18.76 36.60
C LYS B 203 -3.85 -18.99 37.66
N GLU B 204 -2.65 -18.48 37.41
CA GLU B 204 -1.52 -18.63 38.33
C GLU B 204 -1.81 -17.79 39.57
N GLU B 205 -2.41 -16.61 39.36
CA GLU B 205 -2.60 -15.67 40.45
C GLU B 205 -3.76 -16.19 41.29
N ALA B 206 -4.75 -16.77 40.58
CA ALA B 206 -5.96 -17.30 41.19
C ALA B 206 -5.61 -18.33 42.24
N THR B 207 -4.65 -19.23 41.89
CA THR B 207 -4.32 -20.37 42.73
C THR B 207 -3.81 -19.87 44.08
N TYR B 208 -3.05 -18.77 44.05
CA TYR B 208 -2.56 -18.18 45.28
C TYR B 208 -3.68 -17.46 46.03
N ILE B 209 -4.45 -16.66 45.32
CA ILE B 209 -5.52 -15.93 45.95
C ILE B 209 -6.40 -16.92 46.70
N PHE B 210 -6.78 -18.01 46.01
CA PHE B 210 -7.64 -19.02 46.58
C PHE B 210 -6.97 -19.75 47.72
N GLU B 211 -5.69 -20.10 47.61
CA GLU B 211 -4.95 -20.65 48.74
C GLU B 211 -5.09 -19.73 49.96
N VAL B 212 -5.06 -18.42 49.76
CA VAL B 212 -5.18 -17.45 50.84
C VAL B 212 -6.62 -17.37 51.34
N ALA B 213 -7.56 -17.11 50.41
CA ALA B 213 -8.98 -17.01 50.71
C ALA B 213 -9.52 -18.26 51.41
N ASN B 214 -8.87 -19.41 51.17
CA ASN B 214 -9.27 -20.64 51.81
C ASN B 214 -8.94 -20.50 53.30
N SER B 215 -7.68 -20.24 53.63
CA SER B 215 -7.27 -20.22 55.01
C SER B 215 -7.97 -19.11 55.82
N VAL B 216 -8.75 -18.21 55.18
CA VAL B 216 -9.55 -17.25 55.95
C VAL B 216 -11.04 -17.44 55.66
N GLY B 217 -11.39 -18.70 55.31
CA GLY B 217 -12.75 -19.20 55.32
C GLY B 217 -13.64 -18.52 54.29
N LEU B 218 -13.14 -18.39 53.06
CA LEU B 218 -13.85 -17.68 52.01
C LEU B 218 -14.15 -18.60 50.83
N THR B 219 -13.72 -19.86 50.94
CA THR B 219 -14.07 -20.91 50.00
C THR B 219 -15.23 -21.76 50.54
N GLY B 220 -15.64 -21.51 51.81
CA GLY B 220 -16.75 -22.22 52.45
C GLY B 220 -18.07 -22.10 51.70
N TYR B 221 -19.14 -22.68 52.27
CA TYR B 221 -20.49 -22.52 51.73
C TYR B 221 -20.87 -21.06 51.93
N GLY B 222 -21.80 -20.56 51.11
CA GLY B 222 -22.23 -19.18 51.21
C GLY B 222 -21.15 -18.19 50.73
N TYR B 223 -20.16 -18.71 50.00
CA TYR B 223 -19.31 -17.91 49.13
C TYR B 223 -19.28 -18.57 47.77
N THR B 224 -19.75 -17.84 46.75
CA THR B 224 -19.55 -18.22 45.36
C THR B 224 -18.59 -17.26 44.65
N TRP B 225 -17.48 -17.81 44.14
CA TRP B 225 -16.61 -17.11 43.20
C TRP B 225 -17.07 -17.31 41.75
N ILE B 226 -17.06 -16.23 40.96
CA ILE B 226 -17.20 -16.34 39.52
C ILE B 226 -15.95 -15.79 38.85
N VAL B 227 -15.41 -16.53 37.86
CA VAL B 227 -14.16 -16.14 37.24
C VAL B 227 -14.34 -16.12 35.72
N PRO B 228 -13.49 -15.34 35.00
CA PRO B 228 -13.50 -15.39 33.54
C PRO B 228 -12.70 -16.57 32.98
N SER B 229 -13.00 -16.82 31.71
CA SER B 229 -12.34 -17.81 30.88
C SER B 229 -10.89 -18.10 31.29
N LEU B 230 -10.03 -17.08 31.41
CA LEU B 230 -8.60 -17.29 31.45
C LEU B 230 -8.11 -17.88 32.78
N VAL B 231 -8.99 -17.85 33.82
CA VAL B 231 -8.69 -18.43 35.12
C VAL B 231 -8.96 -19.93 35.08
N ALA B 232 -10.03 -20.33 34.40
CA ALA B 232 -10.27 -21.74 34.12
C ALA B 232 -9.14 -22.21 33.20
N GLY B 233 -8.87 -21.38 32.20
CA GLY B 233 -7.99 -21.73 31.10
C GLY B 233 -8.33 -23.11 30.53
N ASP B 234 -7.35 -24.01 30.68
CA ASP B 234 -7.39 -25.39 30.22
C ASP B 234 -8.08 -26.22 31.29
N THR B 235 -9.26 -26.73 30.94
CA THR B 235 -10.22 -27.23 31.90
C THR B 235 -9.83 -28.62 32.40
N ASP B 236 -8.97 -29.31 31.62
CA ASP B 236 -8.40 -30.59 32.00
C ASP B 236 -7.31 -30.43 33.04
N THR B 237 -6.87 -29.18 33.28
CA THR B 237 -5.94 -28.87 34.36
C THR B 237 -6.63 -28.01 35.41
N VAL B 238 -6.75 -28.59 36.61
CA VAL B 238 -7.53 -27.98 37.66
C VAL B 238 -6.64 -27.94 38.88
N PRO B 239 -6.10 -26.77 39.24
CA PRO B 239 -5.29 -26.68 40.45
C PRO B 239 -6.10 -27.07 41.67
N SER B 240 -5.41 -27.58 42.70
CA SER B 240 -6.07 -28.07 43.90
C SER B 240 -6.59 -26.92 44.75
N GLU B 241 -6.04 -25.72 44.56
CA GLU B 241 -6.38 -24.61 45.43
C GLU B 241 -7.74 -24.08 44.99
N PHE B 242 -8.10 -24.37 43.73
CA PHE B 242 -9.41 -23.97 43.26
C PHE B 242 -10.43 -24.56 44.21
N PRO B 243 -11.36 -23.74 44.75
CA PRO B 243 -12.44 -24.27 45.57
C PRO B 243 -13.49 -24.89 44.66
N THR B 244 -14.21 -25.88 45.18
CA THR B 244 -15.33 -26.50 44.48
C THR B 244 -16.54 -25.54 44.46
N GLY B 245 -17.31 -25.56 43.38
CA GLY B 245 -18.42 -24.62 43.26
C GLY B 245 -18.00 -23.28 42.66
N LEU B 246 -16.79 -23.25 42.10
CA LEU B 246 -16.31 -22.13 41.33
C LEU B 246 -16.99 -22.16 39.97
N ILE B 247 -17.42 -21.00 39.48
CA ILE B 247 -18.13 -20.88 38.22
C ILE B 247 -17.26 -20.08 37.25
N SER B 248 -17.37 -20.37 35.96
CA SER B 248 -16.53 -19.75 34.98
C SER B 248 -17.24 -19.73 33.64
N VAL B 249 -16.89 -18.72 32.86
CA VAL B 249 -17.28 -18.62 31.48
C VAL B 249 -16.20 -19.36 30.70
N SER B 250 -16.45 -19.76 29.46
CA SER B 250 -15.47 -20.61 28.81
C SER B 250 -15.72 -20.71 27.31
N TYR B 251 -14.66 -20.48 26.56
CA TYR B 251 -14.64 -20.78 25.15
C TYR B 251 -13.48 -21.75 24.92
N ASP B 252 -13.19 -22.61 25.91
CA ASP B 252 -12.27 -23.73 25.69
C ASP B 252 -12.88 -24.64 24.62
N GLU B 253 -12.17 -25.73 24.29
CA GLU B 253 -12.52 -26.56 23.14
C GLU B 253 -13.79 -27.35 23.48
N TRP B 254 -14.95 -26.70 23.44
CA TRP B 254 -16.18 -27.36 23.84
C TRP B 254 -16.94 -27.80 22.58
N ASP B 255 -17.56 -26.85 21.88
CA ASP B 255 -18.30 -27.14 20.66
C ASP B 255 -17.49 -26.80 19.41
N TYR B 256 -16.56 -25.83 19.52
CA TYR B 256 -15.79 -25.31 18.39
C TYR B 256 -14.37 -25.89 18.40
N GLY B 257 -14.16 -26.97 17.62
CA GLY B 257 -12.99 -27.81 17.81
C GLY B 257 -11.80 -27.20 17.12
N LEU B 258 -10.61 -27.66 17.48
CA LEU B 258 -9.37 -27.05 16.99
C LEU B 258 -9.34 -27.05 15.45
N PRO B 259 -9.65 -28.16 14.74
CA PRO B 259 -9.56 -28.18 13.28
C PRO B 259 -10.54 -27.22 12.58
N ALA B 260 -11.75 -27.10 13.15
CA ALA B 260 -12.70 -26.07 12.74
C ALA B 260 -12.05 -24.69 12.81
N ARG B 261 -11.46 -24.37 13.99
CA ARG B 261 -10.82 -23.10 14.27
C ARG B 261 -9.66 -22.83 13.31
N VAL B 262 -8.85 -23.83 13.03
CA VAL B 262 -7.76 -23.67 12.08
C VAL B 262 -8.33 -23.34 10.71
N ARG B 263 -9.39 -24.05 10.31
CA ARG B 263 -9.97 -23.86 9.00
C ARG B 263 -10.50 -22.43 8.89
N ASP B 264 -11.19 -21.94 9.92
CA ASP B 264 -11.71 -20.59 9.84
C ASP B 264 -10.58 -19.55 9.88
N GLY B 265 -9.47 -19.88 10.58
CA GLY B 265 -8.31 -19.02 10.57
C GLY B 265 -7.81 -18.78 9.16
N ILE B 266 -7.70 -19.87 8.41
CA ILE B 266 -7.16 -19.80 7.06
C ILE B 266 -8.15 -19.09 6.12
N ALA B 267 -9.43 -19.42 6.24
CA ALA B 267 -10.51 -18.65 5.64
C ALA B 267 -10.31 -17.15 5.75
N ILE B 268 -10.25 -16.67 7.01
CA ILE B 268 -10.27 -15.26 7.36
C ILE B 268 -9.09 -14.53 6.72
N ILE B 269 -7.93 -15.14 6.80
CA ILE B 269 -6.73 -14.53 6.24
C ILE B 269 -6.84 -14.48 4.71
N THR B 270 -7.32 -15.56 4.08
CA THR B 270 -7.39 -15.63 2.62
C THR B 270 -8.48 -14.71 2.07
N THR B 271 -9.68 -14.69 2.68
CA THR B 271 -10.75 -13.85 2.15
C THR B 271 -10.41 -12.38 2.36
N ALA B 272 -9.68 -12.07 3.43
CA ALA B 272 -9.40 -10.67 3.75
C ALA B 272 -8.39 -10.13 2.75
N ALA B 273 -7.50 -11.02 2.28
CA ALA B 273 -6.48 -10.66 1.31
C ALA B 273 -7.08 -10.68 -0.10
N SER B 274 -8.02 -11.61 -0.35
CA SER B 274 -8.84 -11.60 -1.55
C SER B 274 -9.47 -10.21 -1.75
N ASP B 275 -10.28 -9.77 -0.77
CA ASP B 275 -11.04 -8.53 -0.86
C ASP B 275 -10.11 -7.33 -0.98
N MET B 276 -8.84 -7.46 -0.61
CA MET B 276 -7.98 -6.30 -0.66
C MET B 276 -7.25 -6.26 -2.00
N LEU B 277 -7.06 -7.42 -2.62
CA LEU B 277 -6.49 -7.47 -3.97
C LEU B 277 -7.57 -7.02 -4.95
N SER B 278 -8.81 -7.47 -4.65
CA SER B 278 -10.01 -7.18 -5.41
C SER B 278 -10.37 -5.70 -5.39
N GLU B 279 -9.90 -4.91 -4.42
CA GLU B 279 -10.35 -3.54 -4.34
C GLU B 279 -9.17 -2.56 -4.37
N HIS B 280 -7.95 -3.03 -4.60
CA HIS B 280 -6.77 -2.17 -4.62
C HIS B 280 -5.70 -2.70 -5.58
N SER B 281 -5.86 -3.92 -6.13
CA SER B 281 -4.97 -4.44 -7.15
C SER B 281 -3.58 -4.70 -6.55
N PHE B 282 -3.58 -4.90 -5.22
CA PHE B 282 -2.42 -5.35 -4.48
C PHE B 282 -2.80 -5.74 -3.05
N ILE B 283 -2.02 -6.68 -2.51
CA ILE B 283 -1.95 -6.99 -1.10
C ILE B 283 -0.57 -6.60 -0.58
N PRO B 284 -0.43 -6.35 0.75
CA PRO B 284 0.85 -5.99 1.35
C PRO B 284 1.87 -7.12 1.29
N GLU B 285 3.12 -6.78 0.95
CA GLU B 285 4.14 -7.76 0.65
C GLU B 285 4.71 -8.36 1.94
N PRO B 286 4.77 -9.72 2.08
CA PRO B 286 5.37 -10.34 3.26
C PRO B 286 6.76 -9.77 3.52
N LYS B 287 7.03 -9.50 4.80
CA LYS B 287 8.23 -8.76 5.21
C LYS B 287 9.41 -9.71 5.11
N SER B 288 10.36 -9.40 4.22
CA SER B 288 11.55 -10.24 4.03
C SER B 288 12.07 -10.73 5.38
N SER B 289 12.31 -9.78 6.28
CA SER B 289 13.01 -10.04 7.52
C SER B 289 12.36 -9.22 8.64
N CYS B 290 12.46 -9.76 9.86
CA CYS B 290 12.18 -9.00 11.07
C CYS B 290 13.50 -8.49 11.66
N TYR B 291 14.65 -8.89 11.10
CA TYR B 291 15.92 -8.27 11.43
C TYR B 291 16.16 -7.07 10.49
N ASN B 292 15.10 -6.30 10.17
CA ASN B 292 15.21 -5.00 9.51
C ASN B 292 13.87 -4.25 9.45
N THR B 293 13.02 -4.36 10.49
CA THR B 293 11.70 -3.76 10.45
C THR B 293 11.76 -2.25 10.72
N HIS B 294 12.96 -1.76 11.11
CA HIS B 294 13.21 -0.34 11.35
C HIS B 294 13.09 0.49 10.07
N GLU B 295 13.71 0.01 8.97
CA GLU B 295 13.79 0.71 7.69
C GLU B 295 12.47 0.58 6.92
N LYS B 296 12.04 -0.68 6.76
CA LYS B 296 10.90 -1.04 5.91
C LYS B 296 9.56 -0.77 6.61
N ARG B 297 9.28 0.47 7.02
CA ARG B 297 8.19 0.78 7.94
C ARG B 297 7.25 1.86 7.39
N ILE B 298 7.84 2.85 6.68
CA ILE B 298 7.11 3.71 5.76
C ILE B 298 6.49 2.87 4.64
N TYR B 299 7.07 1.70 4.38
CA TYR B 299 6.64 0.84 3.29
C TYR B 299 5.56 -0.15 3.71
N GLN B 300 5.14 -0.09 4.97
CA GLN B 300 4.16 -1.01 5.52
C GLN B 300 3.16 -0.25 6.37
N SER B 301 1.99 -0.85 6.47
CA SER B 301 0.91 -0.36 7.30
C SER B 301 0.10 -1.57 7.72
N ASN B 302 -0.93 -1.34 8.54
CA ASN B 302 -1.84 -2.42 8.88
C ASN B 302 -3.14 -2.12 8.15
N MET B 303 -3.00 -2.00 6.82
CA MET B 303 -4.11 -1.75 5.93
C MET B 303 -5.00 -2.98 5.93
N LEU B 304 -4.41 -4.17 5.99
CA LEU B 304 -5.20 -5.38 5.82
C LEU B 304 -6.21 -5.59 6.96
N ASN B 305 -6.21 -4.71 7.96
CA ASN B 305 -6.99 -4.93 9.18
C ASN B 305 -8.47 -4.74 8.92
N ARG B 306 -8.80 -3.79 8.05
CA ARG B 306 -10.19 -3.43 7.79
C ARG B 306 -10.93 -4.58 7.10
N TYR B 307 -10.19 -5.45 6.40
CA TYR B 307 -10.72 -6.61 5.71
C TYR B 307 -10.74 -7.86 6.58
N LEU B 308 -9.87 -7.93 7.60
CA LEU B 308 -9.82 -9.07 8.52
C LEU B 308 -11.00 -9.07 9.47
N ILE B 309 -11.56 -7.88 9.75
CA ILE B 309 -12.53 -7.77 10.84
C ILE B 309 -13.93 -8.08 10.33
N ASN B 310 -14.12 -8.16 9.01
CA ASN B 310 -15.48 -8.16 8.48
C ASN B 310 -15.66 -9.29 7.48
N VAL B 311 -15.32 -10.52 7.89
CA VAL B 311 -15.29 -11.67 7.01
C VAL B 311 -16.47 -12.61 7.30
N THR B 312 -17.00 -13.25 6.22
CA THR B 312 -17.91 -14.40 6.29
C THR B 312 -17.44 -15.50 5.34
N PHE B 313 -17.69 -16.77 5.69
CA PHE B 313 -17.19 -17.87 4.90
C PHE B 313 -18.07 -19.11 5.05
N GLU B 314 -18.38 -19.74 3.88
CA GLU B 314 -19.43 -20.73 3.78
C GLU B 314 -20.64 -20.17 4.53
N GLY B 315 -20.85 -18.84 4.35
CA GLY B 315 -21.89 -18.05 5.00
C GLY B 315 -21.96 -18.26 6.51
N ARG B 316 -20.84 -18.07 7.21
CA ARG B 316 -20.81 -17.94 8.66
C ARG B 316 -20.17 -16.61 9.03
N ASP B 317 -20.75 -15.87 9.98
CA ASP B 317 -20.26 -14.54 10.32
C ASP B 317 -19.07 -14.66 11.27
N LEU B 318 -17.87 -14.41 10.73
CA LEU B 318 -16.61 -14.56 11.44
C LEU B 318 -16.04 -13.17 11.79
N SER B 319 -16.92 -12.18 11.99
CA SER B 319 -16.50 -10.82 12.27
C SER B 319 -15.66 -10.78 13.55
N PHE B 320 -14.77 -9.78 13.59
CA PHE B 320 -13.99 -9.49 14.77
C PHE B 320 -14.39 -8.14 15.34
N SER B 321 -14.45 -8.08 16.66
CA SER B 321 -14.56 -6.86 17.44
C SER B 321 -13.45 -5.91 16.95
N GLU B 322 -13.52 -4.63 17.33
CA GLU B 322 -12.49 -3.71 16.89
C GLU B 322 -11.28 -3.87 17.81
N ASP B 323 -11.51 -4.46 18.99
CA ASP B 323 -10.43 -4.87 19.88
C ASP B 323 -9.76 -6.20 19.46
N GLY B 324 -10.17 -6.81 18.34
CA GLY B 324 -9.55 -8.05 17.85
C GLY B 324 -9.95 -9.28 18.66
N TYR B 325 -11.23 -9.28 19.08
CA TYR B 325 -11.89 -10.39 19.73
C TYR B 325 -12.92 -10.96 18.78
N GLN B 326 -13.65 -12.00 19.19
CA GLN B 326 -14.71 -12.54 18.36
C GLN B 326 -16.03 -11.85 18.72
N MET B 327 -16.79 -11.50 17.68
CA MET B 327 -17.95 -10.65 17.84
C MET B 327 -19.05 -11.37 18.62
N HIS B 328 -19.49 -12.52 18.11
CA HIS B 328 -20.51 -13.33 18.80
C HIS B 328 -19.98 -14.75 18.86
N PRO B 329 -19.37 -15.15 19.98
CA PRO B 329 -19.02 -16.55 20.24
C PRO B 329 -20.05 -17.19 21.17
N LYS B 330 -20.31 -18.50 21.02
CA LYS B 330 -21.18 -19.22 21.94
C LYS B 330 -20.39 -19.63 23.17
N LEU B 331 -20.64 -18.98 24.32
CA LEU B 331 -19.89 -19.25 25.52
C LEU B 331 -20.54 -20.36 26.33
N VAL B 332 -19.75 -21.05 27.16
CA VAL B 332 -20.23 -22.18 27.90
C VAL B 332 -19.98 -21.87 29.36
N ILE B 333 -21.04 -21.74 30.17
CA ILE B 333 -20.85 -21.57 31.60
C ILE B 333 -20.44 -22.93 32.14
N ILE B 334 -19.64 -22.98 33.20
CA ILE B 334 -19.09 -24.24 33.63
C ILE B 334 -18.90 -24.17 35.12
N LEU B 335 -18.94 -25.34 35.76
CA LEU B 335 -18.89 -25.38 37.20
C LEU B 335 -17.94 -26.49 37.60
N LEU B 336 -17.09 -26.14 38.57
CA LEU B 336 -16.19 -27.10 39.15
C LEU B 336 -16.96 -27.90 40.19
N ASN B 337 -17.22 -29.19 39.86
CA ASN B 337 -18.03 -30.11 40.66
C ASN B 337 -17.15 -30.85 41.69
N LYS B 338 -17.78 -31.76 42.47
CA LYS B 338 -17.18 -32.29 43.70
C LYS B 338 -16.10 -33.32 43.35
N GLU B 339 -16.14 -33.86 42.12
CA GLU B 339 -15.08 -34.73 41.63
C GLU B 339 -13.94 -33.90 41.05
N ARG B 340 -14.04 -32.56 41.14
CA ARG B 340 -13.04 -31.62 40.65
C ARG B 340 -13.00 -31.65 39.12
N LYS B 341 -14.16 -31.40 38.51
CA LYS B 341 -14.30 -31.51 37.07
C LYS B 341 -15.12 -30.33 36.59
N TRP B 342 -14.65 -29.68 35.52
CA TRP B 342 -15.47 -28.65 34.89
C TRP B 342 -16.59 -29.38 34.15
N GLU B 343 -17.81 -29.08 34.62
CA GLU B 343 -19.06 -29.57 34.06
C GLU B 343 -19.80 -28.38 33.45
N ARG B 344 -20.33 -28.52 32.22
CA ARG B 344 -21.23 -27.51 31.67
C ARG B 344 -22.50 -27.33 32.51
N VAL B 345 -23.00 -26.10 32.51
CA VAL B 345 -24.04 -25.67 33.43
C VAL B 345 -24.83 -24.52 32.80
N GLY B 346 -24.59 -24.22 31.50
CA GLY B 346 -25.08 -23.00 30.86
C GLY B 346 -24.49 -22.79 29.48
N LYS B 347 -25.23 -22.08 28.61
CA LYS B 347 -24.83 -21.82 27.23
C LYS B 347 -25.33 -20.41 26.88
N TRP B 348 -24.44 -19.56 26.37
CA TRP B 348 -24.76 -18.17 26.06
C TRP B 348 -24.74 -17.97 24.55
N LYS B 349 -25.89 -17.68 23.95
CA LYS B 349 -26.00 -17.57 22.50
C LYS B 349 -27.22 -16.71 22.17
N ASP B 350 -27.23 -16.17 20.94
CA ASP B 350 -28.14 -15.10 20.58
C ASP B 350 -28.35 -14.21 21.82
N LYS B 351 -27.23 -13.70 22.35
CA LYS B 351 -27.14 -12.79 23.49
C LYS B 351 -28.14 -13.16 24.60
N SER B 352 -28.39 -14.47 24.79
CA SER B 352 -29.38 -14.99 25.72
C SER B 352 -28.78 -16.10 26.57
N LEU B 353 -28.70 -15.88 27.90
CA LEU B 353 -28.18 -16.88 28.83
C LEU B 353 -29.20 -18.02 28.92
N GLN B 354 -28.72 -19.27 29.00
CA GLN B 354 -29.61 -20.42 29.00
C GLN B 354 -29.06 -21.50 29.95
N MET B 355 -29.40 -21.37 31.24
CA MET B 355 -28.77 -22.20 32.25
C MET B 355 -29.37 -23.59 32.29
N LYS B 356 -28.70 -24.49 32.99
CA LYS B 356 -29.22 -25.85 33.10
C LYS B 356 -30.11 -25.88 34.35
N TYR B 357 -29.51 -25.57 35.50
CA TYR B 357 -30.21 -25.66 36.77
C TYR B 357 -31.19 -24.50 36.94
N TYR B 358 -32.15 -24.70 37.85
CA TYR B 358 -32.96 -23.62 38.37
C TYR B 358 -32.36 -23.27 39.73
N VAL B 359 -32.18 -24.23 40.62
CA VAL B 359 -31.39 -23.91 41.79
C VAL B 359 -30.07 -24.66 41.72
N TRP B 360 -29.12 -24.15 42.49
CA TRP B 360 -27.77 -24.66 42.49
C TRP B 360 -27.77 -25.87 43.42
N PRO B 361 -27.42 -27.10 42.92
CA PRO B 361 -27.19 -28.24 43.79
C PRO B 361 -25.80 -28.13 44.40
N ARG B 362 -25.56 -28.85 45.52
CA ARG B 362 -24.44 -28.55 46.40
C ARG B 362 -23.38 -29.64 46.36
N MET B 363 -22.12 -29.21 46.23
CA MET B 363 -20.98 -30.08 45.93
C MET B 363 -20.26 -30.48 47.23
N ASP C 1 29.95 -13.22 -51.87
CA ASP C 1 29.35 -12.49 -53.03
C ASP C 1 27.92 -12.02 -52.74
N PRO C 2 27.08 -12.65 -51.86
CA PRO C 2 25.74 -12.13 -51.59
C PRO C 2 25.70 -11.26 -50.33
N LYS C 3 24.79 -10.28 -50.34
CA LYS C 3 24.47 -9.43 -49.20
C LYS C 3 23.54 -10.17 -48.26
N ILE C 4 23.81 -10.05 -46.94
CA ILE C 4 23.07 -10.81 -45.94
C ILE C 4 21.96 -9.95 -45.33
N VAL C 5 20.74 -10.53 -45.34
CA VAL C 5 19.53 -9.90 -44.83
C VAL C 5 19.01 -10.72 -43.65
N ASN C 6 19.07 -10.15 -42.44
CA ASN C 6 18.63 -10.86 -41.27
C ASN C 6 17.11 -10.72 -41.11
N ILE C 7 16.50 -11.80 -40.61
CA ILE C 7 15.12 -11.81 -40.17
C ILE C 7 15.15 -12.09 -38.67
N GLY C 8 14.56 -11.21 -37.86
CA GLY C 8 14.31 -11.51 -36.46
C GLY C 8 13.05 -12.40 -36.28
N ALA C 9 12.97 -13.06 -35.13
CA ALA C 9 11.72 -13.65 -34.64
C ALA C 9 11.76 -13.74 -33.12
N VAL C 10 10.56 -13.82 -32.52
CA VAL C 10 10.40 -14.00 -31.09
C VAL C 10 9.33 -15.06 -30.91
N LEU C 11 9.81 -16.30 -30.68
CA LEU C 11 8.95 -17.45 -30.82
C LEU C 11 8.79 -18.11 -29.46
N SER C 12 7.87 -19.09 -29.41
CA SER C 12 7.42 -19.66 -28.15
C SER C 12 8.56 -20.40 -27.45
N THR C 13 9.06 -21.43 -28.17
CA THR C 13 9.97 -22.42 -27.66
C THR C 13 11.22 -22.45 -28.55
N LYS C 14 12.25 -23.17 -28.09
CA LYS C 14 13.47 -23.36 -28.85
C LYS C 14 13.16 -24.26 -30.04
N LYS C 15 12.17 -25.14 -29.87
CA LYS C 15 11.74 -25.99 -30.96
C LYS C 15 11.22 -25.13 -32.11
N HIS C 16 10.72 -23.94 -31.77
CA HIS C 16 10.08 -23.07 -32.73
C HIS C 16 11.17 -22.30 -33.47
N GLU C 17 12.19 -21.90 -32.72
CA GLU C 17 13.33 -21.23 -33.33
C GLU C 17 13.91 -22.15 -34.41
N GLN C 18 13.85 -23.44 -34.14
CA GLN C 18 14.29 -24.47 -35.06
C GLN C 18 13.47 -24.41 -36.35
N ILE C 19 12.13 -24.45 -36.22
CA ILE C 19 11.26 -24.43 -37.39
C ILE C 19 11.41 -23.13 -38.20
N PHE C 20 11.94 -22.09 -37.53
CA PHE C 20 12.22 -20.80 -38.14
C PHE C 20 13.42 -20.88 -39.05
N ARG C 21 14.55 -21.42 -38.53
CA ARG C 21 15.76 -21.66 -39.30
C ARG C 21 15.47 -22.58 -40.49
N GLU C 22 14.72 -23.66 -40.24
CA GLU C 22 14.28 -24.54 -41.31
C GLU C 22 13.58 -23.73 -42.38
N ALA C 23 12.62 -22.90 -41.96
CA ALA C 23 11.77 -22.13 -42.87
C ALA C 23 12.56 -21.04 -43.61
N VAL C 24 13.48 -20.35 -42.92
CA VAL C 24 14.30 -19.30 -43.53
C VAL C 24 15.10 -19.91 -44.67
N ASN C 25 15.61 -21.12 -44.42
CA ASN C 25 16.56 -21.74 -45.34
C ASN C 25 15.87 -22.28 -46.59
N GLN C 26 14.64 -22.77 -46.45
CA GLN C 26 13.90 -23.27 -47.59
C GLN C 26 13.54 -22.11 -48.52
N ALA C 27 13.59 -20.89 -47.98
CA ALA C 27 13.30 -19.69 -48.75
C ALA C 27 14.53 -19.29 -49.55
N ASN C 28 15.71 -19.55 -48.96
CA ASN C 28 16.99 -19.34 -49.62
C ASN C 28 17.12 -20.28 -50.82
N LYS C 29 16.59 -21.50 -50.68
CA LYS C 29 16.54 -22.46 -51.78
C LYS C 29 15.61 -21.94 -52.86
N ARG C 30 14.35 -21.68 -52.51
CA ARG C 30 13.31 -21.40 -53.49
C ARG C 30 13.67 -20.21 -54.42
N HIS C 31 14.39 -19.19 -53.93
CA HIS C 31 14.63 -17.95 -54.68
C HIS C 31 16.09 -17.85 -55.13
N PHE C 32 16.35 -17.00 -56.15
CA PHE C 32 17.67 -16.87 -56.78
C PHE C 32 18.56 -15.91 -55.97
N THR C 33 19.46 -16.51 -55.17
CA THR C 33 20.07 -15.87 -54.02
C THR C 33 21.60 -15.91 -54.12
N ARG C 34 22.15 -15.36 -55.21
CA ARG C 34 23.56 -14.95 -55.24
C ARG C 34 23.65 -13.44 -54.96
N LYS C 35 22.57 -12.69 -55.26
CA LYS C 35 22.51 -11.27 -54.97
C LYS C 35 22.34 -11.07 -53.46
N ILE C 36 21.21 -11.54 -52.89
CA ILE C 36 20.89 -11.34 -51.48
C ILE C 36 20.42 -12.66 -50.86
N GLN C 37 20.76 -12.85 -49.56
CA GLN C 37 20.54 -14.13 -48.89
C GLN C 37 20.16 -13.96 -47.41
N LEU C 38 19.15 -14.74 -47.01
CA LEU C 38 18.46 -14.53 -45.75
C LEU C 38 19.16 -15.32 -44.67
N GLN C 39 18.99 -14.85 -43.45
CA GLN C 39 19.68 -15.40 -42.30
C GLN C 39 18.81 -15.14 -41.07
N ALA C 40 18.53 -16.22 -40.33
CA ALA C 40 17.63 -16.19 -39.18
C ALA C 40 18.38 -15.73 -37.93
N THR C 41 17.97 -14.59 -37.38
CA THR C 41 18.18 -14.25 -35.98
C THR C 41 16.89 -14.57 -35.21
N SER C 42 16.97 -14.69 -33.88
CA SER C 42 15.77 -15.03 -33.11
C SER C 42 16.07 -15.11 -31.62
N VAL C 43 14.99 -14.99 -30.84
CA VAL C 43 14.97 -15.29 -29.43
C VAL C 43 13.62 -15.92 -29.09
N THR C 44 13.41 -16.15 -27.78
CA THR C 44 12.15 -16.64 -27.25
C THR C 44 11.67 -15.54 -26.32
N HIS C 45 10.42 -15.66 -25.87
CA HIS C 45 9.80 -14.63 -25.05
C HIS C 45 10.55 -14.49 -23.72
N ARG C 46 11.07 -13.28 -23.45
CA ARG C 46 11.56 -12.92 -22.13
C ARG C 46 10.37 -12.91 -21.19
N PRO C 47 10.60 -13.10 -19.87
CA PRO C 47 9.50 -13.15 -18.89
C PRO C 47 8.65 -11.89 -18.74
N ASN C 48 9.26 -10.72 -18.94
CA ASN C 48 8.58 -9.46 -18.65
C ASN C 48 8.83 -8.50 -19.80
N ALA C 49 7.96 -7.46 -19.89
CA ALA C 49 7.88 -6.57 -21.04
C ALA C 49 9.18 -5.83 -21.26
N ILE C 50 9.79 -5.37 -20.15
CA ILE C 50 11.04 -4.62 -20.24
C ILE C 50 12.18 -5.48 -20.77
N GLN C 51 12.35 -6.69 -20.27
CA GLN C 51 13.45 -7.53 -20.73
C GLN C 51 13.21 -7.92 -22.20
N MET C 52 11.93 -8.10 -22.54
CA MET C 52 11.55 -8.46 -23.89
C MET C 52 11.86 -7.32 -24.85
N ALA C 53 11.72 -6.08 -24.38
CA ALA C 53 12.02 -4.92 -25.21
C ALA C 53 13.53 -4.82 -25.43
N LEU C 54 14.30 -4.85 -24.33
CA LEU C 54 15.75 -4.83 -24.35
C LEU C 54 16.27 -5.95 -25.25
N SER C 55 15.64 -7.11 -25.16
CA SER C 55 16.07 -8.25 -25.95
C SER C 55 15.95 -7.95 -27.45
N VAL C 56 14.93 -7.19 -27.85
CA VAL C 56 14.76 -6.84 -29.24
C VAL C 56 15.97 -5.98 -29.64
N CYS C 57 16.31 -5.01 -28.79
CA CYS C 57 17.46 -4.16 -29.05
C CYS C 57 18.73 -4.99 -29.17
N GLU C 58 18.99 -5.82 -28.13
CA GLU C 58 20.26 -6.51 -27.97
C GLU C 58 20.45 -7.58 -29.04
N ASP C 59 19.41 -8.36 -29.33
CA ASP C 59 19.61 -9.60 -30.08
C ASP C 59 19.19 -9.43 -31.53
N LEU C 60 18.24 -8.53 -31.82
CA LEU C 60 17.55 -8.54 -33.11
C LEU C 60 17.86 -7.29 -33.93
N ILE C 61 17.85 -6.12 -33.28
CA ILE C 61 18.04 -4.88 -34.01
C ILE C 61 19.54 -4.63 -34.18
N SER C 62 20.37 -5.23 -33.32
CA SER C 62 21.82 -5.17 -33.49
C SER C 62 22.31 -6.15 -34.56
N SER C 63 21.44 -7.07 -35.03
CA SER C 63 21.73 -7.89 -36.20
C SER C 63 21.20 -7.25 -37.49
N GLN C 64 20.64 -6.03 -37.39
CA GLN C 64 19.97 -5.31 -38.48
C GLN C 64 18.89 -6.15 -39.17
N VAL C 65 17.82 -6.48 -38.43
CA VAL C 65 16.71 -7.26 -38.98
C VAL C 65 15.80 -6.32 -39.77
N TYR C 66 15.29 -6.89 -40.86
CA TYR C 66 14.41 -6.22 -41.80
C TYR C 66 12.96 -6.35 -41.34
N ALA C 67 12.70 -7.29 -40.43
CA ALA C 67 11.35 -7.61 -39.98
C ALA C 67 11.41 -8.62 -38.83
N ILE C 68 10.39 -8.57 -37.97
CA ILE C 68 10.30 -9.47 -36.83
C ILE C 68 9.00 -10.28 -36.85
N LEU C 69 9.14 -11.59 -36.67
CA LEU C 69 8.00 -12.45 -36.43
C LEU C 69 7.82 -12.55 -34.94
N VAL C 70 6.58 -12.81 -34.54
CA VAL C 70 6.22 -12.73 -33.15
C VAL C 70 5.10 -13.72 -32.95
N SER C 71 5.38 -14.76 -32.18
CA SER C 71 4.32 -15.62 -31.69
C SER C 71 3.63 -14.92 -30.53
N HIS C 72 2.36 -15.29 -30.30
CA HIS C 72 1.65 -14.91 -29.09
C HIS C 72 2.08 -15.89 -27.98
N PRO C 73 2.63 -15.40 -26.84
CA PRO C 73 3.06 -16.30 -25.77
C PRO C 73 1.92 -17.24 -25.38
N PRO C 74 2.18 -18.51 -24.94
CA PRO C 74 1.14 -19.33 -24.32
C PRO C 74 1.25 -19.37 -22.79
N ALA C 75 0.15 -19.59 -22.03
CA ALA C 75 -1.23 -19.70 -22.52
C ALA C 75 -2.13 -18.69 -21.78
N HIS C 79 0.03 -13.65 -19.69
CA HIS C 79 -0.09 -12.22 -19.27
C HIS C 79 0.58 -11.29 -20.30
N LEU C 80 1.83 -11.60 -20.67
CA LEU C 80 2.63 -10.74 -21.56
C LEU C 80 2.26 -11.01 -23.03
N THR C 81 2.53 -10.02 -23.89
CA THR C 81 1.98 -9.97 -25.24
C THR C 81 3.01 -9.47 -26.26
N PRO C 82 2.68 -9.47 -27.57
CA PRO C 82 3.55 -8.90 -28.59
C PRO C 82 3.86 -7.41 -28.53
N THR C 83 3.18 -6.72 -27.60
CA THR C 83 3.14 -5.28 -27.63
C THR C 83 4.54 -4.70 -27.56
N PRO C 84 5.45 -5.19 -26.67
CA PRO C 84 6.76 -4.56 -26.47
C PRO C 84 7.70 -4.73 -27.64
N ILE C 85 7.43 -5.75 -28.47
CA ILE C 85 8.08 -5.95 -29.76
C ILE C 85 7.53 -4.95 -30.80
N SER C 86 6.20 -4.88 -30.93
CA SER C 86 5.56 -3.97 -31.86
C SER C 86 6.05 -2.56 -31.59
N TYR C 87 6.11 -2.22 -30.31
CA TYR C 87 6.64 -0.93 -29.91
C TYR C 87 8.08 -0.75 -30.38
N THR C 88 8.95 -1.70 -30.04
CA THR C 88 10.37 -1.44 -30.17
C THR C 88 10.76 -1.37 -31.65
N ALA C 89 10.26 -2.35 -32.42
CA ALA C 89 10.49 -2.40 -33.85
C ALA C 89 9.79 -1.24 -34.54
N GLY C 90 8.54 -0.99 -34.18
CA GLY C 90 7.77 0.14 -34.71
C GLY C 90 8.42 1.50 -34.48
N PHE C 91 9.26 1.65 -33.44
CA PHE C 91 10.00 2.88 -33.21
C PHE C 91 10.95 3.17 -34.39
N TYR C 92 11.41 2.13 -35.08
CA TYR C 92 12.29 2.29 -36.23
C TYR C 92 11.54 1.95 -37.53
N ARG C 93 10.21 1.86 -37.43
CA ARG C 93 9.37 1.52 -38.57
C ARG C 93 9.82 0.19 -39.19
N ILE C 94 10.31 -0.73 -38.36
CA ILE C 94 10.62 -2.10 -38.75
C ILE C 94 9.34 -2.91 -38.66
N PRO C 95 8.92 -3.55 -39.78
CA PRO C 95 7.65 -4.27 -39.82
C PRO C 95 7.70 -5.45 -38.89
N VAL C 96 6.53 -5.81 -38.35
CA VAL C 96 6.37 -6.93 -37.43
C VAL C 96 5.26 -7.81 -38.01
N ILE C 97 5.51 -9.12 -38.01
CA ILE C 97 4.48 -10.07 -38.38
C ILE C 97 4.13 -10.88 -37.13
N GLY C 98 2.91 -10.66 -36.63
CA GLY C 98 2.32 -11.50 -35.61
C GLY C 98 1.78 -12.75 -36.27
N LEU C 99 1.91 -13.87 -35.59
CA LEU C 99 1.66 -15.16 -36.21
C LEU C 99 0.37 -15.75 -35.64
N THR C 100 0.01 -15.36 -34.40
CA THR C 100 -1.07 -16.03 -33.69
C THR C 100 -1.93 -15.08 -32.86
N THR C 101 -1.73 -13.76 -32.94
CA THR C 101 -2.39 -12.83 -32.04
C THR C 101 -3.74 -12.44 -32.64
N ARG C 102 -4.80 -12.53 -31.82
CA ARG C 102 -6.15 -12.39 -32.35
C ARG C 102 -6.80 -11.05 -31.94
N MET C 103 -6.28 -10.41 -30.88
CA MET C 103 -6.86 -9.18 -30.35
C MET C 103 -6.95 -8.11 -31.45
N SER C 104 -8.08 -7.39 -31.46
CA SER C 104 -8.43 -6.42 -32.50
C SER C 104 -7.62 -5.12 -32.36
N ILE C 105 -7.14 -4.84 -31.16
CA ILE C 105 -6.35 -3.65 -30.89
C ILE C 105 -5.18 -3.53 -31.87
N TYR C 106 -4.66 -4.63 -32.44
CA TYR C 106 -3.41 -4.61 -33.19
C TYR C 106 -3.67 -4.17 -34.64
N SER C 107 -4.95 -3.82 -34.90
CA SER C 107 -5.39 -3.30 -36.18
C SER C 107 -5.36 -1.78 -36.15
N ASP C 108 -4.94 -1.21 -35.01
CA ASP C 108 -4.95 0.23 -34.80
C ASP C 108 -3.56 0.79 -35.06
N LYS C 109 -3.43 1.54 -36.17
CA LYS C 109 -2.18 2.08 -36.68
C LYS C 109 -1.66 3.21 -35.82
N SER C 110 -2.55 3.88 -35.08
CA SER C 110 -2.16 4.85 -34.07
C SER C 110 -1.28 4.22 -33.01
N ILE C 111 -1.50 2.95 -32.71
CA ILE C 111 -0.71 2.29 -31.67
C ILE C 111 0.38 1.42 -32.30
N HIS C 112 -0.07 0.55 -33.21
CA HIS C 112 0.75 -0.49 -33.81
C HIS C 112 0.89 -0.16 -35.29
N LEU C 113 1.91 0.65 -35.61
CA LEU C 113 1.96 1.25 -36.93
C LEU C 113 2.80 0.43 -37.89
N SER C 114 3.37 -0.68 -37.42
CA SER C 114 4.34 -1.41 -38.23
C SER C 114 4.03 -2.89 -38.15
N PHE C 115 2.74 -3.24 -38.15
CA PHE C 115 2.32 -4.55 -37.71
C PHE C 115 1.36 -5.18 -38.72
N LEU C 116 1.74 -6.38 -39.19
CA LEU C 116 0.83 -7.24 -39.96
C LEU C 116 0.65 -8.54 -39.20
N ARG C 117 -0.33 -9.34 -39.61
CA ARG C 117 -0.47 -10.64 -38.98
C ARG C 117 -1.12 -11.64 -39.95
N THR C 118 -0.78 -12.91 -39.72
CA THR C 118 -1.19 -14.01 -40.57
C THR C 118 -2.47 -14.65 -40.05
N VAL C 119 -2.87 -14.31 -38.81
CA VAL C 119 -4.22 -14.62 -38.36
C VAL C 119 -5.07 -13.36 -38.45
N PRO C 120 -6.40 -13.49 -38.65
CA PRO C 120 -7.32 -12.36 -38.53
C PRO C 120 -7.64 -12.00 -37.09
N PRO C 121 -7.95 -10.70 -36.78
CA PRO C 121 -8.49 -10.31 -35.48
C PRO C 121 -9.86 -10.93 -35.30
N TYR C 122 -10.30 -11.12 -34.04
CA TYR C 122 -11.55 -11.78 -33.78
C TYR C 122 -12.70 -11.03 -34.45
N SER C 123 -12.51 -9.72 -34.67
CA SER C 123 -13.56 -8.88 -35.21
C SER C 123 -13.96 -9.36 -36.60
N HIS C 124 -13.13 -10.13 -37.30
CA HIS C 124 -13.48 -10.59 -38.64
C HIS C 124 -14.36 -11.84 -38.61
N GLN C 125 -14.56 -12.41 -37.42
CA GLN C 125 -15.57 -13.46 -37.28
C GLN C 125 -16.92 -12.98 -37.81
N ALA C 126 -17.08 -11.65 -37.98
CA ALA C 126 -18.30 -11.05 -38.49
C ALA C 126 -18.51 -11.35 -39.97
N LEU C 127 -17.43 -11.47 -40.77
CA LEU C 127 -17.52 -11.95 -42.13
C LEU C 127 -18.26 -13.29 -42.16
N VAL C 128 -17.98 -14.17 -41.19
CA VAL C 128 -18.58 -15.48 -41.18
C VAL C 128 -20.05 -15.36 -40.79
N TRP C 129 -20.30 -14.84 -39.60
CA TRP C 129 -21.64 -14.45 -39.16
C TRP C 129 -22.52 -13.95 -40.31
N PHE C 130 -22.00 -13.02 -41.11
CA PHE C 130 -22.76 -12.40 -42.18
C PHE C 130 -23.16 -13.37 -43.29
N GLU C 131 -22.21 -14.19 -43.78
CA GLU C 131 -22.50 -15.18 -44.82
C GLU C 131 -23.46 -16.25 -44.30
N MET C 132 -23.41 -16.54 -42.98
CA MET C 132 -24.31 -17.50 -42.36
C MET C 132 -25.70 -16.91 -42.19
N MET C 133 -25.78 -15.57 -42.14
CA MET C 133 -27.06 -14.86 -42.14
C MET C 133 -27.70 -14.99 -43.51
N ARG C 134 -26.95 -14.63 -44.56
CA ARG C 134 -27.44 -14.67 -45.92
C ARG C 134 -27.91 -16.08 -46.25
N LEU C 135 -27.08 -17.07 -45.95
CA LEU C 135 -27.39 -18.45 -46.31
C LEU C 135 -28.65 -18.93 -45.60
N PHE C 136 -28.65 -18.86 -44.26
CA PHE C 136 -29.75 -19.38 -43.46
C PHE C 136 -30.85 -18.33 -43.29
N ASN C 137 -31.00 -17.45 -44.29
CA ASN C 137 -32.03 -16.43 -44.37
C ASN C 137 -32.42 -15.94 -42.98
N TRP C 138 -31.43 -15.34 -42.28
CA TRP C 138 -31.63 -14.61 -41.04
C TRP C 138 -31.55 -13.11 -41.31
N ASN C 139 -32.72 -12.49 -41.52
CA ASN C 139 -32.75 -11.09 -41.91
C ASN C 139 -32.92 -10.20 -40.69
N HIS C 140 -33.10 -10.81 -39.50
CA HIS C 140 -33.46 -10.07 -38.29
C HIS C 140 -32.70 -10.63 -37.09
N VAL C 141 -31.64 -9.92 -36.67
CA VAL C 141 -30.71 -10.43 -35.66
C VAL C 141 -30.52 -9.39 -34.58
N ILE C 142 -30.52 -9.85 -33.33
CA ILE C 142 -30.12 -9.08 -32.17
C ILE C 142 -28.61 -9.27 -32.00
N LEU C 143 -27.89 -8.24 -31.53
CA LEU C 143 -26.46 -8.38 -31.37
C LEU C 143 -26.03 -7.88 -30.00
N ILE C 144 -25.77 -8.82 -29.07
CA ILE C 144 -25.17 -8.51 -27.78
C ILE C 144 -23.65 -8.42 -27.90
N VAL C 145 -22.99 -7.62 -27.06
CA VAL C 145 -21.65 -7.14 -27.36
C VAL C 145 -21.04 -6.49 -26.12
N SER C 146 -19.90 -6.99 -25.65
CA SER C 146 -19.21 -6.35 -24.52
C SER C 146 -18.85 -4.92 -24.93
N ASP C 147 -18.87 -4.03 -23.93
CA ASP C 147 -18.52 -2.63 -24.13
C ASP C 147 -17.04 -2.51 -23.76
N ASP C 148 -16.21 -2.97 -24.69
CA ASP C 148 -14.77 -2.88 -24.62
C ASP C 148 -14.34 -2.75 -26.07
N HIS C 149 -13.03 -2.59 -26.30
CA HIS C 149 -12.50 -2.47 -27.66
C HIS C 149 -12.95 -3.61 -28.55
N GLU C 150 -12.92 -4.84 -28.02
CA GLU C 150 -13.08 -6.03 -28.84
C GLU C 150 -14.51 -6.09 -29.35
N GLY C 151 -15.49 -6.01 -28.43
CA GLY C 151 -16.89 -6.11 -28.77
C GLY C 151 -17.34 -4.99 -29.70
N ARG C 152 -16.86 -3.77 -29.42
CA ARG C 152 -17.11 -2.62 -30.27
C ARG C 152 -16.58 -2.88 -31.68
N ALA C 153 -15.40 -3.51 -31.80
CA ALA C 153 -14.73 -3.72 -33.08
C ALA C 153 -15.50 -4.73 -33.93
N ALA C 154 -16.17 -5.68 -33.24
CA ALA C 154 -17.05 -6.71 -33.80
C ALA C 154 -18.34 -6.13 -34.37
N GLN C 155 -18.89 -5.19 -33.60
CA GLN C 155 -20.08 -4.43 -33.96
C GLN C 155 -19.82 -3.61 -35.22
N LYS C 156 -18.75 -2.80 -35.21
CA LYS C 156 -18.47 -1.94 -36.34
C LYS C 156 -18.40 -2.80 -37.59
N LYS C 157 -17.62 -3.89 -37.52
CA LYS C 157 -17.29 -4.67 -38.69
C LYS C 157 -18.56 -5.29 -39.25
N LEU C 158 -19.35 -5.91 -38.38
CA LEU C 158 -20.64 -6.46 -38.78
C LEU C 158 -21.50 -5.37 -39.44
N GLU C 159 -21.73 -4.27 -38.71
CA GLU C 159 -22.53 -3.15 -39.19
C GLU C 159 -22.06 -2.67 -40.55
N THR C 160 -20.75 -2.61 -40.78
CA THR C 160 -20.20 -2.26 -42.09
C THR C 160 -20.79 -3.16 -43.16
N LEU C 161 -20.85 -4.47 -42.88
CA LEU C 161 -21.25 -5.47 -43.86
C LEU C 161 -22.75 -5.35 -44.14
N LEU C 162 -23.55 -4.92 -43.16
CA LEU C 162 -24.96 -4.61 -43.40
C LEU C 162 -25.11 -3.16 -43.90
N GLU C 163 -24.81 -2.17 -43.05
CA GLU C 163 -24.89 -0.74 -43.39
C GLU C 163 -23.72 -0.32 -44.29
N GLY C 187 -31.38 -6.25 -47.27
CA GLY C 187 -30.66 -7.48 -46.89
C GLY C 187 -31.02 -7.95 -45.49
N PRO C 188 -30.05 -8.51 -44.72
CA PRO C 188 -30.19 -8.72 -43.27
C PRO C 188 -29.90 -7.51 -42.38
N LYS C 189 -30.69 -7.39 -41.31
CA LYS C 189 -30.80 -6.15 -40.56
C LYS C 189 -30.52 -6.44 -39.09
N ALA C 190 -29.86 -5.49 -38.41
CA ALA C 190 -29.48 -5.67 -37.00
C ALA C 190 -30.51 -5.01 -36.07
N ASP C 191 -31.60 -5.73 -35.78
CA ASP C 191 -32.78 -5.19 -35.12
C ASP C 191 -32.48 -4.62 -33.73
N LYS C 192 -31.28 -4.83 -33.20
CA LYS C 192 -30.85 -4.19 -31.97
C LYS C 192 -29.36 -4.49 -31.72
N VAL C 193 -28.69 -3.57 -31.03
CA VAL C 193 -27.37 -3.83 -30.50
C VAL C 193 -27.37 -3.51 -29.01
N LEU C 194 -27.40 -4.56 -28.19
CA LEU C 194 -27.29 -4.41 -26.76
C LEU C 194 -25.80 -4.39 -26.41
N GLN C 195 -25.47 -3.71 -25.33
CA GLN C 195 -24.10 -3.62 -24.88
C GLN C 195 -24.10 -3.74 -23.37
N PHE C 196 -22.96 -4.15 -22.80
CA PHE C 196 -22.88 -4.31 -21.36
C PHE C 196 -21.46 -4.10 -20.89
N GLU C 197 -21.38 -3.89 -19.58
CA GLU C 197 -20.13 -3.64 -18.88
C GLU C 197 -19.39 -4.97 -18.75
N PRO C 198 -18.21 -5.13 -19.39
CA PRO C 198 -17.26 -6.14 -18.94
C PRO C 198 -17.20 -6.21 -17.40
N GLY C 199 -17.55 -7.37 -16.84
CA GLY C 199 -17.49 -7.60 -15.41
C GLY C 199 -18.87 -7.73 -14.76
N THR C 200 -19.95 -7.61 -15.52
CA THR C 200 -21.28 -7.67 -14.93
C THR C 200 -21.69 -9.14 -14.76
N LYS C 201 -22.33 -9.45 -13.62
CA LYS C 201 -22.91 -10.76 -13.38
C LYS C 201 -24.39 -10.74 -13.75
N ASN C 202 -25.13 -9.76 -13.22
CA ASN C 202 -26.57 -9.68 -13.41
C ASN C 202 -26.85 -8.99 -14.76
N LEU C 203 -27.42 -9.74 -15.71
CA LEU C 203 -27.49 -9.33 -17.11
C LEU C 203 -28.85 -9.69 -17.69
N THR C 204 -29.83 -9.80 -16.80
CA THR C 204 -31.14 -10.36 -17.12
C THR C 204 -32.07 -9.25 -17.65
N ALA C 205 -31.80 -8.01 -17.22
CA ALA C 205 -32.43 -6.81 -17.75
C ALA C 205 -32.18 -6.68 -19.26
N LEU C 206 -30.88 -6.69 -19.60
CA LEU C 206 -30.39 -6.61 -20.96
C LEU C 206 -30.99 -7.73 -21.81
N LEU C 207 -31.14 -8.91 -21.20
CA LEU C 207 -31.66 -10.06 -21.89
C LEU C 207 -33.18 -10.02 -22.00
N LEU C 208 -33.85 -9.65 -20.89
CA LEU C 208 -35.31 -9.53 -20.86
C LEU C 208 -35.79 -8.72 -22.07
N GLU C 209 -35.02 -7.65 -22.37
CA GLU C 209 -35.17 -6.78 -23.53
C GLU C 209 -35.01 -7.49 -24.88
N ALA C 210 -34.01 -8.38 -24.98
CA ALA C 210 -33.80 -9.19 -26.17
C ALA C 210 -34.92 -10.22 -26.33
N LYS C 211 -35.53 -10.57 -25.19
CA LYS C 211 -36.50 -11.65 -25.09
C LYS C 211 -37.71 -11.32 -25.97
N GLU C 212 -38.28 -10.13 -25.71
CA GLU C 212 -39.52 -9.66 -26.34
C GLU C 212 -39.26 -9.47 -27.82
N LEU C 213 -38.18 -8.75 -28.13
CA LEU C 213 -37.70 -8.58 -29.49
C LEU C 213 -38.04 -9.80 -30.34
N GLU C 214 -38.62 -9.54 -31.53
CA GLU C 214 -39.26 -10.60 -32.30
C GLU C 214 -38.23 -11.35 -33.14
N ALA C 215 -36.97 -10.90 -33.15
CA ALA C 215 -35.88 -11.65 -33.76
C ALA C 215 -35.47 -12.82 -32.84
N ARG C 216 -35.08 -13.94 -33.48
CA ARG C 216 -34.67 -15.17 -32.80
C ARG C 216 -33.14 -15.21 -32.63
N VAL C 217 -32.43 -14.91 -33.74
CA VAL C 217 -30.98 -14.98 -33.89
C VAL C 217 -30.22 -13.99 -33.00
N ILE C 218 -29.66 -14.47 -31.89
CA ILE C 218 -28.77 -13.70 -31.05
C ILE C 218 -27.33 -13.97 -31.50
N ILE C 219 -26.51 -12.91 -31.60
CA ILE C 219 -25.08 -12.99 -31.85
C ILE C 219 -24.34 -12.40 -30.66
N LEU C 220 -23.31 -13.09 -30.16
CA LEU C 220 -22.56 -12.64 -28.99
C LEU C 220 -21.11 -12.34 -29.39
N SER C 221 -20.60 -11.23 -28.86
CA SER C 221 -19.19 -10.94 -28.81
C SER C 221 -18.84 -10.67 -27.36
N ALA C 222 -18.26 -11.64 -26.69
CA ALA C 222 -17.77 -11.39 -25.36
C ALA C 222 -16.55 -12.26 -25.09
N SER C 223 -15.78 -11.82 -24.07
CA SER C 223 -14.74 -12.62 -23.45
C SER C 223 -15.29 -13.94 -22.91
N GLU C 224 -14.38 -14.81 -22.49
CA GLU C 224 -14.70 -16.06 -21.82
C GLU C 224 -15.65 -15.76 -20.64
N ASP C 225 -15.14 -15.04 -19.63
CA ASP C 225 -15.88 -14.84 -18.39
C ASP C 225 -17.24 -14.17 -18.62
N ASP C 226 -17.27 -13.20 -19.54
CA ASP C 226 -18.48 -12.41 -19.79
C ASP C 226 -19.51 -13.23 -20.56
N ALA C 227 -19.06 -14.12 -21.45
CA ALA C 227 -19.99 -14.99 -22.15
C ALA C 227 -20.56 -16.01 -21.15
N THR C 228 -19.74 -16.38 -20.14
CA THR C 228 -20.18 -17.22 -19.04
C THR C 228 -21.43 -16.61 -18.39
N ALA C 229 -21.25 -15.35 -17.90
CA ALA C 229 -22.28 -14.53 -17.29
C ALA C 229 -23.53 -14.41 -18.17
N VAL C 230 -23.34 -14.12 -19.48
CA VAL C 230 -24.49 -14.01 -20.36
C VAL C 230 -25.23 -15.32 -20.34
N TYR C 231 -24.43 -16.41 -20.46
CA TYR C 231 -24.90 -17.78 -20.62
C TYR C 231 -25.70 -18.21 -19.40
N LYS C 232 -25.21 -17.87 -18.20
CA LYS C 232 -25.96 -18.16 -17.00
C LYS C 232 -27.29 -17.38 -16.98
N SER C 233 -27.22 -16.04 -17.10
CA SER C 233 -28.38 -15.17 -17.11
C SER C 233 -29.40 -15.62 -18.15
N ALA C 234 -28.96 -15.83 -19.38
CA ALA C 234 -29.82 -16.18 -20.49
C ALA C 234 -30.57 -17.47 -20.23
N ALA C 235 -30.03 -18.31 -19.34
CA ALA C 235 -30.59 -19.61 -19.03
C ALA C 235 -31.93 -19.47 -18.29
N MET C 236 -31.84 -18.77 -17.14
CA MET C 236 -32.96 -18.48 -16.26
C MET C 236 -34.16 -17.95 -17.04
N LEU C 237 -33.91 -17.17 -18.09
CA LEU C 237 -34.97 -16.57 -18.88
C LEU C 237 -35.33 -17.47 -20.06
N ASP C 238 -34.98 -18.76 -19.98
CA ASP C 238 -35.48 -19.79 -20.90
C ASP C 238 -35.24 -19.37 -22.36
N MET C 239 -34.10 -18.73 -22.61
CA MET C 239 -33.81 -18.16 -23.93
C MET C 239 -33.00 -19.16 -24.74
N THR C 240 -32.67 -20.27 -24.09
CA THR C 240 -31.66 -21.20 -24.55
C THR C 240 -32.36 -22.41 -25.18
N GLY C 241 -33.71 -22.36 -25.26
CA GLY C 241 -34.56 -23.43 -25.77
C GLY C 241 -34.81 -23.32 -27.27
N ALA C 242 -35.97 -23.83 -27.73
CA ALA C 242 -36.29 -23.91 -29.16
C ALA C 242 -36.67 -22.53 -29.69
N GLY C 243 -36.50 -22.34 -31.01
CA GLY C 243 -36.77 -21.06 -31.67
C GLY C 243 -35.59 -20.07 -31.64
N TYR C 244 -34.77 -20.09 -30.58
CA TYR C 244 -33.59 -19.23 -30.43
C TYR C 244 -32.33 -19.85 -31.07
N VAL C 245 -31.69 -19.10 -31.98
CA VAL C 245 -30.36 -19.41 -32.51
C VAL C 245 -29.29 -18.69 -31.68
N TRP C 246 -28.27 -19.38 -31.22
CA TRP C 246 -27.08 -18.66 -30.79
C TRP C 246 -25.95 -18.84 -31.79
N LEU C 247 -25.31 -17.70 -32.09
CA LEU C 247 -24.29 -17.58 -33.10
C LEU C 247 -23.17 -16.75 -32.48
N VAL C 248 -21.93 -17.24 -32.59
CA VAL C 248 -20.86 -16.83 -31.71
C VAL C 248 -19.53 -17.05 -32.44
N GLY C 249 -18.47 -16.42 -31.95
CA GLY C 249 -17.11 -16.71 -32.37
C GLY C 249 -16.42 -17.73 -31.44
N GLU C 250 -15.11 -17.57 -31.31
CA GLU C 250 -14.25 -18.61 -30.77
C GLU C 250 -14.11 -18.48 -29.25
N ARG C 251 -13.93 -17.24 -28.74
CA ARG C 251 -13.68 -16.95 -27.32
C ARG C 251 -14.85 -17.33 -26.42
N GLU C 252 -16.04 -17.38 -27.01
CA GLU C 252 -17.26 -17.51 -26.24
C GLU C 252 -17.64 -18.97 -26.15
N ILE C 253 -16.95 -19.83 -26.92
CA ILE C 253 -17.05 -21.28 -26.77
C ILE C 253 -15.76 -21.82 -26.17
N SER C 254 -15.09 -21.05 -25.33
CA SER C 254 -13.78 -21.41 -24.78
C SER C 254 -13.84 -21.45 -23.25
N GLY C 255 -12.88 -22.17 -22.67
CA GLY C 255 -12.83 -22.38 -21.23
C GLY C 255 -14.22 -22.60 -20.64
N SER C 256 -14.55 -21.78 -19.62
CA SER C 256 -15.71 -22.01 -18.76
C SER C 256 -17.02 -21.72 -19.49
N ALA C 257 -16.95 -20.88 -20.53
CA ALA C 257 -18.14 -20.52 -21.32
C ALA C 257 -18.77 -21.77 -21.94
N LEU C 258 -17.99 -22.86 -22.05
CA LEU C 258 -18.47 -24.07 -22.70
C LEU C 258 -19.34 -24.86 -21.71
N ARG C 259 -18.96 -24.81 -20.43
CA ARG C 259 -19.78 -25.35 -19.36
C ARG C 259 -21.23 -24.88 -19.49
N TYR C 260 -21.44 -23.54 -19.57
CA TYR C 260 -22.76 -22.94 -19.39
C TYR C 260 -23.46 -22.66 -20.71
N ALA C 261 -22.70 -22.63 -21.81
CA ALA C 261 -23.24 -22.51 -23.16
C ALA C 261 -24.46 -23.40 -23.35
N PRO C 262 -25.45 -22.97 -24.16
CA PRO C 262 -26.57 -23.83 -24.54
C PRO C 262 -26.29 -24.79 -25.69
N ASP C 263 -26.77 -26.04 -25.57
CA ASP C 263 -26.70 -27.00 -26.66
C ASP C 263 -27.28 -26.33 -27.92
N GLY C 264 -26.69 -26.67 -29.07
CA GLY C 264 -27.09 -26.18 -30.37
C GLY C 264 -26.43 -24.84 -30.73
N ILE C 265 -25.73 -24.23 -29.77
CA ILE C 265 -24.99 -23.02 -30.07
C ILE C 265 -24.06 -23.27 -31.26
N ILE C 266 -23.72 -22.18 -31.97
CA ILE C 266 -22.83 -22.23 -33.11
C ILE C 266 -21.61 -21.35 -32.85
N GLY C 267 -20.44 -21.97 -32.62
CA GLY C 267 -19.19 -21.24 -32.46
C GLY C 267 -18.41 -21.16 -33.77
N LEU C 268 -17.21 -20.54 -33.68
CA LEU C 268 -16.21 -20.68 -34.72
C LEU C 268 -14.89 -21.15 -34.09
N GLN C 269 -13.99 -21.63 -34.97
CA GLN C 269 -12.61 -21.91 -34.62
C GLN C 269 -11.78 -21.72 -35.86
N LEU C 270 -10.84 -20.77 -35.78
CA LEU C 270 -9.89 -20.47 -36.85
C LEU C 270 -9.00 -21.69 -37.04
N ILE C 271 -9.08 -22.31 -38.23
CA ILE C 271 -8.28 -23.50 -38.54
C ILE C 271 -6.82 -23.06 -38.54
N ASN C 272 -6.02 -23.70 -37.69
CA ASN C 272 -4.59 -23.41 -37.54
C ASN C 272 -4.34 -22.15 -36.72
N GLY C 273 -5.35 -21.68 -35.98
CA GLY C 273 -5.22 -20.42 -35.26
C GLY C 273 -4.08 -20.46 -34.26
N LYS C 274 -3.66 -21.68 -33.89
CA LYS C 274 -2.61 -21.86 -32.89
C LYS C 274 -1.50 -22.78 -33.38
N ASN C 275 -1.45 -23.05 -34.69
CA ASN C 275 -0.32 -23.76 -35.27
C ASN C 275 0.77 -22.72 -35.55
N GLU C 276 1.50 -22.32 -34.48
CA GLU C 276 2.67 -21.45 -34.58
C GLU C 276 3.65 -21.96 -35.64
N SER C 277 3.72 -23.27 -35.81
CA SER C 277 4.61 -23.90 -36.77
C SER C 277 4.14 -23.59 -38.19
N ALA C 278 2.83 -23.78 -38.45
CA ALA C 278 2.26 -23.52 -39.77
C ALA C 278 2.45 -22.07 -40.21
N HIS C 279 2.54 -21.17 -39.22
CA HIS C 279 2.45 -19.74 -39.43
C HIS C 279 3.83 -19.14 -39.61
N ILE C 280 4.80 -19.57 -38.77
CA ILE C 280 6.22 -19.36 -39.02
C ILE C 280 6.57 -19.76 -40.45
N SER C 281 6.07 -20.92 -40.88
CA SER C 281 6.22 -21.36 -42.26
C SER C 281 5.76 -20.26 -43.21
N ASP C 282 4.46 -19.92 -43.10
CA ASP C 282 3.75 -19.03 -44.03
C ASP C 282 4.20 -17.57 -43.95
N ALA C 283 4.56 -17.11 -42.76
CA ALA C 283 5.09 -15.77 -42.55
C ALA C 283 6.40 -15.60 -43.32
N VAL C 284 7.27 -16.60 -43.19
CA VAL C 284 8.62 -16.54 -43.72
C VAL C 284 8.58 -16.57 -45.25
N ALA C 285 7.65 -17.35 -45.80
CA ALA C 285 7.43 -17.42 -47.24
C ALA C 285 7.20 -16.02 -47.82
N VAL C 286 6.30 -15.29 -47.15
CA VAL C 286 5.84 -13.98 -47.56
C VAL C 286 6.92 -12.94 -47.31
N VAL C 287 7.54 -13.00 -46.12
CA VAL C 287 8.56 -12.02 -45.76
C VAL C 287 9.69 -12.13 -46.78
N ALA C 288 10.11 -13.37 -47.06
CA ALA C 288 11.07 -13.67 -48.12
C ALA C 288 10.67 -12.98 -49.42
N GLN C 289 9.50 -13.38 -49.94
CA GLN C 289 9.04 -12.86 -51.21
C GLN C 289 9.26 -11.36 -51.28
N ALA C 290 8.79 -10.67 -50.23
CA ALA C 290 8.75 -9.22 -50.18
C ALA C 290 10.15 -8.63 -50.13
N ILE C 291 11.10 -9.35 -49.50
CA ILE C 291 12.49 -8.89 -49.40
C ILE C 291 13.11 -8.83 -50.79
N HIS C 292 12.90 -9.91 -51.57
CA HIS C 292 13.48 -10.03 -52.91
C HIS C 292 12.85 -8.98 -53.83
N GLU C 293 11.54 -8.80 -53.68
CA GLU C 293 10.73 -7.81 -54.39
C GLU C 293 11.12 -6.38 -53.98
N LEU C 294 11.60 -6.20 -52.75
CA LEU C 294 12.09 -4.91 -52.30
C LEU C 294 13.39 -4.55 -53.02
N PHE C 295 14.21 -5.56 -53.29
CA PHE C 295 15.52 -5.37 -53.87
C PHE C 295 15.46 -5.17 -55.39
N GLU C 296 14.29 -5.42 -56.01
CA GLU C 296 14.09 -5.05 -57.40
C GLU C 296 13.97 -3.52 -57.52
N MET C 297 14.11 -2.79 -56.40
CA MET C 297 14.02 -1.33 -56.36
C MET C 297 15.33 -0.70 -55.88
N GLU C 298 15.45 0.62 -56.08
CA GLU C 298 16.71 1.33 -55.94
C GLU C 298 16.74 2.06 -54.59
N ASN C 299 17.97 2.35 -54.12
CA ASN C 299 18.24 3.15 -52.92
C ASN C 299 17.64 2.49 -51.67
N ILE C 300 17.70 1.16 -51.59
CA ILE C 300 17.24 0.43 -50.42
C ILE C 300 18.29 0.59 -49.31
N THR C 301 18.01 1.42 -48.30
CA THR C 301 18.92 1.59 -47.18
C THR C 301 18.80 0.41 -46.19
N ASP C 302 19.76 0.33 -45.28
CA ASP C 302 19.75 -0.71 -44.26
C ASP C 302 19.06 -0.23 -42.98
N PRO C 303 18.35 -1.11 -42.23
CA PRO C 303 17.80 -0.72 -40.94
C PRO C 303 18.96 -0.36 -40.03
N PRO C 304 18.72 0.43 -38.97
CA PRO C 304 19.77 0.72 -37.99
C PRO C 304 20.35 -0.56 -37.40
N ARG C 305 21.64 -0.51 -37.03
CA ARG C 305 22.34 -1.61 -36.41
C ARG C 305 22.39 -1.37 -34.90
N GLY C 306 21.37 -1.84 -34.18
CA GLY C 306 21.27 -1.68 -32.73
C GLY C 306 20.59 -0.37 -32.33
N CYS C 307 20.06 -0.34 -31.10
CA CYS C 307 19.24 0.76 -30.61
C CYS C 307 20.11 1.92 -30.15
N VAL C 308 21.31 1.65 -29.64
CA VAL C 308 22.03 2.66 -28.89
C VAL C 308 22.53 3.75 -29.86
N GLY C 309 22.31 5.02 -29.50
CA GLY C 309 22.64 6.14 -30.36
C GLY C 309 21.92 6.11 -31.71
N ASN C 310 20.66 5.67 -31.72
CA ASN C 310 19.85 5.56 -32.93
C ASN C 310 18.42 5.98 -32.64
N THR C 311 18.02 7.14 -33.15
CA THR C 311 16.69 7.69 -32.91
C THR C 311 15.95 8.00 -34.22
N ASN C 312 16.60 7.87 -35.38
CA ASN C 312 15.90 8.11 -36.62
C ASN C 312 15.26 6.81 -37.05
N ILE C 313 14.11 6.91 -37.73
CA ILE C 313 13.45 5.73 -38.27
C ILE C 313 14.34 5.14 -39.36
N TRP C 314 14.17 3.85 -39.62
CA TRP C 314 14.63 3.24 -40.86
C TRP C 314 13.94 3.92 -42.05
N LYS C 315 14.73 4.41 -43.02
CA LYS C 315 14.21 5.28 -44.08
C LYS C 315 13.33 4.45 -45.04
N THR C 316 13.56 3.13 -45.12
CA THR C 316 12.88 2.24 -46.07
C THR C 316 11.73 1.47 -45.43
N GLY C 317 11.66 1.49 -44.08
CA GLY C 317 10.68 0.73 -43.32
C GLY C 317 9.29 0.88 -43.92
N PRO C 318 8.81 2.15 -44.09
CA PRO C 318 7.51 2.44 -44.69
C PRO C 318 7.29 1.81 -46.08
N LEU C 319 8.35 1.86 -46.89
CA LEU C 319 8.28 1.28 -48.23
C LEU C 319 8.12 -0.23 -48.10
N PHE C 320 9.01 -0.82 -47.28
CA PHE C 320 8.99 -2.26 -47.10
C PHE C 320 7.64 -2.67 -46.54
N LYS C 321 7.10 -1.82 -45.66
CA LYS C 321 5.76 -2.04 -45.15
C LYS C 321 4.82 -2.14 -46.34
N ARG C 322 4.96 -1.24 -47.32
CA ARG C 322 4.03 -1.19 -48.45
C ARG C 322 4.11 -2.48 -49.28
N VAL C 323 5.34 -2.86 -49.64
CA VAL C 323 5.60 -4.07 -50.39
C VAL C 323 4.90 -5.28 -49.75
N LEU C 324 5.12 -5.43 -48.44
CA LEU C 324 4.59 -6.53 -47.64
C LEU C 324 3.05 -6.58 -47.62
N MET C 325 2.44 -5.41 -47.47
CA MET C 325 0.99 -5.28 -47.33
C MET C 325 0.33 -5.83 -48.60
N SER C 326 1.01 -5.63 -49.74
CA SER C 326 0.51 -6.02 -51.05
C SER C 326 1.21 -7.29 -51.58
N SER C 327 1.95 -8.03 -50.73
CA SER C 327 2.49 -9.33 -51.09
C SER C 327 1.42 -10.41 -50.96
N LYS C 328 1.30 -11.25 -52.00
CA LYS C 328 0.42 -12.41 -52.01
C LYS C 328 1.24 -13.71 -52.09
N TYR C 329 0.65 -14.80 -51.58
CA TYR C 329 1.27 -16.12 -51.54
C TYR C 329 0.15 -17.14 -51.42
N PRO C 330 -0.39 -17.67 -52.55
CA PRO C 330 -1.64 -18.43 -52.53
C PRO C 330 -1.49 -19.87 -52.03
N ASP C 331 -0.29 -20.46 -52.18
CA ASP C 331 -0.05 -21.85 -51.82
C ASP C 331 0.60 -21.95 -50.44
N GLY C 332 0.01 -21.27 -49.43
CA GLY C 332 0.50 -21.30 -48.07
C GLY C 332 -0.17 -22.39 -47.25
N VAL C 333 0.55 -22.90 -46.23
CA VAL C 333 0.07 -23.96 -45.35
C VAL C 333 -1.37 -23.65 -44.93
N THR C 334 -1.54 -22.40 -44.45
CA THR C 334 -2.74 -21.92 -43.77
C THR C 334 -3.71 -21.32 -44.79
N GLY C 335 -3.28 -21.20 -46.04
CA GLY C 335 -4.16 -20.93 -47.16
C GLY C 335 -3.61 -19.80 -48.02
N ARG C 336 -4.52 -18.99 -48.55
CA ARG C 336 -4.17 -17.81 -49.33
C ARG C 336 -3.71 -16.71 -48.38
N ILE C 337 -2.58 -16.07 -48.69
CA ILE C 337 -1.97 -15.12 -47.77
C ILE C 337 -2.00 -13.73 -48.40
N GLU C 338 -3.07 -12.96 -48.13
CA GLU C 338 -3.08 -11.54 -48.44
C GLU C 338 -3.41 -10.76 -47.17
N PHE C 339 -3.24 -9.43 -47.27
CA PHE C 339 -3.53 -8.50 -46.19
C PHE C 339 -4.51 -7.42 -46.63
N ASN C 340 -5.48 -7.09 -45.75
CA ASN C 340 -6.32 -5.91 -45.92
C ASN C 340 -5.54 -4.66 -45.50
N GLU C 341 -6.20 -3.50 -45.52
CA GLU C 341 -5.49 -2.23 -45.42
C GLU C 341 -4.95 -2.00 -43.99
N ASP C 342 -5.30 -2.87 -43.03
CA ASP C 342 -4.82 -2.75 -41.64
C ASP C 342 -3.60 -3.66 -41.45
N GLY C 343 -3.29 -4.43 -42.50
CA GLY C 343 -2.25 -5.45 -42.45
C GLY C 343 -2.76 -6.73 -41.81
N ASP C 344 -4.09 -6.94 -41.76
CA ASP C 344 -4.64 -8.14 -41.17
C ASP C 344 -4.90 -9.19 -42.27
N ARG C 345 -4.93 -10.47 -41.87
CA ARG C 345 -5.06 -11.57 -42.80
C ARG C 345 -6.44 -11.60 -43.44
N LYS C 346 -6.45 -11.85 -44.76
CA LYS C 346 -7.64 -12.21 -45.50
C LYS C 346 -7.58 -13.68 -45.94
N PHE C 347 -8.77 -14.23 -46.25
CA PHE C 347 -8.94 -15.57 -46.79
C PHE C 347 -8.60 -16.63 -45.74
N ALA C 348 -8.75 -16.25 -44.46
CA ALA C 348 -8.58 -17.18 -43.36
C ALA C 348 -9.83 -18.04 -43.25
N GLN C 349 -9.65 -19.21 -42.61
CA GLN C 349 -10.59 -20.32 -42.71
C GLN C 349 -11.00 -20.77 -41.31
N TYR C 350 -12.31 -20.98 -41.14
CA TYR C 350 -12.86 -21.25 -39.81
C TYR C 350 -13.70 -22.53 -39.81
N SER C 351 -13.57 -23.35 -38.78
CA SER C 351 -14.46 -24.46 -38.58
C SER C 351 -15.73 -23.93 -37.95
N ILE C 352 -16.85 -24.36 -38.48
CA ILE C 352 -18.13 -24.01 -37.93
C ILE C 352 -18.55 -25.16 -37.03
N MET C 353 -18.79 -24.85 -35.76
CA MET C 353 -18.94 -25.83 -34.69
C MET C 353 -20.39 -25.78 -34.22
N ASN C 354 -20.86 -26.87 -33.62
CA ASN C 354 -22.23 -26.98 -33.19
C ASN C 354 -22.21 -27.84 -31.95
N LEU C 355 -22.70 -27.34 -30.80
CA LEU C 355 -22.60 -28.11 -29.56
C LEU C 355 -23.69 -29.19 -29.55
N GLN C 356 -23.28 -30.39 -30.00
CA GLN C 356 -24.11 -31.59 -30.14
C GLN C 356 -23.62 -32.67 -29.20
N ASN C 357 -24.52 -33.13 -28.33
CA ASN C 357 -24.26 -34.29 -27.49
C ASN C 357 -23.06 -34.01 -26.60
N ARG C 358 -22.94 -32.76 -26.17
CA ARG C 358 -21.90 -32.43 -25.20
C ARG C 358 -20.54 -32.55 -25.88
N LYS C 359 -20.52 -32.37 -27.20
CA LYS C 359 -19.29 -32.35 -27.98
C LYS C 359 -19.36 -31.19 -28.96
N LEU C 360 -18.31 -30.37 -29.01
CA LEU C 360 -18.19 -29.44 -30.12
C LEU C 360 -17.93 -30.21 -31.41
N VAL C 361 -18.69 -29.93 -32.46
CA VAL C 361 -18.73 -30.82 -33.60
C VAL C 361 -18.73 -30.01 -34.87
N GLN C 362 -17.69 -30.20 -35.68
CA GLN C 362 -17.62 -29.49 -36.94
C GLN C 362 -18.86 -29.86 -37.75
N VAL C 363 -19.47 -28.83 -38.36
CA VAL C 363 -20.61 -28.97 -39.25
C VAL C 363 -20.32 -28.25 -40.55
N GLY C 364 -19.12 -27.66 -40.65
CA GLY C 364 -18.78 -26.92 -41.86
C GLY C 364 -17.45 -26.19 -41.73
N ILE C 365 -17.12 -25.44 -42.79
CA ILE C 365 -15.97 -24.56 -42.83
C ILE C 365 -16.31 -23.37 -43.72
N PHE C 366 -15.92 -22.18 -43.26
CA PHE C 366 -15.72 -21.05 -44.13
C PHE C 366 -14.37 -21.24 -44.83
N ASN C 367 -14.38 -21.37 -46.17
CA ASN C 367 -13.18 -21.75 -46.89
C ASN C 367 -12.24 -20.56 -47.01
N GLY C 368 -12.79 -19.35 -46.93
CA GLY C 368 -12.04 -18.16 -47.23
C GLY C 368 -12.86 -17.12 -47.98
N SER C 369 -13.96 -17.55 -48.63
CA SER C 369 -14.93 -16.63 -49.24
C SER C 369 -16.32 -17.24 -49.45
N TYR C 370 -16.53 -18.49 -49.02
CA TYR C 370 -17.88 -19.04 -48.99
C TYR C 370 -17.88 -20.16 -47.97
N ILE C 371 -19.05 -20.40 -47.37
CA ILE C 371 -19.26 -21.50 -46.45
C ILE C 371 -19.28 -22.79 -47.24
N ILE C 372 -19.07 -23.94 -46.57
CA ILE C 372 -19.08 -25.23 -47.22
C ILE C 372 -19.64 -26.25 -46.22
N GLN C 373 -20.90 -26.64 -46.41
CA GLN C 373 -21.60 -27.49 -45.46
C GLN C 373 -20.93 -28.88 -45.42
N ASN C 374 -20.93 -29.54 -44.27
CA ASN C 374 -20.46 -30.91 -44.21
C ASN C 374 -21.70 -31.80 -44.12
N ASP C 375 -21.47 -33.12 -44.02
CA ASP C 375 -22.53 -34.11 -44.05
C ASP C 375 -23.10 -34.36 -42.65
N ARG C 376 -22.69 -33.55 -41.64
CA ARG C 376 -23.24 -33.62 -40.30
C ARG C 376 -24.50 -32.73 -40.24
N LYS C 377 -25.61 -33.34 -39.82
CA LYS C 377 -26.85 -32.64 -39.51
C LYS C 377 -26.54 -31.66 -38.38
N ILE C 378 -27.02 -30.42 -38.56
CA ILE C 378 -26.93 -29.37 -37.56
C ILE C 378 -28.14 -29.53 -36.63
N ILE C 379 -27.97 -29.33 -35.33
CA ILE C 379 -29.13 -29.38 -34.44
C ILE C 379 -29.15 -28.10 -33.61
N TRP C 380 -30.31 -27.42 -33.68
CA TRP C 380 -30.52 -26.10 -33.09
C TRP C 380 -30.99 -26.24 -31.65
N PRO C 381 -30.83 -25.20 -30.81
CA PRO C 381 -31.19 -25.32 -29.39
C PRO C 381 -32.66 -25.74 -29.24
N GLY C 382 -32.88 -26.93 -28.66
CA GLY C 382 -34.17 -27.61 -28.77
C GLY C 382 -34.04 -29.01 -29.39
N GLY C 383 -34.19 -29.10 -30.72
CA GLY C 383 -34.24 -30.38 -31.43
C GLY C 383 -33.69 -30.32 -32.86
N GLU C 384 -34.36 -29.55 -33.73
CA GLU C 384 -34.13 -29.53 -35.19
C GLU C 384 -32.74 -30.06 -35.58
N PRO D 1 12.75 13.24 9.81
CA PRO D 1 11.75 12.84 8.81
C PRO D 1 12.44 12.19 7.60
N PRO D 2 11.86 11.13 6.99
CA PRO D 2 12.63 10.21 6.14
C PRO D 2 12.79 10.64 4.68
N SER D 3 13.96 10.30 4.09
CA SER D 3 14.36 10.75 2.76
C SER D 3 13.96 9.71 1.70
N ILE D 4 13.28 10.21 0.65
CA ILE D 4 12.86 9.41 -0.50
C ILE D 4 13.70 9.81 -1.70
N GLY D 5 14.07 8.80 -2.50
CA GLY D 5 14.85 9.02 -3.71
C GLY D 5 14.01 9.59 -4.87
N ILE D 6 14.59 10.58 -5.54
CA ILE D 6 14.04 11.20 -6.75
C ILE D 6 15.17 11.36 -7.77
N ALA D 7 15.07 10.65 -8.90
CA ALA D 7 16.06 10.78 -9.96
C ALA D 7 15.60 11.87 -10.93
N VAL D 8 16.43 12.90 -11.12
CA VAL D 8 16.12 13.96 -12.07
C VAL D 8 17.04 13.74 -13.27
N ILE D 9 16.45 13.38 -14.41
CA ILE D 9 17.24 13.01 -15.59
C ILE D 9 17.18 14.13 -16.59
N LEU D 10 18.34 14.45 -17.17
CA LEU D 10 18.52 15.59 -18.04
C LEU D 10 19.27 15.16 -19.30
N VAL D 11 18.84 15.66 -20.46
CA VAL D 11 19.41 15.18 -21.71
C VAL D 11 19.87 16.37 -22.55
N GLY D 12 21.19 16.56 -22.59
CA GLY D 12 21.82 17.54 -23.46
C GLY D 12 22.07 18.88 -22.76
N THR D 13 23.05 19.61 -23.33
CA THR D 13 23.61 20.87 -22.85
C THR D 13 22.74 21.51 -21.76
N SER D 14 22.99 21.10 -20.50
CA SER D 14 22.23 21.47 -19.31
C SER D 14 23.13 22.19 -18.30
N ASP D 15 22.82 23.47 -17.99
CA ASP D 15 23.41 24.12 -16.83
C ASP D 15 22.77 23.46 -15.60
N GLU D 16 23.54 22.55 -14.97
CA GLU D 16 23.06 21.65 -13.93
C GLU D 16 23.09 22.33 -12.56
N VAL D 17 24.04 23.25 -12.35
CA VAL D 17 24.20 23.95 -11.08
C VAL D 17 23.09 24.99 -10.92
N ALA D 18 22.39 25.30 -12.03
CA ALA D 18 21.27 26.25 -12.04
C ALA D 18 20.03 25.63 -11.42
N ILE D 19 19.96 24.29 -11.42
CA ILE D 19 18.81 23.56 -10.94
C ILE D 19 19.09 23.06 -9.51
N LYS D 20 20.35 22.67 -9.24
CA LYS D 20 20.80 22.39 -7.87
C LYS D 20 20.62 23.62 -6.97
N ASP D 21 20.49 24.82 -7.58
CA ASP D 21 20.33 26.08 -6.87
C ASP D 21 18.87 26.54 -6.85
N ALA D 22 17.94 25.71 -7.36
CA ALA D 22 16.52 25.97 -7.28
C ALA D 22 15.83 24.97 -6.34
N HIS D 23 16.42 23.78 -6.21
CA HIS D 23 16.15 22.83 -5.12
C HIS D 23 16.91 23.25 -3.86
N GLU D 24 17.95 24.10 -3.99
CA GLU D 24 18.58 24.70 -2.83
C GLU D 24 17.53 25.47 -2.02
N LYS D 25 16.27 25.50 -2.50
CA LYS D 25 15.10 25.83 -1.70
C LYS D 25 14.48 24.56 -1.12
N ASP D 26 15.32 23.74 -0.44
CA ASP D 26 14.98 22.42 0.08
C ASP D 26 14.67 22.48 1.58
N ASP D 27 14.71 23.68 2.18
CA ASP D 27 14.11 23.93 3.48
C ASP D 27 12.67 24.41 3.29
N PHE D 28 12.20 24.40 2.03
CA PHE D 28 10.81 24.72 1.70
C PHE D 28 9.90 23.54 2.06
N HIS D 29 10.47 22.34 2.13
CA HIS D 29 9.69 21.13 2.38
C HIS D 29 9.38 21.04 3.88
N HIS D 30 8.16 21.44 4.26
CA HIS D 30 7.70 21.36 5.65
C HIS D 30 6.96 20.05 5.92
N LEU D 31 7.35 18.95 5.25
CA LEU D 31 6.48 17.80 5.01
C LEU D 31 6.92 16.55 5.78
N SER D 32 6.02 15.55 5.82
CA SER D 32 6.32 14.22 6.33
C SER D 32 7.70 13.75 5.82
N VAL D 33 8.02 14.16 4.58
CA VAL D 33 9.06 13.51 3.80
C VAL D 33 10.05 14.56 3.33
N VAL D 34 11.30 14.12 3.07
CA VAL D 34 12.26 14.96 2.38
C VAL D 34 12.76 14.28 1.11
N PRO D 35 12.90 15.04 -0.01
CA PRO D 35 13.54 14.52 -1.21
C PRO D 35 15.05 14.33 -1.07
N ARG D 36 15.56 13.17 -1.45
CA ARG D 36 16.99 12.94 -1.62
C ARG D 36 17.28 12.91 -3.13
N VAL D 37 17.40 14.10 -3.77
CA VAL D 37 17.49 14.20 -5.23
C VAL D 37 18.83 13.66 -5.71
N GLU D 38 18.91 13.31 -7.00
CA GLU D 38 20.15 12.82 -7.55
C GLU D 38 20.17 13.08 -9.07
N LEU D 39 20.51 14.33 -9.46
CA LEU D 39 20.66 14.71 -10.85
C LEU D 39 21.49 13.67 -11.59
N VAL D 40 20.80 12.90 -12.44
CA VAL D 40 21.41 12.04 -13.44
C VAL D 40 21.57 12.86 -14.73
N ALA D 41 22.49 12.44 -15.61
CA ALA D 41 22.60 13.06 -16.92
C ALA D 41 22.92 12.00 -17.98
N MET D 42 22.11 11.99 -19.05
CA MET D 42 22.20 11.02 -20.13
C MET D 42 22.71 11.69 -21.40
N ASN D 43 23.12 10.90 -22.38
CA ASN D 43 23.44 11.44 -23.69
C ASN D 43 22.47 10.92 -24.77
N GLU D 44 21.97 9.68 -24.64
CA GLU D 44 21.11 9.13 -25.69
C GLU D 44 19.65 9.15 -25.27
N THR D 45 18.78 9.01 -26.28
CA THR D 45 17.34 8.96 -26.11
C THR D 45 16.73 7.89 -27.00
N ASP D 46 17.48 6.83 -27.30
CA ASP D 46 16.91 5.63 -27.90
C ASP D 46 16.20 4.83 -26.80
N PRO D 47 15.44 3.77 -27.15
CA PRO D 47 14.71 3.00 -26.14
C PRO D 47 15.60 2.32 -25.08
N LYS D 48 16.58 1.52 -25.54
CA LYS D 48 17.55 0.81 -24.72
C LYS D 48 18.32 1.76 -23.79
N SER D 49 18.86 2.84 -24.36
CA SER D 49 19.53 3.84 -23.56
C SER D 49 18.65 4.28 -22.39
N ILE D 50 17.39 4.62 -22.69
CA ILE D 50 16.48 5.21 -21.71
C ILE D 50 16.09 4.17 -20.66
N ILE D 51 15.87 2.93 -21.10
CA ILE D 51 15.33 1.91 -20.21
C ILE D 51 16.40 1.55 -19.19
N THR D 52 17.57 1.13 -19.71
CA THR D 52 18.64 0.62 -18.88
C THR D 52 19.21 1.70 -17.97
N ARG D 53 18.99 2.98 -18.27
CA ARG D 53 19.45 3.99 -17.35
C ARG D 53 18.47 4.07 -16.20
N ILE D 54 17.16 4.00 -16.49
CA ILE D 54 16.19 4.12 -15.42
C ILE D 54 16.21 2.85 -14.57
N CYS D 55 16.67 1.74 -15.15
CA CYS D 55 16.75 0.47 -14.45
C CYS D 55 18.05 0.31 -13.64
N ASP D 56 19.13 1.00 -14.03
CA ASP D 56 20.33 1.08 -13.21
C ASP D 56 20.04 1.92 -11.97
N LEU D 57 19.47 3.11 -12.17
CA LEU D 57 19.08 3.98 -11.07
C LEU D 57 18.14 3.24 -10.13
N MET D 58 17.16 2.52 -10.69
CA MET D 58 16.10 1.91 -9.88
C MET D 58 16.69 0.81 -8.99
N SER D 59 17.79 0.19 -9.45
CA SER D 59 18.42 -0.92 -8.76
C SER D 59 19.72 -0.51 -8.04
N ASP D 60 19.95 0.78 -7.80
CA ASP D 60 21.21 1.23 -7.23
C ASP D 60 20.93 2.17 -6.06
N ARG D 61 20.36 3.35 -6.36
CA ARG D 61 19.63 4.10 -5.34
C ARG D 61 18.29 3.38 -5.14
N LYS D 62 17.35 4.00 -4.44
CA LYS D 62 15.98 3.50 -4.33
C LYS D 62 15.02 4.67 -4.61
N ILE D 63 14.45 4.65 -5.83
CA ILE D 63 13.83 5.80 -6.48
C ILE D 63 12.30 5.70 -6.36
N GLN D 64 11.71 6.74 -5.77
CA GLN D 64 10.27 6.82 -5.55
C GLN D 64 9.55 7.43 -6.78
N GLY D 65 10.32 8.09 -7.67
CA GLY D 65 9.78 8.86 -8.78
C GLY D 65 10.89 9.43 -9.66
N VAL D 66 10.62 9.64 -10.95
CA VAL D 66 11.60 10.22 -11.86
C VAL D 66 11.09 11.56 -12.37
N VAL D 67 12.01 12.53 -12.46
CA VAL D 67 11.75 13.74 -13.23
C VAL D 67 12.62 13.76 -14.49
N PHE D 68 11.99 13.98 -15.65
CA PHE D 68 12.65 13.83 -16.93
C PHE D 68 12.50 15.10 -17.77
N ALA D 69 13.66 15.57 -18.27
CA ALA D 69 13.75 16.73 -19.14
C ALA D 69 14.68 16.39 -20.31
N ASP D 70 14.28 16.79 -21.54
CA ASP D 70 15.17 16.69 -22.70
C ASP D 70 15.06 17.95 -23.56
N ASP D 71 16.03 18.08 -24.47
CA ASP D 71 16.10 19.17 -25.42
C ASP D 71 15.44 18.80 -26.75
N THR D 72 15.21 17.49 -26.99
CA THR D 72 14.93 16.98 -28.32
C THR D 72 13.53 17.42 -28.80
N ASP D 73 13.25 16.99 -30.05
CA ASP D 73 11.97 17.11 -30.71
C ASP D 73 11.40 15.70 -30.87
N GLN D 74 11.64 14.85 -29.86
CA GLN D 74 11.47 13.41 -30.00
C GLN D 74 10.30 12.92 -29.13
N GLU D 75 9.09 13.04 -29.67
CA GLU D 75 7.87 12.71 -28.96
C GLU D 75 7.79 11.22 -28.64
N ALA D 76 8.73 10.40 -29.16
CA ALA D 76 8.75 8.98 -28.81
C ALA D 76 9.20 8.79 -27.36
N ILE D 77 9.96 9.74 -26.84
CA ILE D 77 10.39 9.71 -25.45
C ILE D 77 9.17 9.63 -24.55
N ALA D 78 8.17 10.49 -24.74
CA ALA D 78 6.97 10.42 -23.92
C ALA D 78 6.36 9.01 -23.97
N GLN D 79 6.44 8.33 -25.11
CA GLN D 79 5.83 7.01 -25.28
C GLN D 79 6.55 5.99 -24.39
N ILE D 80 7.87 6.19 -24.27
CA ILE D 80 8.74 5.24 -23.60
C ILE D 80 8.58 5.44 -22.10
N LEU D 81 8.56 6.69 -21.64
CA LEU D 81 8.31 7.00 -20.23
C LEU D 81 6.98 6.43 -19.77
N ASP D 82 5.94 6.58 -20.58
CA ASP D 82 4.67 5.99 -20.22
C ASP D 82 4.85 4.49 -19.96
N PHE D 83 5.54 3.82 -20.88
CA PHE D 83 5.61 2.38 -20.89
C PHE D 83 6.40 1.88 -19.70
N ILE D 84 7.58 2.47 -19.52
CA ILE D 84 8.43 2.23 -18.38
C ILE D 84 7.65 2.48 -17.09
N SER D 85 7.07 3.69 -16.97
CA SER D 85 6.25 4.05 -15.82
C SER D 85 5.31 2.90 -15.51
N ALA D 86 4.55 2.41 -16.50
CA ALA D 86 3.47 1.46 -16.24
C ALA D 86 4.01 0.08 -15.86
N GLN D 87 5.09 -0.37 -16.51
CA GLN D 87 5.70 -1.66 -16.21
C GLN D 87 6.33 -1.71 -14.81
N THR D 88 6.73 -0.55 -14.27
CA THR D 88 7.43 -0.52 -13.01
C THR D 88 6.57 0.12 -11.92
N LEU D 89 5.35 0.53 -12.27
CA LEU D 89 4.51 1.32 -11.40
C LEU D 89 5.37 2.28 -10.59
N THR D 90 5.74 3.37 -11.25
CA THR D 90 6.73 4.33 -10.80
C THR D 90 6.40 5.66 -11.45
N PRO D 91 6.18 6.74 -10.68
CA PRO D 91 5.95 8.06 -11.27
C PRO D 91 7.08 8.55 -12.17
N ILE D 92 6.68 8.98 -13.37
CA ILE D 92 7.58 9.70 -14.26
C ILE D 92 6.86 10.97 -14.68
N LEU D 93 7.66 12.05 -14.74
CA LEU D 93 7.19 13.38 -15.05
C LEU D 93 7.94 13.83 -16.30
N GLY D 94 7.17 14.18 -17.34
CA GLY D 94 7.70 14.71 -18.59
C GLY D 94 7.59 16.23 -18.58
N ILE D 95 8.74 16.90 -18.31
CA ILE D 95 8.71 18.32 -17.96
C ILE D 95 9.14 19.15 -19.16
N HIS D 96 9.97 18.58 -20.03
CA HIS D 96 10.57 19.39 -21.07
C HIS D 96 11.06 18.51 -22.22
N GLY D 97 10.72 18.93 -23.45
CA GLY D 97 11.27 18.35 -24.66
C GLY D 97 10.36 17.27 -25.24
N GLY D 98 11.00 16.22 -25.77
CA GLY D 98 10.34 14.98 -26.18
C GLY D 98 9.33 14.47 -25.15
N SER D 99 9.65 14.61 -23.86
CA SER D 99 8.88 14.01 -22.77
C SER D 99 7.59 14.78 -22.49
N SER D 100 7.52 16.07 -22.84
CA SER D 100 6.38 16.92 -22.51
C SER D 100 5.31 16.90 -23.60
N MET D 101 5.62 16.22 -24.72
CA MET D 101 4.84 16.23 -25.95
C MET D 101 3.69 15.25 -25.84
N ILE D 102 2.47 15.69 -26.19
CA ILE D 102 1.26 14.97 -25.84
C ILE D 102 1.46 13.49 -26.15
N MET D 103 1.37 12.68 -25.08
CA MET D 103 1.23 11.25 -25.15
C MET D 103 -0.23 10.94 -24.90
N ALA D 104 -1.03 10.76 -25.97
CA ALA D 104 -2.42 10.39 -25.83
C ALA D 104 -2.55 8.85 -25.74
N ASP D 105 -3.59 8.39 -25.03
CA ASP D 105 -3.74 6.97 -24.68
C ASP D 105 -2.48 6.44 -23.99
N LYS D 106 -2.23 7.02 -22.79
CA LYS D 106 -1.37 6.46 -21.76
C LYS D 106 -1.98 5.16 -21.25
N ASP D 107 -1.15 4.31 -20.64
CA ASP D 107 -1.61 3.03 -20.12
C ASP D 107 -2.62 3.22 -18.99
N GLU D 108 -3.39 2.14 -18.69
CA GLU D 108 -4.31 2.12 -17.56
C GLU D 108 -3.50 2.17 -16.27
N SER D 109 -2.30 1.57 -16.28
CA SER D 109 -1.46 1.43 -15.10
C SER D 109 -0.41 2.55 -15.04
N SER D 110 -0.62 3.60 -15.81
CA SER D 110 0.43 4.57 -16.00
C SER D 110 0.46 5.52 -14.80
N MET D 111 1.68 5.88 -14.40
CA MET D 111 1.91 6.97 -13.47
C MET D 111 2.77 8.03 -14.16
N PHE D 112 2.37 8.35 -15.40
CA PHE D 112 3.07 9.30 -16.25
C PHE D 112 2.21 10.56 -16.37
N PHE D 113 2.88 11.70 -16.10
CA PHE D 113 2.29 13.01 -16.11
C PHE D 113 3.21 13.95 -16.89
N GLN D 114 2.61 14.89 -17.62
CA GLN D 114 3.39 15.73 -18.50
C GLN D 114 3.06 17.21 -18.27
N PHE D 115 4.13 18.00 -18.25
CA PHE D 115 4.04 19.46 -18.33
C PHE D 115 3.70 19.81 -19.76
N GLY D 116 2.48 20.34 -19.94
CA GLY D 116 1.99 20.61 -21.28
C GLY D 116 0.48 20.80 -21.29
N PRO D 117 -0.06 21.33 -22.41
CA PRO D 117 -1.51 21.43 -22.59
C PRO D 117 -2.06 20.15 -23.20
N SER D 118 -3.26 19.74 -22.78
CA SER D 118 -3.89 18.60 -23.40
C SER D 118 -4.10 18.87 -24.89
N ILE D 119 -4.48 17.84 -25.64
CA ILE D 119 -4.86 17.95 -27.04
C ILE D 119 -6.13 18.80 -27.20
N GLU D 120 -7.12 18.59 -26.32
CA GLU D 120 -8.39 19.33 -26.37
C GLU D 120 -8.23 20.72 -25.78
N GLN D 121 -7.15 20.96 -25.03
CA GLN D 121 -6.81 22.27 -24.52
C GLN D 121 -6.33 23.13 -25.68
N GLN D 122 -5.41 22.59 -26.47
CA GLN D 122 -4.93 23.24 -27.68
C GLN D 122 -6.06 23.47 -28.69
N ALA D 123 -6.80 22.44 -29.12
CA ALA D 123 -7.92 22.57 -30.06
C ALA D 123 -8.81 23.75 -29.71
N SER D 124 -9.11 23.87 -28.42
CA SER D 124 -9.98 24.94 -27.93
C SER D 124 -9.34 26.31 -28.18
N VAL D 125 -8.06 26.44 -27.81
CA VAL D 125 -7.30 27.67 -27.99
C VAL D 125 -7.30 28.04 -29.47
N MET D 126 -7.02 27.05 -30.33
CA MET D 126 -6.93 27.25 -31.76
C MET D 126 -8.25 27.80 -32.32
N LEU D 127 -9.38 27.39 -31.73
CA LEU D 127 -10.70 27.86 -32.14
C LEU D 127 -11.00 29.25 -31.57
N ASN D 128 -10.32 29.61 -30.48
CA ASN D 128 -10.44 30.96 -29.94
C ASN D 128 -9.72 31.92 -30.88
N ILE D 129 -8.42 31.71 -31.09
CA ILE D 129 -7.73 32.39 -32.17
C ILE D 129 -8.65 32.55 -33.40
N MET D 130 -9.22 31.46 -33.89
CA MET D 130 -9.97 31.55 -35.13
C MET D 130 -11.14 32.52 -34.97
N GLU D 131 -11.92 32.42 -33.89
CA GLU D 131 -13.14 33.20 -33.74
C GLU D 131 -12.82 34.69 -33.57
N GLU D 132 -11.60 35.01 -33.09
CA GLU D 132 -11.13 36.35 -32.81
C GLU D 132 -11.01 37.17 -34.10
N TYR D 133 -10.41 36.57 -35.12
CA TYR D 133 -10.21 37.19 -36.42
C TYR D 133 -11.23 36.67 -37.44
N ASP D 134 -12.33 36.11 -36.92
CA ASP D 134 -13.52 35.75 -37.70
C ASP D 134 -13.12 34.82 -38.86
N TRP D 135 -12.43 33.72 -38.49
CA TRP D 135 -12.00 32.67 -39.40
C TRP D 135 -12.92 31.45 -39.27
N TYR D 136 -14.10 31.50 -39.86
CA TYR D 136 -15.10 30.49 -39.55
C TYR D 136 -14.99 29.34 -40.55
N ILE D 137 -14.08 29.49 -41.53
CA ILE D 137 -14.02 28.52 -42.59
C ILE D 137 -12.63 27.93 -42.69
N PHE D 138 -12.59 26.58 -42.60
CA PHE D 138 -11.36 25.82 -42.44
C PHE D 138 -11.50 24.34 -42.85
N SER D 139 -10.32 23.71 -42.93
CA SER D 139 -10.18 22.27 -43.06
C SER D 139 -9.20 21.76 -42.00
N ILE D 140 -9.32 20.47 -41.64
CA ILE D 140 -8.41 19.82 -40.71
C ILE D 140 -7.55 18.82 -41.46
N VAL D 141 -6.31 18.68 -41.03
CA VAL D 141 -5.45 17.64 -41.56
C VAL D 141 -4.66 17.00 -40.43
N THR D 142 -4.79 15.68 -40.31
CA THR D 142 -4.12 14.85 -39.32
C THR D 142 -3.35 13.71 -40.01
N THR D 143 -2.35 13.17 -39.31
CA THR D 143 -1.89 11.81 -39.54
C THR D 143 -2.58 10.95 -38.51
N TYR D 144 -2.05 9.76 -38.26
CA TYR D 144 -2.68 8.85 -37.29
C TYR D 144 -1.98 8.99 -35.95
N PHE D 145 -1.16 10.01 -35.78
CA PHE D 145 -0.45 10.22 -34.51
C PHE D 145 -1.44 10.19 -33.35
N PRO D 146 -1.23 9.36 -32.30
CA PRO D 146 -2.29 9.12 -31.33
C PRO D 146 -2.79 10.48 -30.83
N GLY D 147 -4.13 10.64 -30.91
CA GLY D 147 -4.80 11.84 -30.46
C GLY D 147 -5.58 12.48 -31.60
N TYR D 148 -5.31 12.03 -32.83
CA TYR D 148 -5.90 12.68 -33.99
C TYR D 148 -7.43 12.63 -33.86
N GLN D 149 -7.99 11.51 -33.36
CA GLN D 149 -9.44 11.35 -33.25
C GLN D 149 -9.97 12.27 -32.16
N ASP D 150 -9.20 12.44 -31.07
CA ASP D 150 -9.58 13.31 -29.95
C ASP D 150 -9.59 14.77 -30.34
N PHE D 151 -8.56 15.16 -31.11
CA PHE D 151 -8.42 16.49 -31.66
C PHE D 151 -9.60 16.83 -32.56
N VAL D 152 -9.92 15.96 -33.53
CA VAL D 152 -11.01 16.18 -34.47
C VAL D 152 -12.36 16.23 -33.76
N ASN D 153 -12.58 15.27 -32.86
CA ASN D 153 -13.86 15.16 -32.18
C ASN D 153 -14.14 16.40 -31.33
N LYS D 154 -13.10 17.01 -30.75
CA LYS D 154 -13.27 18.20 -29.94
C LYS D 154 -13.74 19.38 -30.80
N ILE D 155 -13.01 19.61 -31.91
CA ILE D 155 -13.33 20.64 -32.89
C ILE D 155 -14.79 20.50 -33.32
N ARG D 156 -15.11 19.31 -33.87
CA ARG D 156 -16.45 18.99 -34.35
C ARG D 156 -17.52 19.19 -33.30
N SER D 157 -17.18 18.86 -32.06
CA SER D 157 -18.12 18.99 -30.96
C SER D 157 -18.36 20.47 -30.69
N THR D 158 -17.26 21.23 -30.55
CA THR D 158 -17.36 22.64 -30.23
C THR D 158 -18.15 23.43 -31.29
N ILE D 159 -18.03 23.06 -32.57
CA ILE D 159 -18.70 23.81 -33.64
C ILE D 159 -20.11 23.28 -33.93
N GLU D 160 -20.44 22.02 -33.60
CA GLU D 160 -21.81 21.53 -33.75
C GLU D 160 -22.72 22.24 -32.73
N ASN D 161 -22.13 22.67 -31.59
CA ASN D 161 -22.80 23.41 -30.51
C ASN D 161 -22.42 24.90 -30.50
N SER D 162 -22.69 25.63 -31.60
CA SER D 162 -22.47 27.06 -31.64
C SER D 162 -23.35 27.68 -32.72
N PHE D 163 -24.05 28.76 -32.34
CA PHE D 163 -24.83 29.57 -33.28
C PHE D 163 -23.89 30.55 -33.97
N VAL D 164 -22.56 30.38 -33.77
CA VAL D 164 -21.54 30.94 -34.67
C VAL D 164 -21.65 30.22 -36.01
N GLY D 165 -21.19 30.89 -37.07
CA GLY D 165 -21.24 30.32 -38.41
C GLY D 165 -19.93 29.65 -38.80
N TRP D 166 -19.59 28.53 -38.15
CA TRP D 166 -18.43 27.76 -38.52
C TRP D 166 -18.76 26.94 -39.77
N GLU D 167 -17.82 26.76 -40.71
CA GLU D 167 -18.02 25.86 -41.85
C GLU D 167 -16.73 25.05 -42.10
N LEU D 168 -16.76 23.78 -41.68
CA LEU D 168 -15.63 22.87 -41.79
C LEU D 168 -15.70 22.14 -43.12
N GLU D 169 -14.76 22.43 -44.03
CA GLU D 169 -14.93 21.99 -45.41
C GLU D 169 -14.51 20.54 -45.56
N GLU D 170 -13.25 20.26 -45.21
CA GLU D 170 -12.59 18.98 -45.45
C GLU D 170 -11.86 18.53 -44.17
N VAL D 171 -11.86 17.21 -43.89
CA VAL D 171 -10.97 16.57 -42.92
C VAL D 171 -10.13 15.52 -43.66
N LEU D 172 -8.80 15.68 -43.67
CA LEU D 172 -7.93 14.71 -44.28
C LEU D 172 -7.19 13.90 -43.22
N LEU D 173 -6.84 12.67 -43.60
CA LEU D 173 -6.21 11.74 -42.69
C LEU D 173 -5.11 11.05 -43.48
N LEU D 174 -3.88 11.51 -43.33
CA LEU D 174 -2.76 11.04 -44.14
C LEU D 174 -2.06 9.87 -43.45
N ASP D 175 -1.68 8.85 -44.24
CA ASP D 175 -1.03 7.64 -43.74
C ASP D 175 0.45 7.62 -44.14
N MET D 176 1.27 8.15 -43.24
CA MET D 176 2.70 8.20 -43.42
C MET D 176 3.42 6.99 -42.79
N SER D 177 2.69 5.88 -42.59
CA SER D 177 3.32 4.65 -42.16
C SER D 177 3.85 3.90 -43.40
N LEU D 178 3.13 4.07 -44.52
CA LEU D 178 3.53 3.69 -45.87
C LEU D 178 4.30 4.83 -46.51
N ASP D 179 5.01 4.50 -47.61
CA ASP D 179 5.88 5.46 -48.29
C ASP D 179 5.01 6.32 -49.21
N ASP D 180 5.55 7.47 -49.63
CA ASP D 180 4.89 8.32 -50.61
C ASP D 180 5.75 8.35 -51.89
N GLY D 181 5.90 7.17 -52.53
CA GLY D 181 6.51 7.07 -53.83
C GLY D 181 5.46 7.15 -54.94
N ASP D 182 4.20 7.40 -54.55
CA ASP D 182 3.07 7.42 -55.47
C ASP D 182 2.23 8.69 -55.26
N SER D 183 2.83 9.72 -54.65
CA SER D 183 2.22 11.01 -54.42
C SER D 183 0.73 10.88 -54.13
N LYS D 184 0.39 10.13 -53.08
CA LYS D 184 -0.99 9.98 -52.65
C LYS D 184 -1.36 11.09 -51.66
N ILE D 185 -0.36 11.58 -50.93
CA ILE D 185 -0.56 12.67 -50.01
C ILE D 185 -0.87 13.91 -50.86
N GLN D 186 -0.06 14.10 -51.91
CA GLN D 186 -0.22 15.17 -52.88
C GLN D 186 -1.62 15.19 -53.49
N ASN D 187 -2.21 14.02 -53.77
CA ASN D 187 -3.56 13.97 -54.30
C ASN D 187 -4.55 14.41 -53.25
N GLN D 188 -4.23 14.07 -51.99
CA GLN D 188 -5.10 14.38 -50.87
C GLN D 188 -5.05 15.88 -50.56
N LEU D 189 -3.85 16.45 -50.47
CA LEU D 189 -3.70 17.87 -50.14
C LEU D 189 -4.35 18.78 -51.20
N LYS D 190 -4.37 18.32 -52.46
CA LYS D 190 -5.09 18.97 -53.55
C LYS D 190 -6.59 19.16 -53.27
N LYS D 191 -7.20 18.35 -52.41
CA LYS D 191 -8.63 18.46 -52.18
C LYS D 191 -8.98 19.64 -51.27
N LEU D 192 -8.05 20.59 -51.09
CA LEU D 192 -8.23 21.60 -50.06
C LEU D 192 -8.52 22.97 -50.69
N GLN D 193 -9.69 23.52 -50.31
CA GLN D 193 -10.15 24.83 -50.74
C GLN D 193 -9.79 25.90 -49.68
N SER D 194 -9.90 25.53 -48.39
CA SER D 194 -10.10 26.46 -47.30
C SER D 194 -8.90 27.37 -47.10
N PRO D 195 -9.08 28.55 -46.46
CA PRO D 195 -7.97 29.45 -46.14
C PRO D 195 -7.21 29.12 -44.85
N ILE D 196 -7.94 28.63 -43.82
CA ILE D 196 -7.38 28.14 -42.58
C ILE D 196 -7.25 26.62 -42.64
N ILE D 197 -6.10 26.12 -42.16
CA ILE D 197 -5.90 24.68 -42.06
C ILE D 197 -5.30 24.34 -40.70
N LEU D 198 -5.98 23.43 -39.99
CA LEU D 198 -5.51 22.85 -38.75
C LEU D 198 -4.75 21.56 -39.04
N LEU D 199 -3.51 21.52 -38.58
CA LEU D 199 -2.67 20.37 -38.79
C LEU D 199 -2.36 19.72 -37.44
N TYR D 200 -2.65 18.42 -37.33
CA TYR D 200 -2.30 17.60 -36.18
C TYR D 200 -1.38 16.46 -36.64
N CYS D 201 -0.13 16.52 -36.21
CA CYS D 201 0.86 15.51 -36.54
C CYS D 201 2.10 15.81 -35.73
N THR D 202 3.21 15.10 -36.02
CA THR D 202 4.47 15.32 -35.32
C THR D 202 5.27 16.31 -36.15
N LYS D 203 6.32 16.89 -35.55
CA LYS D 203 7.21 17.82 -36.22
C LYS D 203 7.82 17.21 -37.49
N GLU D 204 8.24 15.94 -37.41
CA GLU D 204 8.96 15.31 -38.51
C GLU D 204 7.99 15.03 -39.64
N GLU D 205 6.76 14.63 -39.26
CA GLU D 205 5.67 14.45 -40.20
C GLU D 205 5.39 15.79 -40.87
N ALA D 206 5.24 16.84 -40.07
CA ALA D 206 4.89 18.16 -40.57
C ALA D 206 5.91 18.64 -41.61
N THR D 207 7.20 18.35 -41.40
CA THR D 207 8.24 18.74 -42.34
C THR D 207 7.89 18.18 -43.71
N TYR D 208 7.56 16.89 -43.78
CA TYR D 208 7.27 16.27 -45.07
C TYR D 208 5.99 16.85 -45.67
N ILE D 209 4.95 17.03 -44.87
CA ILE D 209 3.68 17.53 -45.37
C ILE D 209 3.83 18.94 -45.94
N PHE D 210 4.76 19.73 -45.40
CA PHE D 210 4.89 21.10 -45.88
C PHE D 210 5.59 21.12 -47.23
N GLU D 211 6.66 20.32 -47.41
CA GLU D 211 7.26 20.05 -48.72
C GLU D 211 6.19 19.79 -49.78
N VAL D 212 5.22 18.93 -49.49
CA VAL D 212 4.16 18.57 -50.42
C VAL D 212 3.16 19.70 -50.58
N ALA D 213 2.76 20.38 -49.50
CA ALA D 213 1.79 21.48 -49.59
C ALA D 213 2.41 22.73 -50.23
N ASN D 214 3.73 22.89 -50.07
CA ASN D 214 4.40 24.01 -50.68
C ASN D 214 4.47 23.78 -52.19
N SER D 215 4.73 22.53 -52.58
CA SER D 215 4.88 22.18 -53.99
C SER D 215 3.53 22.20 -54.73
N VAL D 216 2.40 22.35 -54.02
CA VAL D 216 1.12 22.47 -54.69
C VAL D 216 0.45 23.79 -54.25
N GLY D 217 1.31 24.76 -53.92
CA GLY D 217 0.95 26.13 -53.59
C GLY D 217 -0.18 26.24 -52.57
N LEU D 218 0.00 25.59 -51.42
CA LEU D 218 -0.91 25.75 -50.29
C LEU D 218 -0.20 26.44 -49.13
N THR D 219 1.05 26.90 -49.30
CA THR D 219 1.74 27.54 -48.19
C THR D 219 2.03 28.99 -48.55
N GLY D 220 1.05 29.63 -49.18
CA GLY D 220 1.21 30.98 -49.71
C GLY D 220 0.64 32.02 -48.76
N TYR D 221 0.42 33.22 -49.32
CA TYR D 221 -0.56 34.12 -48.76
C TYR D 221 -1.92 33.46 -48.92
N GLY D 222 -2.83 33.78 -47.99
CA GLY D 222 -4.23 33.42 -48.12
C GLY D 222 -4.54 31.98 -47.73
N TYR D 223 -3.48 31.23 -47.40
CA TYR D 223 -3.55 30.03 -46.59
C TYR D 223 -2.81 30.28 -45.29
N THR D 224 -3.50 30.04 -44.17
CA THR D 224 -2.87 30.06 -42.86
C THR D 224 -2.99 28.68 -42.21
N TRP D 225 -1.84 28.19 -41.72
CA TRP D 225 -1.71 26.90 -41.04
C TRP D 225 -1.57 27.10 -39.54
N ILE D 226 -2.37 26.34 -38.77
CA ILE D 226 -2.26 26.30 -37.33
C ILE D 226 -1.89 24.90 -36.89
N VAL D 227 -0.78 24.79 -36.14
CA VAL D 227 -0.27 23.53 -35.62
C VAL D 227 -0.22 23.59 -34.10
N PRO D 228 -0.26 22.42 -33.42
CA PRO D 228 -0.07 22.36 -31.98
C PRO D 228 1.41 22.32 -31.59
N SER D 229 1.62 22.61 -30.30
CA SER D 229 2.89 22.68 -29.60
C SER D 229 3.94 21.67 -30.09
N LEU D 230 3.58 20.41 -30.33
CA LEU D 230 4.61 19.41 -30.62
C LEU D 230 5.26 19.61 -32.00
N VAL D 231 4.56 20.31 -32.92
CA VAL D 231 5.09 20.52 -34.25
C VAL D 231 6.10 21.67 -34.19
N ALA D 232 5.66 22.81 -33.67
CA ALA D 232 6.62 23.85 -33.32
C ALA D 232 7.83 23.19 -32.65
N GLY D 233 7.55 22.49 -31.53
CA GLY D 233 8.54 21.78 -30.73
C GLY D 233 9.55 22.74 -30.13
N ASP D 234 10.84 22.42 -30.33
CA ASP D 234 11.93 23.32 -29.98
C ASP D 234 11.94 24.45 -31.02
N THR D 235 11.67 25.67 -30.52
CA THR D 235 11.56 26.86 -31.35
C THR D 235 12.92 27.32 -31.89
N ASP D 236 14.02 26.89 -31.27
CA ASP D 236 15.34 27.21 -31.80
C ASP D 236 15.68 26.21 -32.89
N THR D 237 14.75 25.30 -33.25
CA THR D 237 14.92 24.51 -34.48
C THR D 237 13.72 24.70 -35.39
N VAL D 238 13.96 25.39 -36.52
CA VAL D 238 12.89 25.70 -37.46
C VAL D 238 13.24 25.06 -38.79
N PRO D 239 12.54 23.99 -39.23
CA PRO D 239 12.80 23.39 -40.53
C PRO D 239 12.52 24.41 -41.64
N SER D 240 13.40 24.46 -42.64
CA SER D 240 13.20 25.39 -43.74
C SER D 240 11.86 25.14 -44.45
N GLU D 241 11.33 23.90 -44.32
CA GLU D 241 10.07 23.52 -44.93
C GLU D 241 8.89 24.23 -44.27
N PHE D 242 9.06 24.71 -43.03
CA PHE D 242 7.93 25.34 -42.35
C PHE D 242 7.60 26.61 -43.11
N PRO D 243 6.31 26.86 -43.45
CA PRO D 243 5.91 28.15 -44.01
C PRO D 243 5.98 29.31 -43.00
N THR D 244 6.50 30.45 -43.47
CA THR D 244 6.30 31.72 -42.80
C THR D 244 4.79 31.99 -42.71
N GLY D 245 4.31 32.41 -41.54
CA GLY D 245 2.88 32.64 -41.33
C GLY D 245 2.27 31.54 -40.45
N LEU D 246 3.07 30.50 -40.21
CA LEU D 246 2.68 29.38 -39.37
C LEU D 246 2.40 29.86 -37.95
N ILE D 247 1.27 29.41 -37.42
CA ILE D 247 0.88 29.70 -36.06
C ILE D 247 0.96 28.41 -35.25
N SER D 248 1.65 28.44 -34.10
CA SER D 248 1.58 27.34 -33.15
C SER D 248 1.10 27.85 -31.81
N VAL D 249 0.72 26.91 -30.93
CA VAL D 249 0.58 27.13 -29.50
C VAL D 249 1.83 26.55 -28.84
N SER D 250 2.45 27.27 -27.90
CA SER D 250 3.68 26.74 -27.32
C SER D 250 3.58 26.70 -25.81
N TYR D 251 3.95 25.52 -25.29
CA TYR D 251 4.46 25.35 -23.95
C TYR D 251 5.90 24.82 -24.09
N ASP D 252 6.69 25.52 -24.92
CA ASP D 252 8.14 25.48 -24.86
C ASP D 252 8.54 26.40 -23.71
N GLU D 253 9.85 26.46 -23.43
CA GLU D 253 10.40 27.14 -22.27
C GLU D 253 10.25 28.67 -22.38
N TRP D 254 9.04 29.20 -22.12
CA TRP D 254 8.82 30.62 -22.36
C TRP D 254 9.03 31.41 -21.06
N ASP D 255 7.96 31.57 -20.28
CA ASP D 255 8.05 32.19 -18.97
C ASP D 255 8.61 31.19 -17.96
N TYR D 256 8.05 29.97 -18.01
CA TYR D 256 8.21 28.97 -16.98
C TYR D 256 9.36 28.03 -17.35
N GLY D 257 10.56 28.32 -16.82
CA GLY D 257 11.80 27.76 -17.33
C GLY D 257 12.14 26.41 -16.71
N LEU D 258 13.20 25.76 -17.22
CA LEU D 258 13.55 24.41 -16.80
C LEU D 258 13.73 24.37 -15.28
N PRO D 259 14.63 25.15 -14.65
CA PRO D 259 14.82 25.13 -13.18
C PRO D 259 13.57 25.30 -12.32
N ALA D 260 12.65 26.18 -12.73
CA ALA D 260 11.36 26.31 -12.05
C ALA D 260 10.54 25.04 -12.25
N ARG D 261 10.68 24.37 -13.40
CA ARG D 261 9.93 23.15 -13.70
C ARG D 261 10.45 21.99 -12.86
N VAL D 262 11.77 21.75 -12.95
CA VAL D 262 12.42 20.68 -12.20
C VAL D 262 12.04 20.79 -10.71
N ARG D 263 12.13 22.01 -10.17
CA ARG D 263 11.73 22.28 -8.79
C ARG D 263 10.31 21.73 -8.59
N ASP D 264 9.31 22.30 -9.31
CA ASP D 264 7.90 21.92 -9.17
C ASP D 264 7.70 20.40 -9.36
N GLY D 265 8.56 19.77 -10.17
CA GLY D 265 8.58 18.32 -10.28
C GLY D 265 8.77 17.64 -8.92
N ILE D 266 9.91 17.95 -8.29
CA ILE D 266 10.29 17.38 -7.01
C ILE D 266 9.22 17.68 -5.96
N ALA D 267 8.69 18.91 -6.00
CA ALA D 267 7.63 19.36 -5.12
C ALA D 267 6.38 18.50 -5.21
N ILE D 268 6.04 18.05 -6.43
CA ILE D 268 4.78 17.36 -6.69
C ILE D 268 4.89 15.92 -6.20
N ILE D 269 6.05 15.30 -6.40
CA ILE D 269 6.28 13.93 -5.95
C ILE D 269 6.25 13.86 -4.42
N THR D 270 7.08 14.66 -3.74
CA THR D 270 7.21 14.64 -2.29
C THR D 270 5.90 15.01 -1.58
N THR D 271 5.20 16.10 -1.98
CA THR D 271 3.93 16.42 -1.33
C THR D 271 2.93 15.31 -1.53
N ALA D 272 3.05 14.58 -2.66
CA ALA D 272 2.14 13.48 -2.95
C ALA D 272 2.43 12.35 -1.99
N ALA D 273 3.73 12.05 -1.81
CA ALA D 273 4.19 10.97 -0.95
C ALA D 273 3.85 11.29 0.50
N SER D 274 4.29 12.48 0.97
CA SER D 274 3.85 13.07 2.23
C SER D 274 2.37 12.78 2.50
N ASP D 275 1.47 13.08 1.55
CA ASP D 275 0.04 13.05 1.82
C ASP D 275 -0.50 11.63 1.84
N MET D 276 0.28 10.69 1.28
CA MET D 276 -0.08 9.28 1.31
C MET D 276 0.43 8.64 2.61
N LEU D 277 1.61 9.09 3.06
CA LEU D 277 2.18 8.73 4.35
C LEU D 277 1.30 9.26 5.50
N SER D 278 0.90 10.54 5.39
CA SER D 278 0.05 11.22 6.36
C SER D 278 -1.36 10.64 6.44
N GLU D 279 -1.78 9.82 5.48
CA GLU D 279 -3.14 9.34 5.56
C GLU D 279 -3.22 7.81 5.64
N HIS D 280 -2.17 7.08 5.21
CA HIS D 280 -2.19 5.62 5.22
C HIS D 280 -0.99 5.05 5.98
N SER D 281 -0.07 5.91 6.45
CA SER D 281 1.07 5.52 7.27
C SER D 281 2.04 4.60 6.50
N PHE D 282 1.99 4.70 5.17
CA PHE D 282 2.93 4.03 4.30
C PHE D 282 2.96 4.64 2.90
N ILE D 283 4.04 4.33 2.20
CA ILE D 283 4.22 4.67 0.79
C ILE D 283 4.68 3.44 0.02
N PRO D 284 4.46 3.40 -1.31
CA PRO D 284 4.94 2.29 -2.13
C PRO D 284 6.45 2.12 -2.01
N GLU D 285 6.86 0.92 -1.64
CA GLU D 285 8.28 0.64 -1.61
C GLU D 285 8.79 0.69 -3.04
N PRO D 286 9.83 1.48 -3.34
CA PRO D 286 10.38 1.57 -4.70
C PRO D 286 10.74 0.19 -5.23
N LYS D 287 10.22 -0.14 -6.42
CA LYS D 287 10.53 -1.39 -7.12
C LYS D 287 12.05 -1.51 -7.20
N SER D 288 12.62 -2.46 -6.44
CA SER D 288 14.04 -2.73 -6.47
C SER D 288 14.48 -2.99 -7.91
N SER D 289 13.53 -3.47 -8.74
CA SER D 289 13.85 -3.93 -10.08
C SER D 289 12.72 -3.62 -11.07
N CYS D 290 13.15 -3.51 -12.33
CA CYS D 290 12.29 -3.60 -13.49
C CYS D 290 12.53 -4.96 -14.15
N TYR D 291 13.74 -5.50 -13.96
CA TYR D 291 14.15 -6.80 -14.50
C TYR D 291 13.64 -7.95 -13.61
N ASN D 292 12.40 -7.85 -13.08
CA ASN D 292 11.70 -8.97 -12.45
C ASN D 292 10.43 -8.44 -11.78
N THR D 293 9.46 -8.03 -12.63
CA THR D 293 8.25 -7.33 -12.19
C THR D 293 6.98 -8.12 -12.58
N HIS D 294 7.16 -9.42 -12.86
CA HIS D 294 6.06 -10.37 -13.06
C HIS D 294 5.54 -10.90 -11.71
N GLU D 295 6.46 -11.05 -10.74
CA GLU D 295 6.13 -11.41 -9.36
C GLU D 295 5.62 -10.19 -8.61
N LYS D 296 6.46 -9.15 -8.55
CA LYS D 296 6.32 -8.04 -7.63
C LYS D 296 5.16 -7.12 -8.02
N ARG D 297 4.04 -7.65 -8.55
CA ARG D 297 3.02 -6.82 -9.20
C ARG D 297 1.69 -6.87 -8.45
N ILE D 298 1.36 -8.05 -7.89
CA ILE D 298 0.27 -8.18 -6.93
C ILE D 298 0.60 -7.46 -5.61
N TYR D 299 1.85 -7.00 -5.46
CA TYR D 299 2.31 -6.27 -4.30
C TYR D 299 2.40 -4.77 -4.61
N GLN D 300 2.45 -4.42 -5.90
CA GLN D 300 2.56 -3.04 -6.35
C GLN D 300 1.19 -2.56 -6.87
N SER D 301 0.99 -1.24 -6.77
CA SER D 301 -0.15 -0.56 -7.35
C SER D 301 0.23 0.86 -7.76
N ASN D 302 -0.77 1.57 -8.30
CA ASN D 302 -0.65 2.99 -8.61
C ASN D 302 -1.53 3.79 -7.64
N MET D 303 -1.33 3.55 -6.35
CA MET D 303 -2.17 4.17 -5.34
C MET D 303 -1.74 5.62 -5.21
N LEU D 304 -0.48 5.86 -5.57
CA LEU D 304 0.09 7.18 -5.37
C LEU D 304 -0.50 8.18 -6.35
N ASN D 305 -1.18 7.69 -7.40
CA ASN D 305 -1.65 8.56 -8.48
C ASN D 305 -2.76 9.49 -8.02
N ARG D 306 -3.55 9.09 -7.04
CA ARG D 306 -4.64 9.94 -6.59
C ARG D 306 -4.07 11.20 -5.94
N TYR D 307 -2.81 11.12 -5.45
CA TYR D 307 -2.16 12.21 -4.72
C TYR D 307 -1.33 13.09 -5.65
N LEU D 308 -0.64 12.47 -6.62
CA LEU D 308 0.14 13.21 -7.61
C LEU D 308 -0.75 14.20 -8.38
N ILE D 309 -2.05 13.90 -8.58
CA ILE D 309 -2.88 14.77 -9.40
C ILE D 309 -3.38 15.99 -8.61
N ASN D 310 -3.42 15.90 -7.27
CA ASN D 310 -4.18 16.86 -6.46
C ASN D 310 -3.24 17.69 -5.59
N VAL D 311 -2.23 18.34 -6.19
CA VAL D 311 -1.17 19.01 -5.45
C VAL D 311 -1.27 20.53 -5.61
N THR D 312 -0.85 21.26 -4.57
CA THR D 312 -0.55 22.69 -4.56
C THR D 312 0.68 22.90 -3.66
N PHE D 313 1.76 23.52 -4.17
CA PHE D 313 2.98 23.66 -3.37
C PHE D 313 3.38 25.12 -3.17
N GLU D 314 3.81 25.43 -1.93
CA GLU D 314 4.05 26.79 -1.47
C GLU D 314 3.13 27.74 -2.24
N GLY D 315 1.84 27.39 -2.28
CA GLY D 315 0.77 28.28 -2.70
C GLY D 315 0.66 28.53 -4.21
N ARG D 316 1.02 27.54 -5.04
CA ARG D 316 0.53 27.50 -6.42
C ARG D 316 -0.10 26.12 -6.65
N ASP D 317 -1.09 26.07 -7.54
CA ASP D 317 -1.76 24.83 -7.96
C ASP D 317 -0.91 24.19 -9.06
N LEU D 318 -0.32 23.02 -8.76
CA LEU D 318 0.38 22.26 -9.78
C LEU D 318 -0.46 20.99 -10.09
N SER D 319 -1.79 21.20 -10.23
CA SER D 319 -2.74 20.13 -10.53
C SER D 319 -2.29 19.42 -11.81
N PHE D 320 -2.72 18.17 -11.95
CA PHE D 320 -2.71 17.49 -13.23
C PHE D 320 -4.14 17.13 -13.62
N SER D 321 -4.32 16.73 -14.88
CA SER D 321 -5.59 16.27 -15.39
C SER D 321 -5.74 14.78 -15.08
N GLU D 322 -6.91 14.20 -15.35
CA GLU D 322 -7.10 12.76 -15.17
C GLU D 322 -6.40 12.03 -16.32
N ASP D 323 -6.08 12.76 -17.40
CA ASP D 323 -5.36 12.20 -18.53
C ASP D 323 -3.88 12.60 -18.51
N GLY D 324 -3.41 13.21 -17.42
CA GLY D 324 -1.98 13.31 -17.16
C GLY D 324 -1.32 14.52 -17.81
N TYR D 325 -2.07 15.62 -17.86
CA TYR D 325 -1.61 16.88 -18.44
C TYR D 325 -1.84 17.98 -17.41
N GLN D 326 -0.96 18.97 -17.34
CA GLN D 326 -1.14 20.15 -16.50
C GLN D 326 -2.52 20.75 -16.73
N MET D 327 -3.19 21.16 -15.66
CA MET D 327 -4.62 21.44 -15.73
C MET D 327 -4.87 22.80 -16.37
N HIS D 328 -4.09 23.81 -15.96
CA HIS D 328 -4.28 25.19 -16.39
C HIS D 328 -2.93 25.79 -16.71
N PRO D 329 -2.38 25.55 -17.93
CA PRO D 329 -1.09 26.11 -18.33
C PRO D 329 -1.33 27.49 -18.95
N LYS D 330 -0.35 28.38 -18.76
CA LYS D 330 -0.27 29.64 -19.49
C LYS D 330 0.36 29.33 -20.85
N LEU D 331 -0.45 29.48 -21.90
CA LEU D 331 -0.06 29.18 -23.27
C LEU D 331 0.31 30.46 -24.01
N VAL D 332 1.42 30.35 -24.76
CA VAL D 332 1.91 31.37 -25.67
C VAL D 332 1.48 31.03 -27.09
N ILE D 333 0.87 31.99 -27.79
CA ILE D 333 0.57 31.87 -29.21
C ILE D 333 1.74 32.45 -29.97
N ILE D 334 2.17 31.78 -31.04
CA ILE D 334 3.41 32.16 -31.68
C ILE D 334 3.23 32.11 -33.19
N LEU D 335 4.17 32.76 -33.89
CA LEU D 335 4.11 32.98 -35.31
C LEU D 335 5.51 32.83 -35.87
N LEU D 336 5.62 32.16 -37.01
CA LEU D 336 6.89 32.06 -37.71
C LEU D 336 6.97 33.20 -38.71
N ASN D 337 7.88 34.15 -38.45
CA ASN D 337 7.84 35.44 -39.13
C ASN D 337 8.75 35.39 -40.37
N LYS D 338 8.82 36.54 -41.08
CA LYS D 338 9.60 36.70 -42.31
C LYS D 338 11.09 36.42 -42.03
N GLU D 339 11.54 36.79 -40.82
CA GLU D 339 12.92 36.56 -40.39
C GLU D 339 13.20 35.08 -40.08
N ARG D 340 12.19 34.17 -40.13
CA ARG D 340 12.31 32.76 -39.75
C ARG D 340 12.57 32.58 -38.24
N LYS D 341 11.86 33.38 -37.43
CA LYS D 341 12.01 33.38 -35.97
C LYS D 341 10.63 33.14 -35.38
N TRP D 342 10.57 32.37 -34.29
CA TRP D 342 9.30 32.15 -33.63
C TRP D 342 9.03 33.31 -32.67
N GLU D 343 7.87 33.95 -32.83
CA GLU D 343 7.65 35.28 -32.28
C GLU D 343 6.33 35.29 -31.53
N ARG D 344 6.30 35.84 -30.30
CA ARG D 344 5.05 35.88 -29.54
C ARG D 344 4.06 36.82 -30.19
N VAL D 345 2.77 36.48 -30.04
CA VAL D 345 1.67 37.22 -30.64
C VAL D 345 0.43 37.15 -29.75
N GLY D 346 0.52 36.38 -28.66
CA GLY D 346 -0.67 36.08 -27.87
C GLY D 346 -0.34 35.30 -26.59
N LYS D 347 -1.30 35.31 -25.67
CA LYS D 347 -1.27 34.51 -24.44
C LYS D 347 -2.70 34.02 -24.21
N TRP D 348 -2.78 32.76 -23.78
CA TRP D 348 -3.99 32.16 -23.26
C TRP D 348 -3.82 31.96 -21.76
N LYS D 349 -4.52 32.79 -20.98
CA LYS D 349 -4.43 32.76 -19.52
C LYS D 349 -5.83 33.06 -18.99
N ASP D 350 -6.14 32.49 -17.81
CA ASP D 350 -7.46 32.58 -17.18
C ASP D 350 -8.53 32.29 -18.24
N LYS D 351 -8.30 31.21 -19.02
CA LYS D 351 -9.17 30.69 -20.07
C LYS D 351 -9.74 31.78 -20.99
N SER D 352 -9.01 32.90 -21.17
CA SER D 352 -9.35 33.93 -22.15
C SER D 352 -8.13 34.21 -23.00
N LEU D 353 -8.36 34.63 -24.26
CA LEU D 353 -7.30 34.82 -25.24
C LEU D 353 -6.88 36.30 -25.28
N GLN D 354 -5.57 36.58 -25.20
CA GLN D 354 -5.12 37.96 -25.31
C GLN D 354 -4.19 38.06 -26.52
N MET D 355 -4.70 38.57 -27.65
CA MET D 355 -3.93 38.58 -28.89
C MET D 355 -3.29 39.96 -29.11
N LYS D 356 -2.01 39.98 -29.49
CA LYS D 356 -1.30 41.23 -29.75
C LYS D 356 -1.99 42.06 -30.85
N TYR D 357 -2.17 41.51 -32.06
CA TYR D 357 -2.72 42.22 -33.21
C TYR D 357 -4.24 42.21 -33.21
N TYR D 358 -4.87 43.27 -33.74
CA TYR D 358 -6.30 43.34 -33.98
C TYR D 358 -6.61 42.99 -35.45
N VAL D 359 -5.71 43.36 -36.37
CA VAL D 359 -5.77 42.90 -37.75
C VAL D 359 -4.56 41.99 -38.00
N TRP D 360 -4.86 40.81 -38.52
CA TRP D 360 -3.84 39.78 -38.65
C TRP D 360 -2.82 40.19 -39.70
N PRO D 361 -1.54 40.46 -39.36
CA PRO D 361 -0.52 40.88 -40.32
C PRO D 361 -0.20 39.88 -41.43
N ARG D 362 0.46 40.35 -42.50
CA ARG D 362 0.54 39.62 -43.76
C ARG D 362 1.89 38.90 -43.90
N MET D 363 1.78 37.55 -44.08
CA MET D 363 2.87 36.61 -44.21
C MET D 363 2.28 35.20 -44.45
#